data_9KB9
#
_entry.id   9KB9
#
_cell.length_a   1.00
_cell.length_b   1.00
_cell.length_c   1.00
_cell.angle_alpha   90.00
_cell.angle_beta   90.00
_cell.angle_gamma   90.00
#
_symmetry.space_group_name_H-M   'P 1'
#
loop_
_entity.id
_entity.type
_entity.pdbx_description
1 polymer 'Leucine-rich repeat-containing G-protein coupled receptor 4'
2 polymer 'E3 ubiquitin-protein ligase ZNRF3'
3 polymer R-spondin-2
4 non-polymer 2-acetamido-2-deoxy-beta-D-glucopyranose
#
loop_
_entity_poly.entity_id
_entity_poly.type
_entity_poly.pdbx_seq_one_letter_code
_entity_poly.pdbx_strand_id
1 'polypeptide(L)'
;MPGPLGLLCFLALGLLGSAGPSGAAPPLCAAPCSCDGDRRVDCSGKGLTAVPEGLSAFTQALDISMNNITQLPEDAFKNF
PFLEELQLAGNDLSFIHPKALSGLKELKVLTLQNNQLKTVPSEAIRGLSALQSLRLDANHITSVPEDSFEGLVQLRHLWL
DDNSLTEVPVHPLSNLPTLQALTLALNKISSIPDFAFTNLSSLVVLHLHNNKIRSLSQHCFDGLDNLETLDLNYNNLGEF
PQAIKALPSLKELGFHSNSISVIPDGAFDGNPLLRTIHLYDNPLSFVGNSAFHNLSDLHSLVIRGASMVQQFPNLTGTVH
LESLTLTGTKISSIPNNLCQEQKMLRTLDLSYNNIRDLPSFNGCHALEEISLQRNQIYQIKEGTFQGLISLRILDLSRNL
IHEIHSRAFATLGPITNLDVSFNELTSFPTEGLNGLNQLKLVGNFKLKEALAAKDFVNLRSLSVPYAYQCCAFWGCDSYA
NLNTEDNSLQDHSVAQEKGTADAANVTSTLENEEHSQIIIHCTPSTGAFKPCEYLLGSWMIRLTVWFIFLVALFFNLLVI
LTTFASCTSLPSSKLFIGLISVSNLFMGIYTGILTFLDAVSWGRFAEFGIWWETGSGCKVAGFLAVFSSESAIFLLMLAT
VERSLSAKDIMKNGKSNHLKQFRVAALLAFLGATVAGCFPLFHRGEYSASPLCLPFPTGETPSLGFTVTLVLLNSLAFLL
MAVIYTKLYCNLEKEDLSENSQSSMIKHVAWLIFTNCIFFCPVAFFSFAPLITAISISPEIMKSVTLIFFPLPACLNPVL
YVFFNPKFKEDWKLLKRRVTKKENLYFQGDYKDDDDKHHHHHHHH
;
A,D
2 'polypeptide(L)'
;METGLRWLLLVAVLKGVQCKETAFVEVVLFESSPSGDYTTYTTGLTGRFSRAGATLSAEGEIVQMHPLGLCNNNDEEDLY
EYGWVGVVKLEQPELDPKPCLTVLGKAKRAVQRGATAVIFDVSENPEAIDQLNQGSEDPLKRPVVYVKGADAIKLMNIVN
KQKVARARIQHRPPRQPTEYFDMGIFLAFFVVVSLVCLILLVKIKLKQRRSQNSMNRLAVQALEKMETRKF
;
C,E
3 'polypeptide(L)'
;MQFRLFSFALIILNCMDYSHCQGNRWRRSKRASYVSNPICKGCLSCSKDNGCSRCQQKLFFFLRREGMRQYGECLHSCPS
GYYGHRAPDMNRCARCRIENCDSCFSKDFCTKCKVGFYLHRGRCFDECPDGFAPLEETMECVEENLYFQGHHHHHHHHHH
;
B,F
#
loop_
_chem_comp.id
_chem_comp.type
_chem_comp.name
_chem_comp.formula
NAG D-saccharide, beta linking 2-acetamido-2-deoxy-beta-D-glucopyranose 'C8 H15 N O6'
#
# COMPACT_ATOMS: atom_id res chain seq x y z
N CYS A 29 -46.78 29.52 22.54
CA CYS A 29 -45.88 28.41 22.84
C CYS A 29 -45.40 28.46 24.28
N ALA A 30 -46.14 27.79 25.16
CA ALA A 30 -45.79 27.79 26.57
C ALA A 30 -44.59 26.90 26.85
N ALA A 31 -43.72 27.34 27.75
CA ALA A 31 -42.61 26.53 28.20
C ALA A 31 -43.13 25.35 29.02
N PRO A 32 -42.40 24.23 29.05
CA PRO A 32 -41.11 23.96 28.39
C PRO A 32 -41.30 23.43 26.98
N CYS A 33 -42.53 23.42 26.49
CA CYS A 33 -42.81 22.86 25.18
C CYS A 33 -42.21 23.72 24.08
N SER A 34 -41.59 23.06 23.10
CA SER A 34 -41.03 23.72 21.93
C SER A 34 -41.95 23.48 20.74
N CYS A 35 -42.42 24.55 20.13
CA CYS A 35 -43.41 24.50 19.07
C CYS A 35 -42.76 24.88 17.73
N ASP A 36 -43.60 24.97 16.71
CA ASP A 36 -43.15 25.40 15.39
C ASP A 36 -44.32 26.08 14.67
N GLY A 37 -44.12 26.41 13.41
CA GLY A 37 -45.14 27.08 12.63
C GLY A 37 -46.22 26.19 12.07
N ASP A 38 -46.14 24.88 12.31
CA ASP A 38 -47.11 23.92 11.79
C ASP A 38 -48.02 23.37 12.88
N ARG A 39 -48.17 24.10 13.99
CA ARG A 39 -48.97 23.65 15.13
C ARG A 39 -48.49 22.32 15.68
N ARG A 40 -47.19 22.06 15.56
CA ARG A 40 -46.57 20.85 16.06
C ARG A 40 -45.77 21.20 17.30
N VAL A 41 -46.08 20.55 18.42
CA VAL A 41 -45.53 20.89 19.72
C VAL A 41 -44.83 19.65 20.27
N ASP A 42 -43.58 19.82 20.69
CA ASP A 42 -42.80 18.76 21.30
C ASP A 42 -42.47 19.14 22.73
N CYS A 43 -42.77 18.23 23.66
CA CYS A 43 -42.45 18.42 25.07
C CYS A 43 -41.79 17.16 25.61
N SER A 44 -40.96 16.52 24.80
CA SER A 44 -40.38 15.24 25.17
C SER A 44 -39.39 15.41 26.32
N GLY A 45 -39.48 14.51 27.29
CA GLY A 45 -38.52 14.46 28.38
C GLY A 45 -38.45 15.71 29.21
N LYS A 46 -39.59 16.36 29.45
CA LYS A 46 -39.63 17.55 30.27
C LYS A 46 -39.96 17.27 31.73
N GLY A 47 -40.12 16.00 32.10
CA GLY A 47 -40.41 15.66 33.47
C GLY A 47 -41.76 16.09 33.96
N LEU A 48 -42.69 16.42 33.06
CA LEU A 48 -44.01 16.83 33.46
C LEU A 48 -44.76 15.69 34.13
N THR A 49 -45.44 15.98 35.23
CA THR A 49 -46.26 15.00 35.92
C THR A 49 -47.73 15.08 35.53
N ALA A 50 -48.07 15.97 34.61
CA ALA A 50 -49.44 16.09 34.13
C ALA A 50 -49.41 16.78 32.77
N VAL A 51 -50.57 16.84 32.14
CA VAL A 51 -50.64 17.44 30.81
C VAL A 51 -50.28 18.92 30.91
N PRO A 52 -49.35 19.41 30.11
CA PRO A 52 -49.03 20.84 30.14
C PRO A 52 -50.19 21.69 29.65
N GLU A 53 -50.27 22.90 30.17
CA GLU A 53 -51.32 23.85 29.82
C GLU A 53 -50.71 25.05 29.11
N GLY A 54 -51.56 26.03 28.82
CA GLY A 54 -51.10 27.23 28.14
C GLY A 54 -50.73 27.02 26.69
N LEU A 55 -51.27 25.98 26.05
CA LEU A 55 -50.96 25.65 24.68
C LEU A 55 -52.14 25.96 23.77
N SER A 56 -51.85 26.40 22.56
CA SER A 56 -52.90 26.76 21.62
C SER A 56 -53.76 25.56 21.27
N ALA A 57 -55.08 25.78 21.21
CA ALA A 57 -55.98 24.72 20.78
C ALA A 57 -55.76 24.32 19.33
N PHE A 58 -55.18 25.21 18.52
CA PHE A 58 -54.91 24.92 17.12
C PHE A 58 -53.84 23.85 16.94
N THR A 59 -53.10 23.51 17.99
CA THR A 59 -52.05 22.51 17.88
C THR A 59 -52.63 21.18 17.46
N GLN A 60 -52.02 20.57 16.43
CA GLN A 60 -52.43 19.27 15.92
C GLN A 60 -51.49 18.15 16.32
N ALA A 61 -50.18 18.41 16.33
CA ALA A 61 -49.19 17.43 16.72
C ALA A 61 -48.71 17.77 18.12
N LEU A 62 -48.80 16.80 19.03
CA LEU A 62 -48.39 16.99 20.42
C LEU A 62 -47.68 15.73 20.88
N ASP A 63 -46.49 15.90 21.46
CA ASP A 63 -45.68 14.79 21.92
C ASP A 63 -45.25 15.04 23.36
N ILE A 64 -45.58 14.09 24.24
CA ILE A 64 -45.15 14.17 25.63
C ILE A 64 -44.36 12.91 25.97
N SER A 65 -43.62 12.40 24.98
CA SER A 65 -42.88 11.16 25.16
C SER A 65 -41.82 11.30 26.23
N MET A 66 -41.47 10.16 26.83
CA MET A 66 -40.40 10.07 27.83
C MET A 66 -40.62 11.05 28.98
N ASN A 67 -41.86 11.19 29.41
CA ASN A 67 -42.21 12.08 30.50
C ASN A 67 -42.66 11.27 31.71
N ASN A 68 -43.13 11.97 32.73
CA ASN A 68 -43.51 11.33 33.99
C ASN A 68 -44.99 11.54 34.27
N ILE A 69 -45.84 11.38 33.26
CA ILE A 69 -47.27 11.51 33.45
C ILE A 69 -47.81 10.19 33.98
N THR A 70 -47.83 10.04 35.31
CA THR A 70 -48.18 8.76 35.90
C THR A 70 -49.62 8.36 35.56
N GLN A 71 -50.54 9.32 35.59
CA GLN A 71 -51.94 9.03 35.37
C GLN A 71 -52.58 10.17 34.59
N LEU A 72 -53.75 9.90 34.03
CA LEU A 72 -54.52 10.88 33.29
C LEU A 72 -55.85 11.14 34.00
N PRO A 73 -56.13 12.34 34.45
CA PRO A 73 -57.41 12.63 35.10
C PRO A 73 -58.52 12.73 34.08
N GLU A 74 -59.72 13.06 34.57
CA GLU A 74 -60.87 13.22 33.70
C GLU A 74 -60.69 14.43 32.79
N ASP A 75 -61.10 14.27 31.54
CA ASP A 75 -61.12 15.33 30.51
C ASP A 75 -59.87 16.20 30.53
N ALA A 76 -58.69 15.59 30.72
CA ALA A 76 -57.46 16.36 30.79
C ALA A 76 -57.09 17.00 29.45
N PHE A 77 -57.75 16.62 28.36
CA PHE A 77 -57.43 17.13 27.02
C PHE A 77 -58.55 17.99 26.45
N LYS A 78 -59.32 18.65 27.31
CA LYS A 78 -60.42 19.48 26.83
C LYS A 78 -59.93 20.68 26.03
N ASN A 79 -58.68 21.09 26.21
CA ASN A 79 -58.18 22.32 25.62
C ASN A 79 -57.65 22.13 24.20
N PHE A 80 -57.70 20.92 23.66
CA PHE A 80 -57.12 20.61 22.36
C PHE A 80 -58.14 19.89 21.50
N PRO A 81 -59.13 20.62 20.97
CA PRO A 81 -60.08 20.00 20.05
C PRO A 81 -59.56 19.82 18.63
N PHE A 82 -58.46 20.49 18.28
CA PHE A 82 -57.87 20.38 16.95
C PHE A 82 -56.65 19.49 16.92
N LEU A 83 -56.64 18.42 17.72
CA LEU A 83 -55.51 17.53 17.82
C LEU A 83 -55.63 16.40 16.81
N GLU A 84 -54.59 16.20 16.03
CA GLU A 84 -54.55 15.15 15.01
C GLU A 84 -53.63 14.00 15.37
N GLU A 85 -52.47 14.28 15.95
CA GLU A 85 -51.50 13.26 16.30
C GLU A 85 -51.02 13.49 17.73
N LEU A 86 -51.16 12.47 18.57
CA LEU A 86 -50.78 12.55 19.98
C LEU A 86 -49.85 11.40 20.29
N GLN A 87 -48.74 11.70 20.96
CA GLN A 87 -47.77 10.68 21.35
C GLN A 87 -47.60 10.67 22.86
N LEU A 88 -47.60 9.48 23.45
CA LEU A 88 -47.38 9.31 24.88
C LEU A 88 -46.37 8.20 25.13
N ALA A 89 -45.39 8.05 24.24
CA ALA A 89 -44.46 6.95 24.35
C ALA A 89 -43.67 7.02 25.64
N GLY A 90 -43.65 5.91 26.38
CA GLY A 90 -42.76 5.79 27.53
C GLY A 90 -42.98 6.83 28.61
N ASN A 91 -44.22 7.14 28.93
CA ASN A 91 -44.53 8.11 29.97
C ASN A 91 -44.91 7.45 31.29
N ASP A 92 -44.78 6.14 31.39
CA ASP A 92 -45.16 5.39 32.59
C ASP A 92 -46.62 5.63 32.96
N LEU A 93 -47.47 5.72 31.93
CA LEU A 93 -48.89 5.88 32.15
C LEU A 93 -49.45 4.62 32.80
N SER A 94 -50.32 4.81 33.79
CA SER A 94 -50.91 3.69 34.51
C SER A 94 -52.41 3.59 34.31
N PHE A 95 -53.16 4.64 34.62
CA PHE A 95 -54.61 4.59 34.61
C PHE A 95 -55.16 5.77 33.83
N ILE A 96 -56.12 5.49 32.95
CA ILE A 96 -56.76 6.51 32.13
C ILE A 96 -58.20 6.67 32.60
N HIS A 97 -58.60 7.91 32.85
CA HIS A 97 -59.97 8.17 33.24
C HIS A 97 -60.92 7.82 32.09
N PRO A 98 -62.11 7.29 32.37
CA PRO A 98 -63.04 6.95 31.28
C PRO A 98 -63.33 8.11 30.36
N LYS A 99 -63.42 9.33 30.88
CA LYS A 99 -63.66 10.51 30.06
C LYS A 99 -62.40 11.32 29.84
N ALA A 100 -61.23 10.70 29.97
CA ALA A 100 -59.98 11.45 29.90
C ALA A 100 -59.79 12.10 28.54
N LEU A 101 -60.10 11.37 27.46
CA LEU A 101 -59.87 11.85 26.11
C LEU A 101 -61.18 12.12 25.38
N SER A 102 -62.16 12.64 26.10
CA SER A 102 -63.46 12.91 25.49
C SER A 102 -63.34 14.05 24.48
N GLY A 103 -64.12 13.95 23.41
CA GLY A 103 -64.18 15.03 22.44
C GLY A 103 -62.98 15.19 21.56
N LEU A 104 -62.19 14.13 21.38
CA LEU A 104 -61.04 14.19 20.48
C LEU A 104 -61.41 13.65 19.10
N LYS A 105 -62.44 14.27 18.51
CA LYS A 105 -62.98 13.78 17.26
C LYS A 105 -62.01 13.89 16.10
N GLU A 106 -61.02 14.79 16.19
CA GLU A 106 -60.07 15.00 15.11
C GLU A 106 -58.84 14.12 15.23
N LEU A 107 -58.82 13.20 16.19
CA LEU A 107 -57.64 12.38 16.43
C LEU A 107 -57.45 11.38 15.31
N LYS A 108 -56.21 11.28 14.81
CA LYS A 108 -55.84 10.37 13.75
C LYS A 108 -54.81 9.34 14.18
N VAL A 109 -53.83 9.73 14.98
CA VAL A 109 -52.78 8.83 15.45
C VAL A 109 -52.66 8.96 16.95
N LEU A 110 -52.71 7.83 17.65
CA LEU A 110 -52.55 7.81 19.09
C LEU A 110 -51.58 6.71 19.45
N THR A 111 -50.51 7.05 20.16
CA THR A 111 -49.48 6.09 20.55
C THR A 111 -49.40 6.05 22.07
N LEU A 112 -49.46 4.85 22.63
CA LEU A 112 -49.35 4.66 24.07
C LEU A 112 -48.32 3.61 24.41
N GLN A 113 -47.32 3.42 23.56
CA GLN A 113 -46.41 2.31 23.73
C GLN A 113 -45.53 2.50 24.95
N ASN A 114 -45.13 1.37 25.54
CA ASN A 114 -44.19 1.35 26.66
C ASN A 114 -44.73 2.14 27.87
N ASN A 115 -45.82 1.63 28.42
CA ASN A 115 -46.38 2.20 29.64
C ASN A 115 -46.83 1.06 30.53
N GLN A 116 -47.61 1.38 31.56
CA GLN A 116 -47.99 0.42 32.57
C GLN A 116 -49.44 -0.05 32.42
N LEU A 117 -50.02 0.13 31.25
CA LEU A 117 -51.38 -0.34 31.03
C LEU A 117 -51.44 -1.86 31.15
N LYS A 118 -52.45 -2.34 31.87
CA LYS A 118 -52.67 -3.77 32.04
C LYS A 118 -53.84 -4.29 31.22
N THR A 119 -54.93 -3.54 31.14
CA THR A 119 -56.05 -3.87 30.28
C THR A 119 -56.26 -2.73 29.29
N VAL A 120 -56.78 -3.07 28.12
CA VAL A 120 -56.98 -2.05 27.08
C VAL A 120 -57.99 -1.03 27.57
N PRO A 121 -57.74 0.27 27.43
CA PRO A 121 -58.69 1.27 27.89
C PRO A 121 -59.90 1.39 26.97
N SER A 122 -60.84 0.45 27.08
CA SER A 122 -61.99 0.44 26.18
C SER A 122 -62.84 1.69 26.35
N GLU A 123 -63.09 2.10 27.60
CA GLU A 123 -63.94 3.26 27.83
C GLU A 123 -63.28 4.54 27.33
N ALA A 124 -61.96 4.62 27.41
CA ALA A 124 -61.28 5.84 27.01
C ALA A 124 -61.41 6.09 25.52
N ILE A 125 -61.29 5.04 24.71
CA ILE A 125 -61.19 5.18 23.27
C ILE A 125 -62.52 4.90 22.58
N ARG A 126 -63.63 4.94 23.32
CA ARG A 126 -64.92 4.60 22.72
C ARG A 126 -65.31 5.58 21.62
N GLY A 127 -65.09 6.87 21.85
CA GLY A 127 -65.55 7.90 20.94
C GLY A 127 -64.60 8.35 19.87
N LEU A 128 -63.46 7.69 19.71
CA LEU A 128 -62.45 8.13 18.73
C LEU A 128 -62.81 7.57 17.36
N SER A 129 -63.84 8.17 16.76
CA SER A 129 -64.35 7.67 15.47
C SER A 129 -63.32 7.84 14.37
N ALA A 130 -62.60 8.96 14.35
CA ALA A 130 -61.69 9.27 13.26
C ALA A 130 -60.28 8.72 13.48
N LEU A 131 -60.07 7.97 14.55
CA LEU A 131 -58.76 7.39 14.81
C LEU A 131 -58.34 6.47 13.67
N GLN A 132 -57.13 6.68 13.17
CA GLN A 132 -56.61 5.92 12.05
C GLN A 132 -55.56 4.88 12.46
N SER A 133 -54.53 5.31 13.17
CA SER A 133 -53.45 4.42 13.58
C SER A 133 -53.36 4.43 15.09
N LEU A 134 -53.34 3.24 15.70
CA LEU A 134 -53.29 3.11 17.15
C LEU A 134 -52.12 2.21 17.52
N ARG A 135 -51.23 2.71 18.38
CA ARG A 135 -50.11 1.94 18.88
C ARG A 135 -50.43 1.46 20.28
N LEU A 136 -50.06 0.24 20.60
CA LEU A 136 -50.24 -0.25 21.97
C LEU A 136 -49.09 -1.13 22.42
N ASP A 137 -48.01 -1.23 21.65
CA ASP A 137 -46.96 -2.19 21.94
C ASP A 137 -46.19 -1.81 23.21
N ALA A 138 -45.38 -2.75 23.68
CA ALA A 138 -44.46 -2.63 24.80
C ALA A 138 -45.13 -2.41 26.14
N ASN A 139 -46.45 -2.47 26.22
CA ASN A 139 -47.13 -2.29 27.50
C ASN A 139 -47.17 -3.62 28.23
N HIS A 140 -48.00 -3.71 29.27
CA HIS A 140 -48.16 -4.94 30.02
C HIS A 140 -49.59 -5.43 29.96
N ILE A 141 -50.19 -5.32 28.79
CA ILE A 141 -51.54 -5.84 28.60
C ILE A 141 -51.53 -7.35 28.75
N THR A 142 -52.50 -7.87 29.48
CA THR A 142 -52.66 -9.31 29.61
C THR A 142 -54.01 -9.80 29.14
N SER A 143 -55.01 -8.93 29.02
CA SER A 143 -56.33 -9.31 28.56
C SER A 143 -56.98 -8.10 27.91
N VAL A 144 -58.00 -8.34 27.11
CA VAL A 144 -58.73 -7.26 26.47
C VAL A 144 -60.22 -7.47 26.69
N PRO A 145 -60.94 -6.46 27.17
CA PRO A 145 -62.39 -6.61 27.32
C PRO A 145 -63.06 -6.78 25.97
N GLU A 146 -64.20 -7.47 25.99
CA GLU A 146 -64.91 -7.75 24.74
C GLU A 146 -65.38 -6.47 24.07
N ASP A 147 -65.90 -5.54 24.85
CA ASP A 147 -66.48 -4.31 24.34
C ASP A 147 -65.45 -3.34 23.81
N SER A 148 -64.17 -3.69 23.75
CA SER A 148 -63.18 -2.73 23.29
C SER A 148 -63.33 -2.48 21.79
N PHE A 149 -62.74 -1.36 21.35
CA PHE A 149 -62.64 -0.99 19.95
C PHE A 149 -63.99 -0.72 19.30
N GLU A 150 -65.04 -0.56 20.09
CA GLU A 150 -66.35 -0.30 19.52
C GLU A 150 -66.35 1.06 18.82
N GLY A 151 -66.91 1.09 17.61
CA GLY A 151 -67.04 2.33 16.87
C GLY A 151 -65.78 2.84 16.22
N LEU A 152 -64.68 2.08 16.27
CA LEU A 152 -63.42 2.50 15.66
C LEU A 152 -63.44 2.16 14.17
N VAL A 153 -64.29 2.89 13.44
CA VAL A 153 -64.52 2.58 12.03
C VAL A 153 -63.45 3.14 11.12
N GLN A 154 -62.42 3.79 11.66
CA GLN A 154 -61.35 4.34 10.84
C GLN A 154 -60.00 3.70 11.13
N LEU A 155 -59.97 2.63 11.92
CA LEU A 155 -58.71 1.99 12.26
C LEU A 155 -58.08 1.37 11.03
N ARG A 156 -56.79 1.60 10.87
CA ARG A 156 -56.04 1.06 9.74
C ARG A 156 -54.83 0.24 10.16
N HIS A 157 -54.08 0.71 11.14
CA HIS A 157 -52.95 -0.04 11.66
C HIS A 157 -53.08 -0.15 13.16
N LEU A 158 -53.03 -1.37 13.68
CA LEU A 158 -53.10 -1.60 15.11
C LEU A 158 -51.92 -2.44 15.52
N TRP A 159 -51.17 -1.97 16.52
CA TRP A 159 -50.08 -2.73 17.09
C TRP A 159 -50.54 -3.38 18.38
N LEU A 160 -50.00 -4.56 18.67
CA LEU A 160 -50.21 -5.15 19.99
C LEU A 160 -48.98 -5.90 20.48
N ASP A 161 -47.79 -5.45 20.09
CA ASP A 161 -46.57 -6.18 20.39
C ASP A 161 -46.27 -6.12 21.89
N ASP A 162 -45.45 -7.07 22.33
CA ASP A 162 -44.87 -7.08 23.67
C ASP A 162 -45.95 -6.92 24.74
N ASN A 163 -46.81 -7.93 24.82
CA ASN A 163 -47.78 -8.01 25.89
C ASN A 163 -47.85 -9.45 26.34
N SER A 164 -48.69 -9.71 27.33
CA SER A 164 -48.85 -11.04 27.89
C SER A 164 -50.17 -11.66 27.47
N LEU A 165 -50.61 -11.38 26.25
CA LEU A 165 -51.81 -12.02 25.73
C LEU A 165 -51.59 -13.51 25.59
N THR A 166 -52.61 -14.29 25.97
CA THR A 166 -52.52 -15.74 25.81
C THR A 166 -53.50 -16.31 24.80
N GLU A 167 -54.50 -15.55 24.35
CA GLU A 167 -55.29 -15.95 23.21
C GLU A 167 -55.58 -14.72 22.36
N VAL A 168 -55.78 -14.95 21.06
CA VAL A 168 -56.17 -13.85 20.18
C VAL A 168 -57.55 -13.35 20.57
N PRO A 169 -57.76 -12.05 20.72
CA PRO A 169 -59.09 -11.55 21.08
C PRO A 169 -60.05 -11.52 19.90
N VAL A 170 -60.72 -12.64 19.64
CA VAL A 170 -61.53 -12.76 18.43
C VAL A 170 -62.68 -11.76 18.45
N HIS A 171 -63.44 -11.73 19.55
CA HIS A 171 -64.61 -10.86 19.59
C HIS A 171 -64.25 -9.38 19.46
N PRO A 172 -63.28 -8.84 20.20
CA PRO A 172 -62.91 -7.44 19.92
C PRO A 172 -62.40 -7.23 18.51
N LEU A 173 -61.69 -8.23 17.97
CA LEU A 173 -61.16 -8.10 16.62
C LEU A 173 -62.28 -7.98 15.59
N SER A 174 -63.39 -8.68 15.81
CA SER A 174 -64.45 -8.70 14.82
C SER A 174 -65.08 -7.33 14.60
N ASN A 175 -64.84 -6.38 15.50
CA ASN A 175 -65.39 -5.05 15.38
C ASN A 175 -64.47 -4.09 14.62
N LEU A 176 -63.59 -4.64 13.79
CA LEU A 176 -62.61 -3.84 13.04
C LEU A 176 -62.73 -4.17 11.56
N PRO A 177 -63.79 -3.72 10.90
CA PRO A 177 -64.01 -4.12 9.50
C PRO A 177 -63.11 -3.43 8.50
N THR A 178 -62.24 -2.52 8.93
CA THR A 178 -61.42 -1.74 8.00
C THR A 178 -59.93 -1.83 8.35
N LEU A 179 -59.53 -2.84 9.10
CA LEU A 179 -58.13 -2.98 9.46
C LEU A 179 -57.27 -3.28 8.23
N GLN A 180 -55.99 -2.96 8.33
CA GLN A 180 -55.09 -3.20 7.22
C GLN A 180 -53.82 -3.91 7.69
N ALA A 181 -53.41 -3.69 8.93
CA ALA A 181 -52.17 -4.28 9.44
C ALA A 181 -52.29 -4.49 10.93
N LEU A 182 -52.22 -5.74 11.36
CA LEU A 182 -52.31 -6.08 12.77
C LEU A 182 -51.14 -6.96 13.14
N THR A 183 -50.45 -6.61 14.22
CA THR A 183 -49.28 -7.34 14.68
C THR A 183 -49.48 -7.80 16.11
N LEU A 184 -49.02 -9.02 16.41
CA LEU A 184 -49.21 -9.61 17.74
C LEU A 184 -47.94 -10.31 18.19
N ALA A 185 -46.79 -9.82 17.74
CA ALA A 185 -45.52 -10.48 18.02
C ALA A 185 -45.19 -10.42 19.51
N LEU A 186 -44.33 -11.36 19.93
CA LEU A 186 -43.82 -11.41 21.30
C LEU A 186 -44.94 -11.44 22.34
N ASN A 187 -46.07 -12.03 22.00
CA ASN A 187 -47.09 -12.32 22.99
C ASN A 187 -46.87 -13.73 23.53
N LYS A 188 -47.86 -14.25 24.24
CA LYS A 188 -47.81 -15.61 24.75
C LYS A 188 -48.98 -16.44 24.24
N ILE A 189 -49.48 -16.12 23.05
CA ILE A 189 -50.52 -16.94 22.44
C ILE A 189 -49.97 -18.33 22.15
N SER A 190 -50.85 -19.31 22.14
CA SER A 190 -50.48 -20.68 21.84
C SER A 190 -51.18 -21.25 20.63
N SER A 191 -52.42 -20.84 20.34
CA SER A 191 -53.17 -21.41 19.25
C SER A 191 -54.21 -20.41 18.77
N ILE A 192 -54.70 -20.63 17.56
CA ILE A 192 -55.68 -19.76 16.93
C ILE A 192 -56.89 -20.60 16.55
N PRO A 193 -58.07 -20.33 17.11
CA PRO A 193 -59.25 -21.11 16.75
C PRO A 193 -59.77 -20.75 15.38
N ASP A 194 -60.72 -21.56 14.91
CA ASP A 194 -61.28 -21.37 13.58
C ASP A 194 -61.97 -20.02 13.47
N PHE A 195 -61.79 -19.36 12.33
CA PHE A 195 -62.46 -18.10 12.01
C PHE A 195 -62.14 -17.01 13.04
N ALA A 196 -60.96 -17.07 13.64
CA ALA A 196 -60.59 -16.05 14.61
C ALA A 196 -60.43 -14.68 13.97
N PHE A 197 -60.24 -14.62 12.66
CA PHE A 197 -60.05 -13.36 11.94
C PHE A 197 -61.10 -13.21 10.84
N THR A 198 -62.26 -13.85 11.01
CA THR A 198 -63.21 -13.97 9.92
C THR A 198 -63.75 -12.62 9.45
N ASN A 199 -63.66 -11.57 10.28
CA ASN A 199 -64.25 -10.29 9.92
C ASN A 199 -63.27 -9.32 9.29
N LEU A 200 -61.97 -9.61 9.30
CA LEU A 200 -60.98 -8.68 8.77
C LEU A 200 -60.79 -8.89 7.27
N SER A 201 -61.87 -8.69 6.52
CA SER A 201 -61.81 -8.91 5.09
C SER A 201 -60.87 -7.93 4.39
N SER A 202 -60.48 -6.86 5.06
CA SER A 202 -59.61 -5.85 4.48
C SER A 202 -58.17 -5.97 4.97
N LEU A 203 -57.83 -7.03 5.68
CA LEU A 203 -56.49 -7.18 6.22
C LEU A 203 -55.45 -7.33 5.11
N VAL A 204 -54.24 -6.88 5.39
CA VAL A 204 -53.17 -6.96 4.42
C VAL A 204 -51.94 -7.64 5.01
N VAL A 205 -51.47 -7.15 6.14
CA VAL A 205 -50.25 -7.66 6.78
C VAL A 205 -50.58 -8.12 8.18
N LEU A 206 -50.19 -9.34 8.51
CA LEU A 206 -50.39 -9.90 9.84
C LEU A 206 -49.06 -10.42 10.36
N HIS A 207 -48.78 -10.17 11.63
CA HIS A 207 -47.52 -10.57 12.24
C HIS A 207 -47.79 -11.36 13.50
N LEU A 208 -47.05 -12.46 13.68
CA LEU A 208 -47.18 -13.26 14.90
C LEU A 208 -45.85 -13.80 15.37
N HIS A 209 -44.73 -13.21 14.97
CA HIS A 209 -43.45 -13.85 15.20
C HIS A 209 -43.07 -13.81 16.68
N ASN A 210 -42.21 -14.76 17.07
CA ASN A 210 -41.72 -14.93 18.43
C ASN A 210 -42.83 -15.21 19.43
N ASN A 211 -44.00 -15.59 18.93
CA ASN A 211 -45.08 -16.03 19.80
C ASN A 211 -44.81 -17.47 20.24
N LYS A 212 -45.81 -18.14 20.77
CA LYS A 212 -45.70 -19.53 21.20
C LYS A 212 -46.76 -20.39 20.52
N ILE A 213 -46.97 -20.19 19.25
CA ILE A 213 -48.00 -20.95 18.53
C ILE A 213 -47.46 -22.32 18.20
N ARG A 214 -48.30 -23.34 18.39
CA ARG A 214 -47.96 -24.70 18.00
C ARG A 214 -49.05 -25.42 17.23
N SER A 215 -50.30 -24.97 17.31
CA SER A 215 -51.41 -25.59 16.60
C SER A 215 -52.21 -24.52 15.87
N LEU A 216 -52.75 -24.89 14.71
CA LEU A 216 -53.55 -23.97 13.90
C LEU A 216 -54.70 -24.74 13.30
N SER A 217 -55.92 -24.30 13.57
CA SER A 217 -57.09 -25.00 13.07
C SER A 217 -57.22 -24.81 11.56
N GLN A 218 -57.98 -25.72 10.94
CA GLN A 218 -58.01 -25.79 9.48
C GLN A 218 -58.56 -24.52 8.87
N HIS A 219 -59.60 -23.94 9.47
CA HIS A 219 -60.22 -22.74 8.94
C HIS A 219 -59.83 -21.49 9.73
N CYS A 220 -58.72 -21.54 10.46
CA CYS A 220 -58.35 -20.43 11.33
C CYS A 220 -58.12 -19.16 10.53
N PHE A 221 -57.66 -19.28 9.30
CA PHE A 221 -57.29 -18.14 8.49
C PHE A 221 -58.35 -17.78 7.45
N ASP A 222 -59.52 -18.42 7.51
CA ASP A 222 -60.55 -18.15 6.51
C ASP A 222 -61.04 -16.71 6.62
N GLY A 223 -61.23 -16.08 5.47
CA GLY A 223 -61.74 -14.73 5.40
C GLY A 223 -60.69 -13.67 5.12
N LEU A 224 -59.41 -13.99 5.24
CA LEU A 224 -58.35 -13.04 4.98
C LEU A 224 -58.05 -12.96 3.48
N ASP A 225 -59.11 -12.74 2.71
CA ASP A 225 -59.02 -12.84 1.26
C ASP A 225 -58.08 -11.81 0.65
N ASN A 226 -57.73 -10.77 1.39
CA ASN A 226 -56.80 -9.76 0.91
C ASN A 226 -55.46 -9.82 1.60
N LEU A 227 -55.19 -10.89 2.36
CA LEU A 227 -53.92 -11.01 3.05
C LEU A 227 -52.77 -11.10 2.06
N GLU A 228 -51.66 -10.46 2.38
CA GLU A 228 -50.50 -10.44 1.52
C GLU A 228 -49.24 -10.96 2.19
N THR A 229 -49.04 -10.64 3.47
CA THR A 229 -47.85 -11.06 4.19
C THR A 229 -48.26 -11.71 5.50
N LEU A 230 -47.93 -12.98 5.67
CA LEU A 230 -48.18 -13.68 6.91
C LEU A 230 -46.84 -14.11 7.49
N ASP A 231 -46.53 -13.65 8.69
CA ASP A 231 -45.25 -13.90 9.32
C ASP A 231 -45.44 -14.83 10.50
N LEU A 232 -44.67 -15.90 10.54
CA LEU A 232 -44.80 -16.92 11.58
C LEU A 232 -43.44 -17.37 12.06
N ASN A 233 -42.49 -16.45 12.17
CA ASN A 233 -41.17 -16.80 12.66
C ASN A 233 -41.22 -17.21 14.12
N TYR A 234 -40.34 -18.14 14.50
CA TYR A 234 -40.11 -18.50 15.90
C TYR A 234 -41.40 -18.98 16.57
N ASN A 235 -41.89 -20.10 16.07
CA ASN A 235 -43.03 -20.77 16.68
C ASN A 235 -42.75 -22.25 16.80
N ASN A 236 -43.68 -22.97 17.40
CA ASN A 236 -43.56 -24.41 17.65
C ASN A 236 -44.42 -25.21 16.71
N LEU A 237 -44.50 -24.82 15.44
CA LEU A 237 -45.31 -25.55 14.48
C LEU A 237 -44.65 -26.88 14.14
N GLY A 238 -45.36 -27.98 14.39
CA GLY A 238 -44.82 -29.29 14.12
C GLY A 238 -45.45 -29.94 12.90
N GLU A 239 -46.52 -29.33 12.40
CA GLU A 239 -47.18 -29.79 11.19
C GLU A 239 -47.46 -28.61 10.29
N PHE A 240 -47.52 -28.86 9.00
CA PHE A 240 -47.74 -27.78 8.06
C PHE A 240 -49.15 -27.21 8.22
N PRO A 241 -49.30 -25.90 8.23
CA PRO A 241 -50.62 -25.29 8.46
C PRO A 241 -51.46 -25.26 7.20
N GLN A 242 -52.20 -26.33 6.91
CA GLN A 242 -53.07 -26.35 5.75
C GLN A 242 -54.09 -25.21 5.75
N ALA A 243 -54.22 -24.49 6.86
CA ALA A 243 -55.11 -23.34 6.89
C ALA A 243 -54.68 -22.25 5.93
N ILE A 244 -53.42 -22.25 5.50
CA ILE A 244 -52.91 -21.21 4.60
C ILE A 244 -53.49 -21.40 3.21
N LYS A 245 -54.29 -22.45 3.02
CA LYS A 245 -54.90 -22.70 1.73
C LYS A 245 -56.10 -21.80 1.46
N ALA A 246 -56.25 -20.71 2.21
CA ALA A 246 -57.34 -19.77 2.02
C ALA A 246 -56.83 -18.35 1.82
N LEU A 247 -55.58 -18.19 1.37
CA LEU A 247 -54.97 -16.88 1.16
C LEU A 247 -54.72 -16.70 -0.32
N PRO A 248 -55.70 -16.18 -1.07
CA PRO A 248 -55.51 -16.05 -2.52
C PRO A 248 -54.46 -15.03 -2.91
N SER A 249 -54.05 -14.14 -2.02
CA SER A 249 -53.11 -13.08 -2.37
C SER A 249 -51.85 -13.14 -1.51
N LEU A 250 -51.49 -14.31 -1.02
CA LEU A 250 -50.28 -14.43 -0.22
C LEU A 250 -49.05 -14.19 -1.08
N LYS A 251 -48.08 -13.48 -0.52
CA LYS A 251 -46.83 -13.20 -1.21
C LYS A 251 -45.60 -13.55 -0.40
N GLU A 252 -45.64 -13.36 0.91
CA GLU A 252 -44.54 -13.75 1.81
C GLU A 252 -45.11 -14.61 2.93
N LEU A 253 -44.44 -15.72 3.19
CA LEU A 253 -44.86 -16.64 4.25
C LEU A 253 -43.60 -17.15 4.92
N GLY A 254 -43.18 -16.45 5.97
CA GLY A 254 -41.95 -16.84 6.64
C GLY A 254 -42.20 -17.51 7.97
N PHE A 255 -42.03 -18.83 8.04
CA PHE A 255 -42.18 -19.55 9.30
C PHE A 255 -40.89 -20.22 9.71
N HIS A 256 -39.76 -19.58 9.47
CA HIS A 256 -38.48 -20.19 9.81
C HIS A 256 -38.30 -20.23 11.32
N SER A 257 -37.32 -21.01 11.75
CA SER A 257 -37.07 -21.26 13.17
C SER A 257 -38.30 -21.86 13.84
N ASN A 258 -38.66 -23.06 13.40
CA ASN A 258 -39.80 -23.77 13.93
C ASN A 258 -39.41 -25.24 14.12
N SER A 259 -40.41 -26.08 14.35
CA SER A 259 -40.21 -27.52 14.43
C SER A 259 -40.83 -28.25 13.24
N ILE A 260 -41.01 -27.54 12.12
CA ILE A 260 -41.56 -28.13 10.91
C ILE A 260 -40.64 -29.25 10.44
N SER A 261 -41.24 -30.34 9.96
CA SER A 261 -40.45 -31.48 9.51
C SER A 261 -40.85 -31.95 8.12
N VAL A 262 -42.12 -31.78 7.74
CA VAL A 262 -42.65 -32.36 6.52
C VAL A 262 -43.43 -31.31 5.75
N ILE A 263 -43.17 -31.21 4.45
CA ILE A 263 -43.94 -30.37 3.54
C ILE A 263 -44.72 -31.30 2.60
N PRO A 264 -46.02 -31.43 2.77
CA PRO A 264 -46.77 -32.37 1.92
C PRO A 264 -46.84 -31.89 0.48
N ASP A 265 -47.07 -32.85 -0.41
CA ASP A 265 -47.20 -32.53 -1.82
C ASP A 265 -48.40 -31.62 -2.06
N GLY A 266 -48.20 -30.62 -2.90
CA GLY A 266 -49.27 -29.69 -3.21
C GLY A 266 -49.74 -28.87 -2.02
N ALA A 267 -48.81 -28.46 -1.16
CA ALA A 267 -49.15 -27.69 0.02
C ALA A 267 -49.16 -26.19 -0.24
N PHE A 268 -49.23 -25.78 -1.50
CA PHE A 268 -49.22 -24.36 -1.82
C PHE A 268 -50.19 -24.00 -2.93
N ASP A 269 -51.11 -24.89 -3.30
CA ASP A 269 -52.01 -24.61 -4.42
C ASP A 269 -52.90 -23.42 -4.15
N GLY A 270 -53.10 -23.05 -2.90
CA GLY A 270 -53.88 -21.88 -2.57
C GLY A 270 -53.13 -20.57 -2.60
N ASN A 271 -51.83 -20.59 -2.89
CA ASN A 271 -51.01 -19.39 -2.89
C ASN A 271 -50.22 -19.31 -4.19
N PRO A 272 -50.90 -19.10 -5.32
CA PRO A 272 -50.22 -19.05 -6.60
C PRO A 272 -49.41 -17.78 -6.84
N LEU A 273 -49.24 -16.92 -5.83
CA LEU A 273 -48.55 -15.66 -6.01
C LEU A 273 -47.38 -15.50 -5.04
N LEU A 274 -46.88 -16.60 -4.48
CA LEU A 274 -45.80 -16.50 -3.50
C LEU A 274 -44.56 -15.90 -4.13
N ARG A 275 -43.85 -15.10 -3.35
CA ARG A 275 -42.60 -14.49 -3.79
C ARG A 275 -41.39 -15.06 -3.07
N THR A 276 -41.43 -15.16 -1.75
CA THR A 276 -40.32 -15.70 -0.99
C THR A 276 -40.88 -16.60 0.10
N ILE A 277 -40.05 -17.54 0.55
CA ILE A 277 -40.41 -18.42 1.66
C ILE A 277 -39.21 -18.51 2.59
N HIS A 278 -39.44 -18.25 3.87
CA HIS A 278 -38.43 -18.38 4.91
C HIS A 278 -38.73 -19.66 5.67
N LEU A 279 -38.03 -20.74 5.32
CA LEU A 279 -38.12 -21.97 6.08
C LEU A 279 -36.75 -22.48 6.49
N TYR A 280 -35.73 -21.63 6.44
CA TYR A 280 -34.42 -22.03 6.95
C TYR A 280 -34.52 -22.28 8.45
N ASP A 281 -33.44 -22.82 9.00
CA ASP A 281 -33.35 -23.10 10.43
C ASP A 281 -34.54 -23.96 10.89
N ASN A 282 -34.92 -24.91 10.05
CA ASN A 282 -36.01 -25.82 10.34
C ASN A 282 -35.54 -27.25 10.12
N PRO A 283 -35.98 -28.19 10.93
CA PRO A 283 -35.60 -29.60 10.69
C PRO A 283 -36.42 -30.23 9.58
N LEU A 284 -36.16 -29.83 8.35
CA LEU A 284 -36.89 -30.37 7.21
C LEU A 284 -36.37 -31.76 6.89
N SER A 285 -37.22 -32.77 7.06
CA SER A 285 -36.79 -34.14 6.79
C SER A 285 -37.11 -34.54 5.35
N PHE A 286 -38.36 -34.37 4.93
CA PHE A 286 -38.80 -34.80 3.61
C PHE A 286 -39.70 -33.76 3.00
N VAL A 287 -39.55 -33.55 1.70
CA VAL A 287 -40.37 -32.63 0.94
C VAL A 287 -40.98 -33.38 -0.22
N GLY A 288 -42.27 -33.15 -0.47
CA GLY A 288 -42.94 -33.83 -1.57
C GLY A 288 -42.28 -33.52 -2.89
N ASN A 289 -42.42 -34.47 -3.83
CA ASN A 289 -41.75 -34.33 -5.11
C ASN A 289 -42.27 -33.12 -5.88
N SER A 290 -43.58 -33.04 -6.04
CA SER A 290 -44.22 -31.88 -6.69
C SER A 290 -44.68 -30.86 -5.66
N ALA A 291 -43.77 -30.39 -4.82
CA ALA A 291 -44.12 -29.48 -3.74
C ALA A 291 -43.85 -28.03 -4.08
N PHE A 292 -43.44 -27.71 -5.29
CA PHE A 292 -43.22 -26.33 -5.68
C PHE A 292 -43.69 -26.10 -7.11
N HIS A 293 -44.78 -26.73 -7.49
CA HIS A 293 -45.27 -26.67 -8.85
C HIS A 293 -46.07 -25.40 -9.08
N ASN A 294 -45.83 -24.75 -10.22
CA ASN A 294 -46.63 -23.64 -10.74
C ASN A 294 -46.53 -22.36 -9.92
N LEU A 295 -45.56 -22.23 -9.02
CA LEU A 295 -45.37 -20.98 -8.30
C LEU A 295 -44.64 -20.03 -9.25
N SER A 296 -45.41 -19.32 -10.07
CA SER A 296 -44.85 -18.62 -11.21
C SER A 296 -43.95 -17.45 -10.82
N ASP A 297 -43.93 -17.04 -9.56
CA ASP A 297 -43.10 -15.91 -9.18
C ASP A 297 -42.29 -16.18 -7.92
N LEU A 298 -42.05 -17.44 -7.59
CA LEU A 298 -41.19 -17.75 -6.45
C LEU A 298 -39.77 -17.33 -6.78
N HIS A 299 -39.31 -16.23 -6.18
CA HIS A 299 -38.00 -15.71 -6.53
C HIS A 299 -36.88 -16.64 -6.10
N SER A 300 -36.88 -17.08 -4.86
CA SER A 300 -35.79 -17.88 -4.34
C SER A 300 -36.35 -19.08 -3.60
N LEU A 301 -35.56 -20.16 -3.59
CA LEU A 301 -35.95 -21.40 -2.92
C LEU A 301 -34.71 -22.01 -2.31
N VAL A 302 -34.70 -22.14 -0.99
CA VAL A 302 -33.57 -22.70 -0.26
C VAL A 302 -34.06 -23.85 0.60
N ILE A 303 -33.41 -25.00 0.49
CA ILE A 303 -33.76 -26.18 1.26
C ILE A 303 -32.48 -26.78 1.82
N ARG A 304 -32.46 -27.03 3.12
CA ARG A 304 -31.27 -27.58 3.76
C ARG A 304 -31.67 -28.66 4.76
N GLY A 305 -30.88 -29.72 4.80
CA GLY A 305 -31.10 -30.80 5.74
C GLY A 305 -32.17 -31.79 5.34
N ALA A 306 -32.71 -31.69 4.11
CA ALA A 306 -33.77 -32.59 3.67
C ALA A 306 -33.16 -33.93 3.24
N SER A 307 -32.77 -34.71 4.26
CA SER A 307 -32.07 -35.96 4.00
C SER A 307 -32.96 -36.97 3.28
N MET A 308 -34.23 -37.06 3.68
CA MET A 308 -35.10 -38.06 3.10
C MET A 308 -35.45 -37.80 1.64
N VAL A 309 -35.10 -36.63 1.12
CA VAL A 309 -35.35 -36.34 -0.29
C VAL A 309 -34.39 -37.18 -1.15
N GLN A 310 -34.94 -37.87 -2.13
CA GLN A 310 -34.14 -38.72 -3.01
C GLN A 310 -34.31 -38.39 -4.48
N GLN A 311 -35.11 -37.39 -4.82
CA GLN A 311 -35.29 -36.96 -6.20
C GLN A 311 -35.24 -35.44 -6.26
N PHE A 312 -34.85 -34.92 -7.40
CA PHE A 312 -34.91 -33.49 -7.62
C PHE A 312 -36.37 -33.09 -7.75
N PRO A 313 -36.86 -32.12 -6.97
CA PRO A 313 -38.29 -31.81 -7.00
C PRO A 313 -38.70 -31.22 -8.34
N ASN A 314 -39.93 -31.53 -8.75
CA ASN A 314 -40.46 -30.96 -9.98
C ASN A 314 -40.56 -29.45 -9.81
N LEU A 315 -39.93 -28.71 -10.72
CA LEU A 315 -39.99 -27.26 -10.71
C LEU A 315 -40.60 -26.69 -11.99
N THR A 316 -41.24 -27.54 -12.79
CA THR A 316 -41.82 -27.08 -14.04
C THR A 316 -42.85 -26.00 -13.78
N GLY A 317 -42.82 -24.96 -14.60
CA GLY A 317 -43.69 -23.81 -14.44
C GLY A 317 -43.06 -22.72 -13.60
N THR A 318 -42.36 -23.09 -12.54
CA THR A 318 -41.65 -22.13 -11.70
C THR A 318 -40.42 -21.68 -12.45
N VAL A 319 -40.58 -20.63 -13.25
CA VAL A 319 -39.55 -20.25 -14.22
C VAL A 319 -38.94 -18.92 -13.83
N HIS A 320 -39.00 -18.58 -12.55
CA HIS A 320 -38.51 -17.30 -12.08
C HIS A 320 -37.68 -17.49 -10.81
N LEU A 321 -36.80 -18.47 -10.83
CA LEU A 321 -35.96 -18.78 -9.69
C LEU A 321 -34.61 -18.10 -9.88
N GLU A 322 -34.42 -16.95 -9.22
CA GLU A 322 -33.12 -16.28 -9.28
C GLU A 322 -32.05 -17.12 -8.62
N SER A 323 -32.38 -17.77 -7.51
CA SER A 323 -31.41 -18.55 -6.75
C SER A 323 -32.04 -19.89 -6.37
N LEU A 324 -31.18 -20.88 -6.15
CA LEU A 324 -31.63 -22.22 -5.81
C LEU A 324 -30.57 -22.89 -4.96
N THR A 325 -31.00 -23.67 -3.99
CA THR A 325 -30.08 -24.37 -3.10
C THR A 325 -30.71 -25.67 -2.64
N LEU A 326 -29.92 -26.73 -2.56
CA LEU A 326 -30.41 -28.02 -2.10
C LEU A 326 -29.23 -28.80 -1.54
N THR A 327 -29.09 -28.79 -0.22
CA THR A 327 -27.95 -29.43 0.42
C THR A 327 -28.42 -30.57 1.32
N GLY A 328 -27.53 -31.52 1.56
CA GLY A 328 -27.82 -32.61 2.48
C GLY A 328 -28.97 -33.48 2.05
N THR A 329 -28.99 -33.86 0.78
CA THR A 329 -30.07 -34.68 0.24
C THR A 329 -29.48 -35.75 -0.66
N LYS A 330 -30.26 -36.81 -0.87
CA LYS A 330 -29.81 -38.00 -1.57
C LYS A 330 -30.12 -37.97 -3.05
N ILE A 331 -30.16 -36.77 -3.64
CA ILE A 331 -30.40 -36.66 -5.08
C ILE A 331 -29.25 -37.30 -5.83
N SER A 332 -29.58 -38.09 -6.85
CA SER A 332 -28.57 -38.76 -7.65
C SER A 332 -28.25 -38.00 -8.93
N SER A 333 -29.27 -37.56 -9.66
CA SER A 333 -29.05 -36.87 -10.91
C SER A 333 -29.80 -35.55 -10.95
N ILE A 334 -29.80 -34.89 -12.11
CA ILE A 334 -30.50 -33.62 -12.28
C ILE A 334 -31.34 -33.71 -13.55
N PRO A 335 -32.54 -33.14 -13.58
CA PRO A 335 -33.28 -33.06 -14.85
C PRO A 335 -32.49 -32.24 -15.86
N ASN A 336 -32.58 -32.68 -17.13
CA ASN A 336 -31.76 -32.08 -18.19
C ASN A 336 -32.30 -30.73 -18.64
N ASN A 337 -33.62 -30.51 -18.57
CA ASN A 337 -34.23 -29.27 -19.00
C ASN A 337 -34.14 -28.18 -17.95
N LEU A 338 -33.22 -28.32 -16.98
CA LEU A 338 -33.12 -27.35 -15.91
C LEU A 338 -32.79 -25.96 -16.45
N CYS A 339 -31.82 -25.87 -17.35
CA CYS A 339 -31.46 -24.57 -17.89
C CYS A 339 -32.53 -24.03 -18.82
N GLN A 340 -33.35 -24.91 -19.41
CA GLN A 340 -34.42 -24.45 -20.26
C GLN A 340 -35.59 -23.91 -19.46
N GLU A 341 -35.84 -24.46 -18.27
CA GLU A 341 -36.97 -23.98 -17.47
C GLU A 341 -36.63 -22.68 -16.76
N GLN A 342 -35.60 -22.70 -15.92
CA GLN A 342 -35.19 -21.53 -15.15
C GLN A 342 -34.23 -20.70 -16.01
N LYS A 343 -34.80 -20.09 -17.05
CA LYS A 343 -33.98 -19.42 -18.06
C LYS A 343 -33.10 -18.34 -17.44
N MET A 344 -33.56 -17.72 -16.36
CA MET A 344 -32.83 -16.62 -15.75
C MET A 344 -32.26 -17.00 -14.39
N LEU A 345 -32.09 -18.28 -14.12
CA LEU A 345 -31.43 -18.70 -12.90
C LEU A 345 -30.04 -18.10 -12.80
N ARG A 346 -29.70 -17.60 -11.62
CA ARG A 346 -28.42 -16.91 -11.40
C ARG A 346 -27.47 -17.70 -10.53
N THR A 347 -27.87 -18.05 -9.31
CA THR A 347 -27.00 -18.76 -8.38
C THR A 347 -27.55 -20.14 -8.12
N LEU A 348 -26.72 -21.16 -8.23
CA LEU A 348 -27.13 -22.53 -8.01
C LEU A 348 -26.12 -23.20 -7.10
N ASP A 349 -26.59 -24.11 -6.25
CA ASP A 349 -25.73 -24.86 -5.37
C ASP A 349 -26.35 -26.22 -5.11
N LEU A 350 -25.56 -27.26 -5.24
CA LEU A 350 -26.02 -28.62 -5.01
C LEU A 350 -25.01 -29.41 -4.20
N SER A 351 -24.49 -28.79 -3.15
CA SER A 351 -23.44 -29.44 -2.39
C SER A 351 -24.01 -30.56 -1.51
N TYR A 352 -23.11 -31.40 -1.02
CA TYR A 352 -23.44 -32.46 -0.06
C TYR A 352 -24.54 -33.38 -0.58
N ASN A 353 -24.41 -33.77 -1.85
CA ASN A 353 -25.39 -34.65 -2.47
C ASN A 353 -24.66 -35.77 -3.19
N ASN A 354 -25.44 -36.68 -3.77
CA ASN A 354 -24.92 -37.85 -4.46
C ASN A 354 -24.92 -37.67 -5.97
N ILE A 355 -24.68 -36.44 -6.43
CA ILE A 355 -24.67 -36.18 -7.86
C ILE A 355 -23.51 -36.91 -8.51
N ARG A 356 -23.80 -37.69 -9.54
CA ARG A 356 -22.78 -38.47 -10.22
C ARG A 356 -22.52 -37.97 -11.64
N ASP A 357 -23.55 -37.87 -12.47
CA ASP A 357 -23.40 -37.51 -13.87
C ASP A 357 -23.91 -36.09 -14.07
N LEU A 358 -23.06 -35.22 -14.62
CA LEU A 358 -23.41 -33.82 -14.82
C LEU A 358 -24.08 -33.65 -16.17
N PRO A 359 -25.34 -33.22 -16.22
CA PRO A 359 -25.99 -32.97 -17.51
C PRO A 359 -25.51 -31.65 -18.10
N SER A 360 -25.83 -31.47 -19.38
CA SER A 360 -25.42 -30.27 -20.09
C SER A 360 -26.00 -29.02 -19.43
N PHE A 361 -25.17 -28.01 -19.25
CA PHE A 361 -25.57 -26.77 -18.60
C PHE A 361 -25.81 -25.64 -19.58
N ASN A 362 -25.85 -25.94 -20.88
CA ASN A 362 -26.12 -24.89 -21.86
C ASN A 362 -27.56 -24.41 -21.74
N GLY A 363 -27.74 -23.11 -21.62
CA GLY A 363 -29.07 -22.55 -21.49
C GLY A 363 -29.21 -21.56 -20.35
N CYS A 364 -28.48 -21.78 -19.26
CA CYS A 364 -28.48 -20.86 -18.12
C CYS A 364 -27.51 -19.72 -18.42
N HIS A 365 -27.86 -18.94 -19.44
CA HIS A 365 -26.95 -17.91 -19.93
C HIS A 365 -26.74 -16.78 -18.93
N ALA A 366 -27.59 -16.68 -17.91
CA ALA A 366 -27.40 -15.69 -16.87
C ALA A 366 -26.77 -16.27 -15.62
N LEU A 367 -26.45 -17.56 -15.61
CA LEU A 367 -25.90 -18.20 -14.43
C LEU A 367 -24.55 -17.59 -14.05
N GLU A 368 -24.33 -17.48 -12.75
CA GLU A 368 -23.09 -16.91 -12.22
C GLU A 368 -22.29 -17.89 -11.40
N GLU A 369 -22.88 -18.47 -10.34
CA GLU A 369 -22.15 -19.35 -9.43
C GLU A 369 -22.69 -20.77 -9.52
N ILE A 370 -21.78 -21.74 -9.54
CA ILE A 370 -22.11 -23.15 -9.43
C ILE A 370 -21.20 -23.75 -8.38
N SER A 371 -21.77 -24.54 -7.47
CA SER A 371 -20.99 -25.21 -6.46
C SER A 371 -21.54 -26.62 -6.30
N LEU A 372 -20.71 -27.62 -6.59
CA LEU A 372 -21.15 -29.01 -6.55
C LEU A 372 -20.26 -29.83 -5.61
N GLN A 373 -19.64 -29.17 -4.64
CA GLN A 373 -18.63 -29.83 -3.84
C GLN A 373 -19.25 -30.93 -2.99
N ARG A 374 -18.40 -31.89 -2.62
CA ARG A 374 -18.81 -33.04 -1.80
C ARG A 374 -19.89 -33.85 -2.51
N ASN A 375 -19.59 -34.29 -3.72
CA ASN A 375 -20.49 -35.13 -4.49
C ASN A 375 -19.69 -36.25 -5.13
N GLN A 376 -20.41 -37.20 -5.72
CA GLN A 376 -19.81 -38.35 -6.38
C GLN A 376 -19.52 -38.09 -7.85
N ILE A 377 -19.35 -36.83 -8.24
CA ILE A 377 -19.03 -36.53 -9.64
C ILE A 377 -17.69 -37.15 -9.98
N TYR A 378 -17.65 -37.92 -11.04
CA TYR A 378 -16.45 -38.68 -11.37
C TYR A 378 -15.82 -38.31 -12.70
N GLN A 379 -16.60 -37.81 -13.66
CA GLN A 379 -16.05 -37.46 -14.96
C GLN A 379 -16.62 -36.12 -15.40
N ILE A 380 -15.87 -35.42 -16.24
CA ILE A 380 -16.26 -34.14 -16.79
C ILE A 380 -16.15 -34.20 -18.31
N LYS A 381 -17.25 -33.90 -18.99
CA LYS A 381 -17.25 -33.92 -20.45
C LYS A 381 -16.97 -32.53 -21.00
N GLU A 382 -16.71 -32.47 -22.30
CA GLU A 382 -16.38 -31.19 -22.93
C GLU A 382 -17.59 -30.25 -22.92
N GLY A 383 -18.76 -30.77 -23.25
CA GLY A 383 -19.92 -29.93 -23.45
C GLY A 383 -20.70 -29.56 -22.21
N THR A 384 -20.23 -29.94 -21.02
CA THR A 384 -20.99 -29.65 -19.81
C THR A 384 -21.11 -28.16 -19.57
N PHE A 385 -20.04 -27.41 -19.84
CA PHE A 385 -20.00 -25.98 -19.59
C PHE A 385 -20.00 -25.19 -20.89
N GLN A 386 -20.71 -25.71 -21.89
CA GLN A 386 -20.74 -25.09 -23.21
C GLN A 386 -21.55 -23.81 -23.13
N GLY A 387 -20.86 -22.67 -23.11
CA GLY A 387 -21.51 -21.39 -23.20
C GLY A 387 -22.14 -20.89 -21.91
N LEU A 388 -21.43 -21.06 -20.80
CA LEU A 388 -21.92 -20.53 -19.53
C LEU A 388 -21.62 -19.06 -19.37
N ILE A 389 -20.90 -18.45 -20.32
CA ILE A 389 -20.59 -17.02 -20.42
C ILE A 389 -20.40 -16.34 -19.06
N SER A 390 -21.48 -15.87 -18.45
CA SER A 390 -21.40 -15.05 -17.25
C SER A 390 -20.98 -15.83 -16.02
N LEU A 391 -20.56 -17.09 -16.09
CA LEU A 391 -20.11 -17.79 -14.90
C LEU A 391 -18.92 -17.08 -14.27
N ARG A 392 -18.94 -16.94 -12.96
CA ARG A 392 -17.87 -16.26 -12.24
C ARG A 392 -17.14 -17.15 -11.27
N ILE A 393 -17.86 -17.88 -10.41
CA ILE A 393 -17.25 -18.72 -9.39
C ILE A 393 -17.70 -20.16 -9.62
N LEU A 394 -16.75 -21.07 -9.65
CA LEU A 394 -17.00 -22.48 -9.87
C LEU A 394 -16.32 -23.28 -8.76
N ASP A 395 -16.84 -24.47 -8.48
CA ASP A 395 -16.31 -25.27 -7.39
C ASP A 395 -16.75 -26.72 -7.57
N LEU A 396 -15.78 -27.63 -7.60
CA LEU A 396 -16.06 -29.05 -7.67
C LEU A 396 -15.26 -29.84 -6.62
N SER A 397 -14.85 -29.20 -5.55
CA SER A 397 -13.90 -29.82 -4.63
C SER A 397 -14.52 -31.01 -3.93
N ARG A 398 -13.64 -31.93 -3.50
CA ARG A 398 -14.04 -33.14 -2.78
C ARG A 398 -15.01 -33.97 -3.60
N ASN A 399 -14.59 -34.33 -4.81
CA ASN A 399 -15.35 -35.22 -5.66
C ASN A 399 -14.46 -36.36 -6.13
N LEU A 400 -14.93 -37.14 -7.10
CA LEU A 400 -14.14 -38.22 -7.68
C LEU A 400 -13.73 -37.93 -9.12
N ILE A 401 -13.70 -36.66 -9.51
CA ILE A 401 -13.35 -36.32 -10.88
C ILE A 401 -11.88 -36.63 -11.11
N HIS A 402 -11.58 -37.31 -12.22
CA HIS A 402 -10.20 -37.58 -12.57
C HIS A 402 -9.92 -37.21 -14.02
N GLU A 403 -10.93 -37.25 -14.88
CA GLU A 403 -10.76 -37.02 -16.30
C GLU A 403 -11.48 -35.73 -16.69
N ILE A 404 -10.70 -34.69 -17.00
CA ILE A 404 -11.25 -33.45 -17.54
C ILE A 404 -10.93 -33.40 -19.02
N HIS A 405 -11.97 -33.23 -19.84
CA HIS A 405 -11.76 -33.06 -21.27
C HIS A 405 -10.95 -31.80 -21.52
N SER A 406 -10.15 -31.83 -22.59
CA SER A 406 -9.22 -30.72 -22.86
C SER A 406 -9.98 -29.42 -23.05
N ARG A 407 -11.09 -29.45 -23.80
CA ARG A 407 -11.84 -28.26 -24.14
C ARG A 407 -12.97 -27.99 -23.15
N ALA A 408 -12.83 -28.39 -21.90
CA ALA A 408 -13.91 -28.19 -20.93
C ALA A 408 -14.16 -26.71 -20.69
N PHE A 409 -13.10 -25.91 -20.58
CA PHE A 409 -13.24 -24.51 -20.21
C PHE A 409 -13.03 -23.56 -21.38
N ALA A 410 -13.06 -24.07 -22.62
CA ALA A 410 -12.78 -23.22 -23.77
C ALA A 410 -13.82 -22.11 -23.89
N THR A 411 -15.08 -22.43 -23.69
CA THR A 411 -16.17 -21.49 -23.88
C THR A 411 -16.44 -20.63 -22.66
N LEU A 412 -15.69 -20.81 -21.58
CA LEU A 412 -15.94 -20.08 -20.35
C LEU A 412 -15.72 -18.59 -20.55
N GLY A 413 -16.40 -17.81 -19.72
CA GLY A 413 -16.29 -16.37 -19.75
C GLY A 413 -15.29 -15.85 -18.74
N PRO A 414 -15.71 -14.86 -17.94
CA PRO A 414 -14.81 -14.28 -16.94
C PRO A 414 -14.78 -15.07 -15.64
N ILE A 415 -14.45 -16.37 -15.76
CA ILE A 415 -14.31 -17.21 -14.58
C ILE A 415 -13.14 -16.70 -13.74
N THR A 416 -13.37 -16.54 -12.44
CA THR A 416 -12.36 -16.00 -11.54
C THR A 416 -11.84 -17.03 -10.55
N ASN A 417 -12.72 -17.78 -9.90
CA ASN A 417 -12.30 -18.79 -8.93
C ASN A 417 -12.72 -20.16 -9.43
N LEU A 418 -11.74 -21.03 -9.64
CA LEU A 418 -12.00 -22.42 -9.99
C LEU A 418 -11.42 -23.32 -8.91
N ASP A 419 -12.04 -24.47 -8.70
CA ASP A 419 -11.66 -25.33 -7.59
C ASP A 419 -11.92 -26.80 -7.94
N VAL A 420 -10.86 -27.59 -8.02
CA VAL A 420 -11.00 -29.03 -8.17
C VAL A 420 -10.14 -29.69 -7.10
N SER A 421 -9.98 -29.02 -5.96
CA SER A 421 -9.15 -29.57 -4.90
C SER A 421 -9.74 -30.86 -4.35
N PHE A 422 -8.86 -31.73 -3.87
CA PHE A 422 -9.22 -33.04 -3.32
C PHE A 422 -9.93 -33.89 -4.38
N ASN A 423 -9.19 -34.21 -5.43
CA ASN A 423 -9.72 -35.05 -6.49
C ASN A 423 -8.59 -35.89 -7.08
N GLU A 424 -8.92 -36.67 -8.10
CA GLU A 424 -7.99 -37.63 -8.69
C GLU A 424 -7.49 -37.16 -10.05
N LEU A 425 -7.27 -35.86 -10.21
CA LEU A 425 -6.80 -35.35 -11.49
C LEU A 425 -5.39 -35.83 -11.79
N THR A 426 -5.14 -36.13 -13.05
CA THR A 426 -3.81 -36.46 -13.53
C THR A 426 -3.30 -35.51 -14.60
N SER A 427 -4.18 -35.05 -15.49
CA SER A 427 -3.82 -34.09 -16.52
C SER A 427 -4.81 -32.93 -16.46
N PHE A 428 -4.30 -31.71 -16.35
CA PHE A 428 -5.13 -30.54 -16.16
C PHE A 428 -5.15 -29.67 -17.42
N PRO A 429 -6.26 -29.63 -18.16
CA PRO A 429 -6.34 -28.70 -19.28
C PRO A 429 -6.37 -27.25 -18.79
N THR A 430 -5.87 -26.35 -19.64
CA THR A 430 -5.79 -24.94 -19.31
C THR A 430 -6.34 -24.03 -20.40
N GLU A 431 -6.86 -24.58 -21.50
CA GLU A 431 -7.35 -23.74 -22.58
C GLU A 431 -8.55 -22.92 -22.12
N GLY A 432 -8.59 -21.67 -22.54
CA GLY A 432 -9.69 -20.79 -22.18
C GLY A 432 -9.78 -20.54 -20.69
N LEU A 433 -8.65 -20.31 -20.04
CA LEU A 433 -8.62 -20.14 -18.60
C LEU A 433 -7.75 -18.95 -18.19
N ASN A 434 -7.19 -18.22 -19.15
CA ASN A 434 -6.25 -17.15 -18.84
C ASN A 434 -6.87 -16.07 -17.97
N GLY A 435 -8.19 -15.94 -17.97
CA GLY A 435 -8.85 -14.92 -17.19
C GLY A 435 -9.00 -15.22 -15.72
N LEU A 436 -8.56 -16.39 -15.27
CA LEU A 436 -8.74 -16.76 -13.88
C LEU A 436 -7.94 -15.86 -12.95
N ASN A 437 -8.48 -15.64 -11.75
CA ASN A 437 -7.81 -14.84 -10.73
C ASN A 437 -7.30 -15.68 -9.57
N GLN A 438 -8.03 -16.72 -9.18
CA GLN A 438 -7.62 -17.56 -8.06
C GLN A 438 -7.97 -19.00 -8.36
N LEU A 439 -7.15 -19.92 -7.88
CA LEU A 439 -7.31 -21.33 -8.19
C LEU A 439 -6.61 -22.15 -7.13
N LYS A 440 -7.20 -23.30 -6.80
CA LYS A 440 -6.56 -24.26 -5.90
C LYS A 440 -6.62 -25.65 -6.50
N LEU A 441 -5.55 -26.41 -6.26
CA LEU A 441 -5.50 -27.81 -6.66
C LEU A 441 -5.07 -28.74 -5.54
N VAL A 442 -5.00 -28.28 -4.29
CA VAL A 442 -4.45 -29.09 -3.23
C VAL A 442 -5.24 -30.37 -3.08
N GLY A 443 -4.53 -31.45 -2.78
CA GLY A 443 -5.15 -32.76 -2.64
C GLY A 443 -5.08 -33.64 -3.86
N ASN A 444 -4.76 -33.08 -5.03
CA ASN A 444 -4.65 -33.87 -6.25
C ASN A 444 -3.27 -34.52 -6.30
N PHE A 445 -3.13 -35.62 -5.56
CA PHE A 445 -1.86 -36.31 -5.50
C PHE A 445 -1.44 -36.83 -6.85
N LYS A 446 -2.38 -37.38 -7.62
CA LYS A 446 -2.03 -37.89 -8.94
C LYS A 446 -1.54 -36.81 -9.87
N LEU A 447 -1.83 -35.55 -9.57
CA LEU A 447 -1.33 -34.43 -10.36
C LEU A 447 0.14 -34.23 -10.04
N LYS A 448 0.99 -34.92 -10.79
CA LYS A 448 2.43 -34.81 -10.63
C LYS A 448 3.07 -33.87 -11.64
N GLU A 449 2.28 -33.20 -12.47
CA GLU A 449 2.80 -32.34 -13.51
C GLU A 449 2.66 -30.87 -13.10
N ALA A 450 3.13 -29.98 -13.97
CA ALA A 450 3.09 -28.55 -13.75
C ALA A 450 2.27 -27.87 -14.84
N LEU A 451 2.17 -26.55 -14.76
CA LEU A 451 1.35 -25.77 -15.67
C LEU A 451 2.16 -24.64 -16.28
N ALA A 452 1.81 -24.27 -17.51
CA ALA A 452 2.52 -23.24 -18.24
C ALA A 452 1.94 -21.87 -17.90
N ALA A 453 2.83 -20.94 -17.51
CA ALA A 453 2.39 -19.60 -17.15
C ALA A 453 1.77 -18.85 -18.31
N LYS A 454 1.99 -19.31 -19.54
CA LYS A 454 1.41 -18.64 -20.70
C LYS A 454 -0.11 -18.70 -20.67
N ASP A 455 -0.68 -19.69 -19.99
CA ASP A 455 -2.13 -19.85 -19.92
C ASP A 455 -2.73 -19.28 -18.64
N PHE A 456 -1.90 -18.75 -17.75
CA PHE A 456 -2.37 -18.26 -16.46
C PHE A 456 -1.99 -16.80 -16.28
N VAL A 457 -2.30 -15.98 -17.28
CA VAL A 457 -1.77 -14.63 -17.35
C VAL A 457 -2.19 -13.81 -16.14
N ASN A 458 -3.47 -13.90 -15.76
CA ASN A 458 -4.03 -13.05 -14.71
C ASN A 458 -4.12 -13.76 -13.37
N LEU A 459 -3.53 -14.95 -13.23
CA LEU A 459 -3.60 -15.68 -11.97
C LEU A 459 -2.90 -14.90 -10.87
N ARG A 460 -3.51 -14.90 -9.69
CA ARG A 460 -2.92 -14.27 -8.51
C ARG A 460 -2.59 -15.26 -7.41
N SER A 461 -3.57 -16.04 -6.95
CA SER A 461 -3.37 -16.98 -5.86
C SER A 461 -3.52 -18.41 -6.36
N LEU A 462 -2.62 -19.27 -5.91
CA LEU A 462 -2.62 -20.67 -6.33
C LEU A 462 -2.14 -21.53 -5.17
N SER A 463 -2.68 -22.73 -5.06
CA SER A 463 -2.26 -23.69 -4.03
C SER A 463 -2.25 -25.07 -4.66
N VAL A 464 -1.06 -25.56 -5.00
CA VAL A 464 -0.90 -26.84 -5.68
C VAL A 464 -0.46 -27.89 -4.67
N PRO A 465 -0.71 -29.18 -4.93
CA PRO A 465 -0.31 -30.20 -3.95
C PRO A 465 1.19 -30.25 -3.70
N TYR A 466 2.01 -30.04 -4.73
CA TYR A 466 3.45 -30.11 -4.62
C TYR A 466 4.05 -28.75 -4.93
N ALA A 467 4.92 -28.27 -4.03
CA ALA A 467 5.46 -26.92 -4.19
C ALA A 467 6.23 -26.76 -5.49
N TYR A 468 6.77 -27.85 -6.02
CA TYR A 468 7.51 -27.77 -7.27
C TYR A 468 6.65 -27.30 -8.42
N GLN A 469 5.34 -27.54 -8.35
CA GLN A 469 4.44 -27.04 -9.38
C GLN A 469 4.37 -25.52 -9.38
N CYS A 470 4.76 -24.88 -8.28
CA CYS A 470 4.78 -23.43 -8.16
C CYS A 470 6.10 -22.81 -8.59
N CYS A 471 7.13 -23.61 -8.86
CA CYS A 471 8.40 -23.05 -9.28
C CYS A 471 8.32 -22.38 -10.64
N ALA A 472 7.35 -22.75 -11.47
CA ALA A 472 7.24 -22.15 -12.80
C ALA A 472 6.89 -20.67 -12.72
N PHE A 473 6.27 -20.23 -11.64
CA PHE A 473 5.88 -18.83 -11.50
C PHE A 473 6.73 -18.15 -10.44
N ILE A 520 1.30 -15.33 -8.76
CA ILE A 520 2.25 -14.53 -8.00
C ILE A 520 2.36 -15.09 -6.58
N HIS A 521 1.22 -15.35 -5.96
CA HIS A 521 1.17 -15.96 -4.64
C HIS A 521 0.96 -17.46 -4.78
N CYS A 522 1.71 -18.22 -3.99
CA CYS A 522 1.71 -19.67 -4.08
C CYS A 522 1.63 -20.29 -2.70
N THR A 523 1.20 -21.54 -2.66
CA THR A 523 1.09 -22.31 -1.43
C THR A 523 1.20 -23.80 -1.74
N PRO A 524 2.14 -24.51 -1.11
CA PRO A 524 3.17 -24.04 -0.18
C PRO A 524 4.35 -23.45 -0.94
N SER A 525 5.12 -22.56 -0.29
CA SER A 525 6.18 -21.84 -0.99
C SER A 525 7.34 -22.78 -1.34
N THR A 526 8.07 -22.39 -2.37
CA THR A 526 9.25 -23.13 -2.81
C THR A 526 10.45 -22.66 -1.99
N GLY A 527 10.52 -23.16 -0.77
CA GLY A 527 11.56 -22.76 0.15
C GLY A 527 12.92 -23.29 -0.25
N ALA A 528 13.94 -22.84 0.49
CA ALA A 528 15.31 -23.26 0.19
C ALA A 528 15.50 -24.75 0.37
N PHE A 529 14.67 -25.41 1.18
CA PHE A 529 14.71 -26.87 1.24
C PHE A 529 14.48 -27.47 -0.14
N LYS A 530 13.56 -26.87 -0.91
CA LYS A 530 13.20 -27.36 -2.24
C LYS A 530 13.40 -26.23 -3.23
N PRO A 531 14.60 -26.10 -3.80
CA PRO A 531 14.87 -25.00 -4.72
C PRO A 531 14.15 -25.15 -6.05
N CYS A 532 14.37 -24.22 -6.97
CA CYS A 532 13.68 -24.21 -8.25
C CYS A 532 14.55 -24.68 -9.41
N GLU A 533 15.71 -24.07 -9.61
CA GLU A 533 16.54 -24.37 -10.77
C GLU A 533 17.94 -24.83 -10.42
N TYR A 534 18.48 -24.44 -9.27
CA TYR A 534 19.84 -24.81 -8.88
C TYR A 534 19.78 -25.49 -7.53
N LEU A 535 20.25 -26.72 -7.47
CA LEU A 535 20.23 -27.48 -6.22
C LEU A 535 21.29 -27.00 -5.24
N LEU A 536 22.33 -26.33 -5.72
CA LEU A 536 23.47 -25.99 -4.88
C LEU A 536 23.66 -24.49 -4.79
N GLY A 537 22.57 -23.75 -4.59
CA GLY A 537 22.67 -22.31 -4.44
C GLY A 537 23.14 -21.61 -5.70
N SER A 538 24.37 -21.10 -5.66
CA SER A 538 24.94 -20.42 -6.82
C SER A 538 26.05 -21.26 -7.41
N TRP A 539 26.68 -20.76 -8.49
CA TRP A 539 27.65 -21.57 -9.22
C TRP A 539 28.90 -21.85 -8.39
N MET A 540 29.28 -20.90 -7.54
CA MET A 540 30.54 -21.06 -6.80
C MET A 540 30.44 -22.17 -5.76
N ILE A 541 29.28 -22.33 -5.12
CA ILE A 541 29.10 -23.44 -4.20
C ILE A 541 29.12 -24.76 -4.96
N ARG A 542 28.59 -24.75 -6.19
CA ARG A 542 28.70 -25.92 -7.04
C ARG A 542 30.17 -26.25 -7.32
N LEU A 543 30.97 -25.23 -7.58
CA LEU A 543 32.41 -25.45 -7.75
C LEU A 543 33.02 -26.00 -6.47
N THR A 544 32.58 -25.51 -5.32
CA THR A 544 33.10 -25.97 -4.05
C THR A 544 32.85 -27.46 -3.86
N VAL A 545 31.61 -27.89 -4.06
CA VAL A 545 31.30 -29.30 -3.89
C VAL A 545 31.98 -30.15 -4.97
N TRP A 546 32.08 -29.62 -6.19
CA TRP A 546 32.84 -30.31 -7.24
C TRP A 546 34.26 -30.59 -6.78
N PHE A 547 34.94 -29.54 -6.31
CA PHE A 547 36.32 -29.66 -5.84
C PHE A 547 36.42 -30.66 -4.70
N ILE A 548 35.48 -30.61 -3.76
CA ILE A 548 35.45 -31.57 -2.67
C ILE A 548 35.40 -32.99 -3.25
N PHE A 549 34.54 -33.21 -4.25
CA PHE A 549 34.35 -34.55 -4.78
C PHE A 549 35.57 -35.05 -5.52
N LEU A 550 36.18 -34.21 -6.38
CA LEU A 550 37.39 -34.65 -7.07
C LEU A 550 38.50 -34.98 -6.09
N VAL A 551 38.76 -34.10 -5.11
CA VAL A 551 39.88 -34.37 -4.20
C VAL A 551 39.59 -35.60 -3.35
N ALA A 552 38.35 -35.77 -2.89
CA ALA A 552 38.02 -36.94 -2.10
C ALA A 552 38.26 -38.21 -2.90
N LEU A 553 37.74 -38.26 -4.13
CA LEU A 553 37.88 -39.46 -4.95
C LEU A 553 39.35 -39.77 -5.24
N PHE A 554 40.11 -38.74 -5.62
CA PHE A 554 41.49 -38.99 -6.05
C PHE A 554 42.37 -39.41 -4.88
N PHE A 555 42.28 -38.66 -3.78
CA PHE A 555 43.07 -39.04 -2.57
C PHE A 555 42.64 -40.43 -2.14
N ASN A 556 41.33 -40.71 -2.24
CA ASN A 556 40.83 -42.01 -1.83
C ASN A 556 41.46 -43.12 -2.62
N LEU A 557 41.43 -43.02 -3.95
CA LEU A 557 41.95 -44.09 -4.79
C LEU A 557 43.45 -44.26 -4.57
N LEU A 558 44.17 -43.15 -4.41
CA LEU A 558 45.59 -43.25 -4.10
C LEU A 558 45.81 -43.95 -2.76
N VAL A 559 44.98 -43.65 -1.77
CA VAL A 559 45.13 -44.29 -0.46
C VAL A 559 44.87 -45.79 -0.57
N ILE A 560 43.83 -46.19 -1.30
CA ILE A 560 43.57 -47.61 -1.48
C ILE A 560 44.73 -48.29 -2.18
N LEU A 561 45.27 -47.66 -3.23
CA LEU A 561 46.40 -48.23 -3.93
C LEU A 561 47.57 -48.45 -2.98
N THR A 562 47.93 -47.42 -2.21
CA THR A 562 49.07 -47.56 -1.31
C THR A 562 48.81 -48.62 -0.23
N THR A 563 47.59 -48.64 0.32
CA THR A 563 47.32 -49.50 1.46
C THR A 563 47.24 -50.97 1.05
N PHE A 564 46.54 -51.27 -0.04
CA PHE A 564 46.20 -52.66 -0.34
C PHE A 564 46.79 -53.19 -1.64
N ALA A 565 47.31 -52.33 -2.51
CA ALA A 565 47.98 -52.84 -3.71
C ALA A 565 49.23 -53.64 -3.36
N SER A 566 49.85 -53.33 -2.22
CA SER A 566 51.01 -54.07 -1.76
C SER A 566 50.55 -55.32 -1.02
N CYS A 567 51.04 -56.48 -1.45
CA CYS A 567 50.67 -57.75 -0.83
C CYS A 567 51.55 -57.96 0.41
N THR A 568 51.16 -57.29 1.49
CA THR A 568 51.88 -57.33 2.74
C THR A 568 50.99 -57.94 3.82
N SER A 569 51.49 -57.93 5.06
CA SER A 569 50.71 -58.44 6.19
C SER A 569 49.46 -57.62 6.46
N LEU A 570 49.44 -56.36 6.03
CA LEU A 570 48.32 -55.45 6.23
C LEU A 570 47.96 -55.40 7.72
N PRO A 571 48.76 -54.75 8.55
CA PRO A 571 48.47 -54.70 9.99
C PRO A 571 47.15 -54.00 10.27
N SER A 572 46.76 -54.03 11.55
CA SER A 572 45.46 -53.52 11.94
C SER A 572 45.31 -52.04 11.62
N SER A 573 46.37 -51.26 11.82
CA SER A 573 46.31 -49.84 11.51
C SER A 573 46.06 -49.58 10.03
N LYS A 574 46.78 -50.30 9.16
CA LYS A 574 46.59 -50.13 7.73
C LYS A 574 45.18 -50.53 7.30
N LEU A 575 44.67 -51.64 7.86
CA LEU A 575 43.31 -52.07 7.54
C LEU A 575 42.29 -51.04 8.00
N PHE A 576 42.49 -50.46 9.19
CA PHE A 576 41.56 -49.44 9.68
C PHE A 576 41.58 -48.20 8.79
N ILE A 577 42.77 -47.77 8.40
CA ILE A 577 42.88 -46.64 7.47
C ILE A 577 42.16 -46.97 6.18
N GLY A 578 42.35 -48.19 5.67
CA GLY A 578 41.69 -48.58 4.45
C GLY A 578 40.17 -48.55 4.55
N LEU A 579 39.63 -49.09 5.65
CA LEU A 579 38.16 -49.14 5.77
C LEU A 579 37.56 -47.76 5.99
N ILE A 580 38.24 -46.90 6.74
CA ILE A 580 37.79 -45.51 6.84
C ILE A 580 37.84 -44.86 5.46
N SER A 581 38.84 -45.22 4.66
CA SER A 581 38.89 -44.73 3.29
C SER A 581 37.74 -45.26 2.45
N VAL A 582 37.28 -46.50 2.70
CA VAL A 582 36.12 -47.01 1.98
C VAL A 582 34.86 -46.23 2.34
N SER A 583 34.70 -45.92 3.64
CA SER A 583 33.63 -45.03 4.04
C SER A 583 33.75 -43.70 3.28
N ASN A 584 34.98 -43.25 3.09
CA ASN A 584 35.20 -42.07 2.27
C ASN A 584 34.78 -42.29 0.82
N LEU A 585 34.96 -43.51 0.33
CA LEU A 585 34.50 -43.83 -1.04
C LEU A 585 33.00 -43.53 -1.09
N PHE A 586 32.22 -44.09 -0.15
CA PHE A 586 30.78 -43.89 -0.23
C PHE A 586 30.40 -42.42 -0.06
N MET A 587 31.05 -41.70 0.84
CA MET A 587 30.80 -40.26 0.94
C MET A 587 31.02 -39.55 -0.40
N GLY A 588 32.17 -39.79 -1.02
CA GLY A 588 32.48 -39.13 -2.27
C GLY A 588 31.54 -39.54 -3.39
N ILE A 589 31.14 -40.81 -3.41
CA ILE A 589 30.21 -41.27 -4.42
C ILE A 589 28.86 -40.57 -4.26
N TYR A 590 28.39 -40.44 -3.02
CA TYR A 590 27.11 -39.76 -2.80
C TYR A 590 27.20 -38.31 -3.26
N THR A 591 28.27 -37.61 -2.87
CA THR A 591 28.40 -36.22 -3.26
C THR A 591 28.50 -36.08 -4.78
N GLY A 592 29.27 -36.95 -5.42
CA GLY A 592 29.43 -36.88 -6.87
C GLY A 592 28.14 -37.17 -7.60
N ILE A 593 27.34 -38.09 -7.06
CA ILE A 593 26.01 -38.34 -7.70
C ILE A 593 25.20 -37.04 -7.60
N LEU A 594 25.21 -36.42 -6.41
CA LEU A 594 24.46 -35.16 -6.23
C LEU A 594 24.84 -34.20 -7.35
N THR A 595 26.14 -33.90 -7.48
CA THR A 595 26.59 -32.97 -8.53
C THR A 595 26.06 -33.48 -9.86
N PHE A 596 26.33 -34.74 -10.19
CA PHE A 596 25.90 -35.23 -11.49
C PHE A 596 24.45 -34.89 -11.74
N LEU A 597 23.60 -35.13 -10.74
CA LEU A 597 22.19 -34.80 -10.88
C LEU A 597 22.00 -33.30 -11.08
N ASP A 598 22.71 -32.49 -10.31
CA ASP A 598 22.57 -31.04 -10.44
C ASP A 598 22.99 -30.57 -11.81
N ALA A 599 24.09 -31.10 -12.33
CA ALA A 599 24.53 -30.74 -13.67
C ALA A 599 23.52 -31.16 -14.72
N VAL A 600 22.90 -32.33 -14.54
CA VAL A 600 21.85 -32.75 -15.45
C VAL A 600 20.72 -31.74 -15.46
N SER A 601 20.39 -31.19 -14.29
CA SER A 601 19.29 -30.24 -14.14
C SER A 601 19.80 -28.81 -14.09
N TRP A 602 20.84 -28.49 -14.85
CA TRP A 602 21.37 -27.13 -14.90
C TRP A 602 20.29 -26.16 -15.33
N GLY A 603 19.83 -25.31 -14.42
CA GLY A 603 18.77 -24.38 -14.70
C GLY A 603 17.40 -24.99 -14.87
N ARG A 604 17.27 -26.31 -14.72
CA ARG A 604 15.99 -26.99 -14.90
C ARG A 604 15.79 -28.03 -13.80
N PHE A 605 16.08 -27.65 -12.55
CA PHE A 605 15.89 -28.57 -11.44
C PHE A 605 14.43 -28.91 -11.23
N ALA A 606 13.54 -27.94 -11.44
CA ALA A 606 12.12 -28.17 -11.17
C ALA A 606 11.56 -29.29 -12.02
N GLU A 607 12.09 -29.48 -13.24
CA GLU A 607 11.61 -30.56 -14.09
C GLU A 607 11.87 -31.92 -13.46
N PHE A 608 13.05 -32.12 -12.89
CA PHE A 608 13.41 -33.39 -12.28
C PHE A 608 13.02 -33.48 -10.81
N GLY A 609 12.54 -32.39 -10.22
CA GLY A 609 12.30 -32.34 -8.78
C GLY A 609 11.40 -33.44 -8.23
N ILE A 610 10.13 -33.43 -8.64
CA ILE A 610 9.18 -34.41 -8.10
C ILE A 610 9.59 -35.82 -8.49
N TRP A 611 10.01 -36.01 -9.74
CA TRP A 611 10.39 -37.34 -10.20
C TRP A 611 11.51 -37.92 -9.35
N TRP A 612 12.51 -37.10 -9.03
CA TRP A 612 13.58 -37.55 -8.14
C TRP A 612 13.05 -37.80 -6.74
N GLU A 613 12.25 -36.88 -6.23
CA GLU A 613 11.87 -36.93 -4.81
C GLU A 613 11.02 -38.16 -4.52
N THR A 614 9.97 -38.39 -5.30
CA THR A 614 9.17 -39.58 -5.09
C THR A 614 9.86 -40.82 -5.63
N GLY A 615 10.83 -40.66 -6.52
CA GLY A 615 11.47 -41.80 -7.15
C GLY A 615 12.38 -42.55 -6.21
N SER A 616 12.80 -43.73 -6.67
CA SER A 616 13.71 -44.55 -5.89
C SER A 616 15.10 -43.94 -5.77
N GLY A 617 15.45 -43.01 -6.66
CA GLY A 617 16.77 -42.41 -6.61
C GLY A 617 17.02 -41.64 -5.33
N CYS A 618 16.01 -40.89 -4.87
CA CYS A 618 16.18 -40.14 -3.62
C CYS A 618 16.39 -41.08 -2.45
N LYS A 619 15.62 -42.16 -2.39
CA LYS A 619 15.80 -43.13 -1.31
C LYS A 619 17.19 -43.76 -1.38
N VAL A 620 17.63 -44.12 -2.58
CA VAL A 620 18.94 -44.75 -2.73
C VAL A 620 20.03 -43.80 -2.25
N ALA A 621 19.99 -42.55 -2.71
CA ALA A 621 21.02 -41.59 -2.34
C ALA A 621 21.00 -41.30 -0.84
N GLY A 622 19.80 -41.12 -0.27
CA GLY A 622 19.72 -40.85 1.16
C GLY A 622 20.22 -42.00 2.00
N PHE A 623 19.82 -43.23 1.66
CA PHE A 623 20.31 -44.38 2.38
C PHE A 623 21.82 -44.52 2.25
N LEU A 624 22.34 -44.30 1.05
CA LEU A 624 23.79 -44.40 0.85
C LEU A 624 24.53 -43.38 1.69
N ALA A 625 24.06 -42.13 1.69
CA ALA A 625 24.73 -41.09 2.47
C ALA A 625 24.65 -41.39 3.96
N VAL A 626 23.47 -41.78 4.46
CA VAL A 626 23.33 -42.07 5.88
C VAL A 626 24.22 -43.24 6.27
N PHE A 627 24.22 -44.30 5.47
CA PHE A 627 25.07 -45.45 5.76
C PHE A 627 26.53 -45.07 5.76
N SER A 628 26.95 -44.28 4.78
CA SER A 628 28.36 -43.90 4.70
C SER A 628 28.77 -43.07 5.91
N SER A 629 27.96 -42.10 6.31
CA SER A 629 28.29 -41.29 7.47
C SER A 629 28.37 -42.14 8.73
N GLU A 630 27.32 -42.92 8.99
CA GLU A 630 27.29 -43.72 10.20
C GLU A 630 28.41 -44.74 10.22
N SER A 631 28.72 -45.34 9.06
CA SER A 631 29.79 -46.32 8.98
C SER A 631 31.14 -45.67 9.21
N ALA A 632 31.35 -44.46 8.70
CA ALA A 632 32.59 -43.75 8.99
C ALA A 632 32.74 -43.54 10.48
N ILE A 633 31.68 -43.07 11.14
CA ILE A 633 31.77 -42.80 12.57
C ILE A 633 32.02 -44.09 13.36
N PHE A 634 31.33 -45.18 12.97
CA PHE A 634 31.47 -46.43 13.68
C PHE A 634 32.85 -47.05 13.46
N LEU A 635 33.37 -46.97 12.24
CA LEU A 635 34.73 -47.42 11.99
C LEU A 635 35.72 -46.60 12.79
N LEU A 636 35.44 -45.31 12.97
CA LEU A 636 36.32 -44.49 13.79
C LEU A 636 36.32 -44.94 15.25
N MET A 637 35.14 -45.22 15.82
CA MET A 637 35.15 -45.71 17.20
C MET A 637 35.82 -47.08 17.29
N LEU A 638 35.62 -47.93 16.29
CA LEU A 638 36.28 -49.23 16.32
C LEU A 638 37.79 -49.08 16.27
N ALA A 639 38.30 -48.18 15.43
CA ALA A 639 39.73 -47.96 15.36
C ALA A 639 40.27 -47.41 16.66
N THR A 640 39.57 -46.46 17.28
CA THR A 640 40.03 -45.89 18.54
C THR A 640 40.03 -46.95 19.64
N VAL A 641 38.99 -47.78 19.70
CA VAL A 641 38.92 -48.83 20.71
C VAL A 641 40.03 -49.84 20.50
N GLU A 642 40.29 -50.21 19.24
CA GLU A 642 41.36 -51.15 18.96
C GLU A 642 42.72 -50.58 19.34
N ARG A 643 42.96 -49.31 19.04
CA ARG A 643 44.23 -48.69 19.42
C ARG A 643 44.38 -48.64 20.93
N SER A 644 43.29 -48.33 21.64
CA SER A 644 43.35 -48.30 23.09
C SER A 644 43.61 -49.69 23.65
N LEU A 645 43.00 -50.71 23.07
CA LEU A 645 43.26 -52.08 23.51
C LEU A 645 44.71 -52.46 23.25
N SER A 646 45.26 -52.04 22.10
CA SER A 646 46.66 -52.30 21.82
C SER A 646 47.57 -51.63 22.83
N ALA A 647 47.26 -50.37 23.19
CA ALA A 647 48.07 -49.69 24.20
C ALA A 647 47.94 -50.35 25.56
N LYS A 648 46.72 -50.76 25.92
CA LYS A 648 46.51 -51.43 27.21
C LYS A 648 47.27 -52.73 27.28
N ASP A 649 47.27 -53.51 26.20
CA ASP A 649 48.07 -54.73 26.16
C ASP A 649 49.56 -54.40 26.19
N ILE A 650 49.95 -53.30 25.54
CA ILE A 650 51.36 -52.89 25.55
C ILE A 650 51.83 -52.66 26.99
N MET A 651 51.00 -51.99 27.79
CA MET A 651 51.39 -51.76 29.18
C MET A 651 50.97 -52.88 30.12
N LYS A 652 50.27 -53.91 29.63
CA LYS A 652 49.77 -54.96 30.50
C LYS A 652 50.34 -56.33 30.19
N ASN A 653 50.24 -56.80 28.94
CA ASN A 653 50.64 -58.15 28.58
C ASN A 653 51.79 -58.19 27.58
N GLY A 654 51.69 -57.44 26.48
CA GLY A 654 52.72 -57.41 25.46
C GLY A 654 52.26 -57.77 24.07
N LYS A 655 51.04 -58.32 23.93
CA LYS A 655 50.52 -58.71 22.63
C LYS A 655 49.00 -58.57 22.63
N SER A 656 48.47 -57.96 21.57
CA SER A 656 47.03 -57.78 21.41
C SER A 656 46.63 -58.20 20.01
N ASN A 657 45.59 -59.04 19.92
CA ASN A 657 45.07 -59.44 18.62
C ASN A 657 43.63 -59.89 18.80
N HIS A 658 42.70 -59.11 18.27
CA HIS A 658 41.29 -59.46 18.19
C HIS A 658 40.79 -59.30 16.76
N LEU A 659 41.55 -59.90 15.82
CA LEU A 659 41.28 -59.68 14.40
C LEU A 659 39.86 -60.12 14.04
N LYS A 660 39.51 -61.36 14.39
CA LYS A 660 38.16 -61.85 14.11
C LYS A 660 37.11 -61.08 14.89
N GLN A 661 37.39 -60.77 16.17
CA GLN A 661 36.44 -60.04 16.99
C GLN A 661 36.18 -58.66 16.42
N PHE A 662 37.25 -57.97 15.99
CA PHE A 662 37.09 -56.62 15.43
C PHE A 662 36.43 -56.66 14.06
N ARG A 663 36.70 -57.69 13.26
CA ARG A 663 35.97 -57.85 12.01
C ARG A 663 34.47 -58.04 12.27
N VAL A 664 34.13 -58.86 13.27
CA VAL A 664 32.74 -59.07 13.63
C VAL A 664 32.10 -57.76 14.10
N ALA A 665 32.84 -57.00 14.91
CA ALA A 665 32.33 -55.71 15.37
C ALA A 665 32.11 -54.75 14.21
N ALA A 666 33.03 -54.74 13.23
CA ALA A 666 32.85 -53.90 12.06
C ALA A 666 31.63 -54.30 11.27
N LEU A 667 31.41 -55.60 11.10
CA LEU A 667 30.22 -56.06 10.38
C LEU A 667 28.95 -55.70 11.14
N LEU A 668 28.98 -55.81 12.47
CA LEU A 668 27.82 -55.41 13.27
C LEU A 668 27.55 -53.91 13.14
N ALA A 669 28.62 -53.11 13.10
CA ALA A 669 28.44 -51.67 12.89
C ALA A 669 27.83 -51.39 11.53
N PHE A 670 28.28 -52.12 10.50
CA PHE A 670 27.66 -51.98 9.18
C PHE A 670 26.19 -52.35 9.24
N LEU A 671 25.86 -53.41 9.98
CA LEU A 671 24.47 -53.80 10.14
C LEU A 671 23.65 -52.71 10.80
N GLY A 672 24.18 -52.11 11.86
CA GLY A 672 23.47 -51.03 12.52
C GLY A 672 23.26 -49.83 11.61
N ALA A 673 24.31 -49.48 10.84
CA ALA A 673 24.20 -48.36 9.91
C ALA A 673 23.15 -48.62 8.84
N THR A 674 23.15 -49.84 8.29
CA THR A 674 22.17 -50.17 7.26
C THR A 674 20.76 -50.19 7.84
N VAL A 675 20.61 -50.66 9.07
CA VAL A 675 19.30 -50.65 9.72
C VAL A 675 18.81 -49.22 9.89
N ALA A 676 19.70 -48.33 10.36
CA ALA A 676 19.31 -46.93 10.52
C ALA A 676 18.93 -46.31 9.18
N GLY A 677 19.70 -46.63 8.14
CA GLY A 677 19.40 -46.07 6.82
C GLY A 677 18.09 -46.58 6.26
N CYS A 678 17.78 -47.85 6.48
CA CYS A 678 16.55 -48.44 5.95
C CYS A 678 15.33 -48.15 6.81
N PHE A 679 15.52 -47.70 8.05
CA PHE A 679 14.37 -47.38 8.91
C PHE A 679 13.43 -46.36 8.29
N PRO A 680 13.89 -45.23 7.74
CA PRO A 680 12.94 -44.30 7.11
C PRO A 680 12.17 -44.89 5.95
N LEU A 681 12.71 -45.92 5.29
CA LEU A 681 12.05 -46.50 4.13
C LEU A 681 10.71 -47.10 4.52
N PHE A 682 10.65 -47.79 5.66
CA PHE A 682 9.43 -48.49 6.04
C PHE A 682 8.32 -47.54 6.49
N HIS A 683 8.63 -46.27 6.78
CA HIS A 683 7.64 -45.34 7.27
C HIS A 683 7.01 -44.48 6.17
N ARG A 684 7.45 -44.65 4.93
CA ARG A 684 6.76 -44.13 3.74
C ARG A 684 6.60 -42.60 3.80
N GLY A 685 7.75 -41.93 3.70
CA GLY A 685 7.73 -40.49 3.53
C GLY A 685 8.79 -39.71 4.28
N GLU A 686 9.61 -40.42 5.08
CA GLU A 686 10.64 -39.73 5.83
C GLU A 686 11.76 -39.21 4.93
N TYR A 687 12.14 -40.00 3.92
CA TYR A 687 13.31 -39.66 3.11
C TYR A 687 13.04 -38.56 2.10
N SER A 688 11.81 -38.45 1.59
CA SER A 688 11.50 -37.51 0.53
C SER A 688 11.22 -36.10 1.04
N ALA A 689 11.63 -35.79 2.27
CA ALA A 689 11.37 -34.45 2.82
C ALA A 689 12.09 -33.38 2.02
N SER A 690 13.33 -33.63 1.61
CA SER A 690 14.11 -32.68 0.84
C SER A 690 14.74 -33.38 -0.35
N PRO A 691 15.03 -32.64 -1.43
CA PRO A 691 15.73 -33.26 -2.56
C PRO A 691 17.09 -33.81 -2.18
N LEU A 692 17.72 -33.26 -1.15
CA LEU A 692 18.98 -33.81 -0.69
C LEU A 692 18.81 -35.17 -0.03
N CYS A 693 17.57 -35.51 0.37
CA CYS A 693 17.26 -36.79 1.00
C CYS A 693 18.11 -37.00 2.25
N LEU A 694 17.95 -36.06 3.19
CA LEU A 694 18.72 -36.02 4.43
C LEU A 694 17.78 -35.81 5.61
N PRO A 695 17.94 -36.59 6.68
CA PRO A 695 17.08 -36.43 7.86
C PRO A 695 17.14 -35.02 8.43
N PHE A 696 15.98 -34.37 8.46
CA PHE A 696 15.77 -33.03 9.00
C PHE A 696 14.50 -33.01 9.82
N PRO A 697 14.41 -32.10 10.79
CA PRO A 697 13.17 -31.91 11.57
C PRO A 697 12.20 -30.94 10.90
N THR A 698 11.95 -31.14 9.61
CA THR A 698 11.06 -30.28 8.84
C THR A 698 9.74 -30.96 8.48
N GLY A 699 9.77 -32.24 8.13
CA GLY A 699 8.56 -32.97 7.79
C GLY A 699 8.11 -33.88 8.91
N GLU A 700 8.41 -35.17 8.80
CA GLU A 700 8.08 -36.12 9.86
C GLU A 700 8.88 -35.78 11.10
N THR A 701 8.22 -35.23 12.12
CA THR A 701 8.90 -34.73 13.31
C THR A 701 9.33 -35.84 14.28
N PRO A 702 8.42 -36.73 14.75
CA PRO A 702 8.78 -37.62 15.87
C PRO A 702 9.92 -38.58 15.56
N SER A 703 9.78 -39.38 14.50
CA SER A 703 10.78 -40.39 14.19
C SER A 703 12.12 -39.75 13.83
N LEU A 704 12.09 -38.70 13.02
CA LEU A 704 13.34 -38.04 12.62
C LEU A 704 14.03 -37.40 13.83
N GLY A 705 13.25 -36.79 14.72
CA GLY A 705 13.83 -36.24 15.93
C GLY A 705 14.42 -37.31 16.83
N PHE A 706 13.73 -38.45 16.94
CA PHE A 706 14.26 -39.54 17.75
C PHE A 706 15.56 -40.08 17.18
N THR A 707 15.62 -40.24 15.85
CA THR A 707 16.86 -40.71 15.23
C THR A 707 17.97 -39.68 15.39
N VAL A 708 17.64 -38.40 15.29
CA VAL A 708 18.65 -37.35 15.49
C VAL A 708 19.18 -37.39 16.91
N THR A 709 18.29 -37.56 17.89
CA THR A 709 18.74 -37.65 19.28
C THR A 709 19.62 -38.87 19.49
N LEU A 710 19.25 -40.01 18.88
CA LEU A 710 20.07 -41.21 19.03
C LEU A 710 21.44 -41.04 18.42
N VAL A 711 21.52 -40.47 17.21
CA VAL A 711 22.83 -40.29 16.59
C VAL A 711 23.64 -39.26 17.36
N LEU A 712 23.00 -38.22 17.90
CA LEU A 712 23.71 -37.25 18.73
C LEU A 712 24.27 -37.91 19.99
N LEU A 713 23.47 -38.79 20.61
CA LEU A 713 23.94 -39.47 21.81
C LEU A 713 25.13 -40.35 21.52
N ASN A 714 25.07 -41.12 20.42
CA ASN A 714 26.22 -41.98 20.12
C ASN A 714 27.43 -41.16 19.70
N SER A 715 27.22 -40.01 19.05
CA SER A 715 28.35 -39.16 18.68
C SER A 715 29.00 -38.54 19.90
N LEU A 716 28.21 -38.10 20.88
CA LEU A 716 28.81 -37.52 22.08
C LEU A 716 29.52 -38.59 22.91
N ALA A 717 28.95 -39.79 23.00
CA ALA A 717 29.63 -40.88 23.68
C ALA A 717 30.94 -41.23 22.95
N PHE A 718 30.91 -41.22 21.62
CA PHE A 718 32.11 -41.45 20.83
C PHE A 718 33.16 -40.38 21.11
N LEU A 719 32.76 -39.12 21.16
CA LEU A 719 33.70 -38.05 21.47
C LEU A 719 34.31 -38.25 22.85
N LEU A 720 33.48 -38.59 23.85
CA LEU A 720 33.97 -38.79 25.20
C LEU A 720 35.00 -39.92 25.25
N MET A 721 34.66 -41.07 24.66
CA MET A 721 35.57 -42.21 24.76
C MET A 721 36.82 -42.01 23.90
N ALA A 722 36.72 -41.26 22.80
CA ALA A 722 37.90 -40.98 21.99
C ALA A 722 38.83 -40.02 22.72
N VAL A 723 38.27 -38.99 23.37
CA VAL A 723 39.09 -38.08 24.16
C VAL A 723 39.76 -38.83 25.31
N ILE A 724 39.02 -39.72 25.98
CA ILE A 724 39.60 -40.49 27.07
C ILE A 724 40.73 -41.37 26.54
N TYR A 725 40.55 -42.00 25.39
CA TYR A 725 41.58 -42.87 24.84
C TYR A 725 42.81 -42.08 24.42
N THR A 726 42.61 -40.90 23.81
CA THR A 726 43.77 -40.08 23.46
C THR A 726 44.50 -39.58 24.70
N LYS A 727 43.76 -39.27 25.76
CA LYS A 727 44.38 -38.91 27.03
C LYS A 727 45.20 -40.07 27.57
N LEU A 728 44.67 -41.30 27.45
CA LEU A 728 45.42 -42.48 27.87
C LEU A 728 46.69 -42.65 27.03
N TYR A 729 46.59 -42.41 25.72
CA TYR A 729 47.78 -42.49 24.86
C TYR A 729 48.82 -41.47 25.29
N CYS A 730 48.39 -40.25 25.61
CA CYS A 730 49.32 -39.23 26.08
C CYS A 730 49.95 -39.62 27.41
N ASN A 731 49.16 -40.24 28.30
CA ASN A 731 49.67 -40.68 29.58
C ASN A 731 50.72 -41.78 29.44
N LEU A 732 50.78 -42.46 28.30
CA LEU A 732 51.79 -43.47 28.05
C LEU A 732 53.12 -42.77 27.82
N GLU A 733 53.96 -42.71 28.86
CA GLU A 733 55.23 -42.02 28.76
C GLU A 733 56.15 -42.69 27.74
N LYS A 734 56.18 -44.02 27.73
CA LYS A 734 57.06 -44.75 26.81
C LYS A 734 56.71 -44.45 25.37
N GLU A 735 55.44 -44.58 25.01
CA GLU A 735 55.02 -44.31 23.63
C GLU A 735 55.21 -42.84 23.28
N ASP A 736 54.87 -41.94 24.20
CA ASP A 736 54.96 -40.52 23.92
C ASP A 736 56.40 -40.08 23.67
N LEU A 737 57.30 -40.42 24.60
CA LEU A 737 58.68 -39.93 24.52
C LEU A 737 59.42 -40.53 23.33
N SER A 738 59.17 -41.79 23.01
CA SER A 738 59.89 -42.44 21.91
C SER A 738 59.41 -41.91 20.57
N GLU A 739 60.22 -42.16 19.54
CA GLU A 739 59.91 -41.76 18.17
C GLU A 739 59.48 -42.96 17.33
N ASN A 740 58.71 -43.87 17.92
CA ASN A 740 58.26 -45.06 17.22
C ASN A 740 57.34 -44.69 16.06
N SER A 741 57.37 -45.50 15.01
CA SER A 741 56.56 -45.24 13.83
C SER A 741 55.08 -45.39 14.11
N GLN A 742 54.70 -46.29 15.02
CA GLN A 742 53.29 -46.48 15.34
C GLN A 742 52.66 -45.21 15.87
N SER A 743 53.40 -44.41 16.63
CA SER A 743 52.87 -43.16 17.14
C SER A 743 52.50 -42.20 16.01
N SER A 744 53.14 -42.33 14.85
CA SER A 744 52.80 -41.45 13.73
C SER A 744 51.35 -41.65 13.31
N MET A 745 50.94 -42.90 13.05
CA MET A 745 49.54 -43.11 12.71
C MET A 745 48.63 -43.02 13.92
N ILE A 746 49.15 -43.22 15.14
CA ILE A 746 48.34 -42.96 16.32
C ILE A 746 47.91 -41.49 16.36
N LYS A 747 48.89 -40.59 16.21
CA LYS A 747 48.57 -39.17 16.14
C LYS A 747 47.72 -38.86 14.91
N HIS A 748 47.95 -39.57 13.81
CA HIS A 748 47.17 -39.33 12.61
C HIS A 748 45.68 -39.62 12.85
N VAL A 749 45.37 -40.77 13.41
CA VAL A 749 43.98 -41.08 13.71
C VAL A 749 43.46 -40.15 14.81
N ALA A 750 44.32 -39.68 15.70
CA ALA A 750 43.89 -38.70 16.69
C ALA A 750 43.42 -37.42 16.01
N TRP A 751 44.20 -36.90 15.06
CA TRP A 751 43.77 -35.71 14.34
C TRP A 751 42.49 -36.00 13.56
N LEU A 752 42.38 -37.22 13.02
CA LEU A 752 41.15 -37.55 12.28
C LEU A 752 39.93 -37.45 13.18
N ILE A 753 39.95 -38.12 14.33
CA ILE A 753 38.78 -38.09 15.21
C ILE A 753 38.50 -36.66 15.66
N PHE A 754 39.55 -35.91 16.01
CA PHE A 754 39.33 -34.55 16.48
C PHE A 754 38.68 -33.70 15.39
N THR A 755 39.17 -33.81 14.16
CA THR A 755 38.62 -33.01 13.07
C THR A 755 37.18 -33.42 12.76
N ASN A 756 36.91 -34.73 12.73
CA ASN A 756 35.55 -35.17 12.42
C ASN A 756 34.57 -34.69 13.47
N CYS A 757 34.93 -34.80 14.75
CA CYS A 757 34.03 -34.32 15.80
C CYS A 757 33.84 -32.82 15.72
N ILE A 758 34.93 -32.07 15.51
CA ILE A 758 34.85 -30.62 15.44
C ILE A 758 33.93 -30.20 14.30
N PHE A 759 34.07 -30.84 13.15
CA PHE A 759 33.26 -30.45 12.00
C PHE A 759 31.85 -30.98 12.10
N PHE A 760 31.63 -32.06 12.86
CA PHE A 760 30.29 -32.55 13.09
C PHE A 760 29.51 -31.61 14.00
N CYS A 761 30.19 -30.99 14.96
CA CYS A 761 29.51 -30.14 15.94
C CYS A 761 28.61 -29.08 15.33
N PRO A 762 29.03 -28.30 14.34
CA PRO A 762 28.10 -27.34 13.73
C PRO A 762 26.89 -27.99 13.10
N VAL A 763 27.06 -29.16 12.49
CA VAL A 763 25.92 -29.86 11.91
C VAL A 763 24.92 -30.23 12.99
N ALA A 764 25.42 -30.72 14.12
CA ALA A 764 24.55 -31.02 15.25
C ALA A 764 23.85 -29.77 15.75
N PHE A 765 24.58 -28.66 15.82
CA PHE A 765 24.00 -27.40 16.28
C PHE A 765 22.86 -26.96 15.37
N PHE A 766 23.08 -27.01 14.06
CA PHE A 766 22.06 -26.55 13.13
C PHE A 766 20.95 -27.57 12.91
N SER A 767 21.16 -28.82 13.32
CA SER A 767 20.07 -29.79 13.29
C SER A 767 19.20 -29.67 14.54
N PHE A 768 19.81 -29.35 15.67
CA PHE A 768 19.05 -29.14 16.90
C PHE A 768 18.44 -27.76 16.98
N ALA A 769 18.89 -26.82 16.15
CA ALA A 769 18.27 -25.49 16.12
C ALA A 769 16.79 -25.55 15.80
N PRO A 770 16.32 -26.28 14.79
CA PRO A 770 14.87 -26.42 14.62
C PRO A 770 14.19 -27.10 15.78
N LEU A 771 14.92 -27.90 16.57
CA LEU A 771 14.32 -28.58 17.70
C LEU A 771 14.06 -27.63 18.87
N ILE A 772 14.84 -26.57 18.99
CA ILE A 772 14.74 -25.67 20.13
C ILE A 772 13.95 -24.43 19.75
N THR A 773 13.96 -24.09 18.45
CA THR A 773 13.28 -22.91 17.91
C THR A 773 13.54 -21.67 18.76
N ALA A 774 14.79 -21.52 19.21
CA ALA A 774 15.15 -20.35 19.99
C ALA A 774 15.17 -19.09 19.13
N ILE A 775 15.78 -19.18 17.94
CA ILE A 775 15.86 -18.06 17.02
C ILE A 775 15.31 -18.51 15.67
N SER A 776 14.86 -17.54 14.89
CA SER A 776 14.35 -17.84 13.55
C SER A 776 15.51 -18.18 12.63
N ILE A 777 15.46 -19.38 12.06
CA ILE A 777 16.51 -19.89 11.18
C ILE A 777 15.89 -20.15 9.81
N SER A 778 16.14 -19.25 8.87
CA SER A 778 15.62 -19.41 7.52
C SER A 778 16.30 -20.60 6.85
N PRO A 779 15.59 -21.35 6.00
CA PRO A 779 16.05 -22.71 5.63
C PRO A 779 17.43 -22.79 5.00
N GLU A 780 17.80 -21.80 4.17
CA GLU A 780 19.01 -21.94 3.39
C GLU A 780 20.24 -22.01 4.28
N ILE A 781 20.15 -21.51 5.52
CA ILE A 781 21.33 -21.58 6.39
C ILE A 781 21.64 -23.02 6.75
N MET A 782 20.62 -23.76 7.20
CA MET A 782 20.84 -25.18 7.46
C MET A 782 21.18 -25.91 6.18
N LYS A 783 20.55 -25.54 5.06
CA LYS A 783 20.87 -26.19 3.80
C LYS A 783 22.35 -26.08 3.48
N SER A 784 22.89 -24.87 3.51
CA SER A 784 24.29 -24.66 3.16
C SER A 784 25.21 -25.35 4.14
N VAL A 785 24.94 -25.20 5.44
CA VAL A 785 25.86 -25.76 6.42
C VAL A 785 25.87 -27.28 6.34
N THR A 786 24.72 -27.90 6.05
CA THR A 786 24.72 -29.35 5.93
C THR A 786 25.39 -29.80 4.65
N LEU A 787 25.12 -29.13 3.53
CA LEU A 787 25.73 -29.57 2.28
C LEU A 787 27.23 -29.36 2.27
N ILE A 788 27.74 -28.44 3.09
CA ILE A 788 29.17 -28.16 3.08
C ILE A 788 29.91 -28.79 4.25
N PHE A 789 29.22 -29.16 5.33
CA PHE A 789 29.88 -29.67 6.52
C PHE A 789 29.53 -31.12 6.83
N PHE A 790 28.65 -31.74 6.07
CA PHE A 790 28.45 -33.17 6.26
C PHE A 790 29.53 -33.95 5.52
N PRO A 791 29.83 -33.67 4.24
CA PRO A 791 30.91 -34.38 3.57
C PRO A 791 32.30 -33.85 3.90
N LEU A 792 32.39 -32.65 4.46
CA LEU A 792 33.70 -32.06 4.73
C LEU A 792 34.55 -32.88 5.70
N PRO A 793 34.03 -33.40 6.83
CA PRO A 793 34.89 -34.20 7.71
C PRO A 793 35.47 -35.42 7.05
N ALA A 794 34.81 -35.92 6.00
CA ALA A 794 35.27 -37.13 5.33
C ALA A 794 36.30 -36.84 4.25
N CYS A 795 36.03 -35.87 3.38
CA CYS A 795 36.82 -35.66 2.17
C CYS A 795 38.23 -35.16 2.45
N LEU A 796 38.62 -34.90 3.69
CA LEU A 796 39.97 -34.42 3.99
C LEU A 796 40.83 -35.45 4.71
N ASN A 797 40.21 -36.47 5.28
CA ASN A 797 40.97 -37.55 5.98
C ASN A 797 42.07 -38.06 5.05
N PRO A 798 41.80 -38.51 3.80
CA PRO A 798 42.85 -39.09 2.92
C PRO A 798 44.00 -38.10 2.80
N VAL A 799 43.68 -36.84 2.53
CA VAL A 799 44.73 -35.83 2.37
C VAL A 799 45.60 -35.78 3.62
N LEU A 800 44.97 -35.82 4.79
CA LEU A 800 45.71 -35.77 6.04
C LEU A 800 46.67 -36.94 6.17
N TYR A 801 46.21 -38.15 5.85
CA TYR A 801 47.12 -39.30 5.89
C TYR A 801 48.21 -39.17 4.82
N VAL A 802 47.86 -38.67 3.64
CA VAL A 802 48.83 -38.60 2.55
C VAL A 802 49.96 -37.65 2.90
N PHE A 803 49.65 -36.49 3.46
CA PHE A 803 50.65 -35.45 3.62
C PHE A 803 51.02 -35.18 5.07
N PHE A 804 50.66 -36.08 5.99
CA PHE A 804 51.05 -35.92 7.38
C PHE A 804 51.43 -37.24 8.03
N ASN A 805 51.99 -38.19 7.27
CA ASN A 805 52.39 -39.46 7.86
C ASN A 805 53.50 -40.13 7.05
N PRO A 806 54.68 -40.34 7.66
CA PRO A 806 55.75 -41.06 6.96
C PRO A 806 55.42 -42.51 6.64
N LYS A 807 54.51 -43.13 7.41
CA LYS A 807 54.09 -44.48 7.07
C LYS A 807 53.44 -44.52 5.70
N PHE A 808 52.62 -43.50 5.39
CA PHE A 808 52.08 -43.39 4.05
C PHE A 808 53.18 -43.21 3.02
N LYS A 809 54.25 -42.51 3.38
CA LYS A 809 55.35 -42.33 2.44
C LYS A 809 56.02 -43.67 2.13
N GLU A 810 56.20 -44.50 3.16
CA GLU A 810 56.73 -45.85 2.93
C GLU A 810 55.79 -46.67 2.06
N ASP A 811 54.48 -46.56 2.32
CA ASP A 811 53.50 -47.26 1.50
C ASP A 811 53.54 -46.78 0.06
N TRP A 812 53.76 -45.48 -0.14
CA TRP A 812 53.85 -44.92 -1.48
C TRP A 812 55.11 -45.39 -2.18
N LYS A 813 56.20 -45.55 -1.44
CA LYS A 813 57.41 -46.13 -2.01
C LYS A 813 57.15 -47.57 -2.44
N LEU A 814 56.43 -48.34 -1.62
CA LEU A 814 56.06 -49.69 -2.00
C LEU A 814 55.19 -49.69 -3.25
N LEU A 815 54.26 -48.74 -3.34
CA LEU A 815 53.41 -48.64 -4.53
C LEU A 815 54.22 -48.30 -5.76
N LYS A 816 55.20 -47.40 -5.63
CA LYS A 816 56.07 -47.08 -6.75
C LYS A 816 56.87 -48.31 -7.20
N ARG A 817 57.37 -49.08 -6.24
CA ARG A 817 58.08 -50.31 -6.57
C ARG A 817 57.18 -51.28 -7.31
N ARG A 818 55.94 -51.44 -6.84
CA ARG A 818 55.01 -52.36 -7.49
C ARG A 818 54.64 -51.89 -8.89
N VAL A 819 54.50 -50.57 -9.07
CA VAL A 819 54.19 -50.02 -10.38
C VAL A 819 55.37 -50.23 -11.34
N THR A 820 56.59 -49.97 -10.87
CA THR A 820 57.75 -50.15 -11.73
C THR A 820 57.95 -51.62 -12.10
N LYS A 821 57.71 -52.53 -11.16
CA LYS A 821 57.81 -53.95 -11.46
C LYS A 821 56.57 -54.48 -12.20
N LYS A 822 55.53 -53.67 -12.33
CA LYS A 822 54.32 -54.09 -13.03
C LYS A 822 54.55 -54.16 -14.53
N GLU B 21 6.20 -8.10 10.87
CA GLU B 21 4.77 -8.37 10.96
C GLU B 21 4.01 -7.15 11.45
N THR B 22 4.71 -6.18 12.00
CA THR B 22 4.06 -5.00 12.54
C THR B 22 3.51 -4.13 11.41
N ALA B 23 2.38 -3.48 11.68
CA ALA B 23 1.70 -2.64 10.72
C ALA B 23 1.87 -1.18 11.11
N PHE B 24 2.26 -0.35 10.15
CA PHE B 24 2.41 1.08 10.39
C PHE B 24 1.29 1.83 9.71
N VAL B 25 0.54 2.61 10.48
CA VAL B 25 -0.70 3.23 10.04
C VAL B 25 -0.53 4.74 10.10
N GLU B 26 -0.86 5.40 8.99
CA GLU B 26 -0.86 6.85 8.92
C GLU B 26 -2.29 7.33 8.73
N VAL B 27 -2.70 8.30 9.54
CA VAL B 27 -4.04 8.87 9.46
C VAL B 27 -3.90 10.27 8.90
N VAL B 28 -4.41 10.48 7.68
CA VAL B 28 -4.22 11.72 6.94
C VAL B 28 -5.53 12.48 6.93
N LEU B 29 -5.49 13.74 7.31
CA LEU B 29 -6.65 14.62 7.25
C LEU B 29 -6.51 15.57 6.05
N PHE B 30 -7.62 16.23 5.72
CA PHE B 30 -7.66 17.12 4.56
C PHE B 30 -8.22 18.46 4.98
N GLU B 31 -7.82 19.48 4.21
CA GLU B 31 -8.46 20.79 4.27
C GLU B 31 -8.53 21.28 2.83
N SER B 32 -9.69 21.11 2.21
CA SER B 32 -9.87 21.49 0.82
C SER B 32 -9.75 22.99 0.67
N SER B 33 -8.65 23.45 0.10
CA SER B 33 -8.53 24.87 -0.21
C SER B 33 -9.54 25.24 -1.29
N PRO B 34 -10.09 26.46 -1.25
CA PRO B 34 -11.06 26.84 -2.30
C PRO B 34 -10.46 26.83 -3.68
N SER B 35 -9.15 27.10 -3.81
CA SER B 35 -8.49 27.06 -5.10
C SER B 35 -8.51 25.66 -5.71
N GLY B 36 -8.64 24.63 -4.90
CA GLY B 36 -8.65 23.26 -5.37
C GLY B 36 -7.55 22.39 -4.81
N ASP B 37 -6.52 22.96 -4.21
CA ASP B 37 -5.43 22.15 -3.67
C ASP B 37 -5.81 21.56 -2.32
N TYR B 38 -5.10 20.50 -1.94
CA TYR B 38 -5.39 19.75 -0.74
C TYR B 38 -4.23 19.87 0.24
N THR B 39 -4.54 20.17 1.49
CA THR B 39 -3.55 20.24 2.56
C THR B 39 -3.76 19.06 3.49
N THR B 40 -2.67 18.47 3.96
CA THR B 40 -2.73 17.25 4.73
C THR B 40 -1.96 17.39 6.03
N TYR B 41 -2.39 16.63 7.04
CA TYR B 41 -1.71 16.54 8.32
C TYR B 41 -1.85 15.12 8.83
N THR B 42 -0.73 14.42 8.96
CA THR B 42 -0.74 12.98 9.21
C THR B 42 -0.31 12.67 10.63
N THR B 43 -0.80 11.55 11.13
CA THR B 43 -0.48 11.07 12.48
C THR B 43 -0.10 9.61 12.42
N GLY B 44 0.89 9.22 13.22
CA GLY B 44 1.40 7.87 13.17
C GLY B 44 0.70 6.92 14.11
N LEU B 45 0.75 5.64 13.74
CA LEU B 45 0.16 4.56 14.52
C LEU B 45 0.93 3.28 14.23
N THR B 46 0.81 2.32 15.14
CA THR B 46 1.49 1.03 15.01
C THR B 46 0.59 -0.07 15.51
N GLY B 47 0.31 -1.05 14.64
CA GLY B 47 -0.44 -2.22 15.01
C GLY B 47 0.32 -3.47 14.62
N ARG B 48 -0.39 -4.60 14.64
CA ARG B 48 0.18 -5.89 14.32
C ARG B 48 -0.69 -6.57 13.27
N PHE B 49 -0.09 -6.93 12.14
CA PHE B 49 -0.82 -7.69 11.13
C PHE B 49 -1.26 -9.02 11.70
N SER B 50 -2.56 -9.19 11.92
CA SER B 50 -3.05 -10.44 12.46
C SER B 50 -2.99 -11.54 11.42
N ARG B 51 -2.87 -12.78 11.89
CA ARG B 51 -2.74 -13.92 11.00
C ARG B 51 -3.94 -14.11 10.10
N ALA B 52 -5.12 -13.65 10.54
CA ALA B 52 -6.33 -13.86 9.76
C ALA B 52 -6.29 -13.14 8.41
N GLY B 53 -5.45 -12.12 8.28
CA GLY B 53 -5.38 -11.37 7.03
C GLY B 53 -3.96 -11.35 6.50
N ALA B 54 -3.86 -11.44 5.18
CA ALA B 54 -2.55 -11.40 4.53
C ALA B 54 -1.89 -10.04 4.76
N THR B 55 -0.61 -10.07 5.11
CA THR B 55 0.14 -8.86 5.42
C THR B 55 0.42 -8.14 4.10
N LEU B 56 -0.27 -7.03 3.88
CA LEU B 56 -0.14 -6.23 2.68
C LEU B 56 -0.25 -4.75 3.03
N SER B 57 -0.30 -3.92 2.00
CA SER B 57 -0.46 -2.49 2.15
C SER B 57 -1.77 -2.06 1.51
N ALA B 58 -2.60 -1.36 2.27
CA ALA B 58 -3.90 -0.93 1.80
C ALA B 58 -4.13 0.53 2.18
N GLU B 59 -5.02 1.18 1.43
CA GLU B 59 -5.30 2.59 1.67
C GLU B 59 -6.78 2.85 1.40
N GLY B 60 -7.38 3.68 2.23
CA GLY B 60 -8.78 4.04 2.06
C GLY B 60 -9.26 4.86 3.23
N GLU B 61 -10.42 5.46 3.05
CA GLU B 61 -10.97 6.35 4.06
C GLU B 61 -11.53 5.54 5.22
N ILE B 62 -11.46 6.13 6.41
CA ILE B 62 -11.89 5.46 7.62
C ILE B 62 -13.41 5.50 7.70
N VAL B 63 -14.01 4.34 7.94
CA VAL B 63 -15.45 4.23 8.17
C VAL B 63 -15.63 3.40 9.43
N GLN B 64 -15.78 4.06 10.56
CA GLN B 64 -15.97 3.34 11.81
C GLN B 64 -17.30 2.61 11.79
N MET B 65 -17.31 1.40 12.34
CA MET B 65 -18.50 0.56 12.38
C MET B 65 -18.72 0.02 13.78
N HIS B 66 -19.97 0.00 14.21
CA HIS B 66 -20.31 -0.61 15.47
C HIS B 66 -20.08 -2.11 15.40
N PRO B 67 -19.73 -2.74 16.52
CA PRO B 67 -19.59 -4.21 16.51
C PRO B 67 -20.86 -4.92 16.08
N LEU B 68 -22.02 -4.43 16.49
CA LEU B 68 -23.27 -5.10 16.18
C LEU B 68 -23.79 -4.74 14.80
N GLY B 69 -23.11 -3.88 14.08
CA GLY B 69 -23.53 -3.46 12.76
C GLY B 69 -23.03 -4.31 11.63
N LEU B 70 -22.49 -5.49 11.92
CA LEU B 70 -21.93 -6.35 10.88
C LEU B 70 -22.71 -7.63 10.65
N CYS B 71 -23.21 -8.26 11.71
CA CYS B 71 -23.89 -9.54 11.53
C CYS B 71 -25.18 -9.42 10.75
N ASN B 72 -25.76 -8.22 10.67
CA ASN B 72 -27.02 -8.04 9.97
C ASN B 72 -26.87 -8.46 8.51
N ASN B 73 -27.87 -9.17 8.01
CA ASN B 73 -27.85 -9.73 6.67
C ASN B 73 -28.70 -8.93 5.69
N ASN B 74 -28.77 -7.62 5.89
CA ASN B 74 -29.43 -6.70 4.96
C ASN B 74 -28.54 -5.48 4.77
N ASP B 75 -27.63 -5.56 3.80
CA ASP B 75 -26.71 -4.47 3.52
C ASP B 75 -27.33 -3.36 2.66
N GLU B 76 -28.48 -3.63 2.04
CA GLU B 76 -29.04 -2.68 1.08
C GLU B 76 -29.38 -1.34 1.72
N GLU B 77 -29.49 -1.29 3.05
CA GLU B 77 -29.73 -0.02 3.72
C GLU B 77 -28.51 0.89 3.68
N ASP B 78 -27.31 0.32 3.63
CA ASP B 78 -26.10 1.09 3.83
C ASP B 78 -25.00 0.66 2.86
N LEU B 79 -25.34 0.49 1.59
CA LEU B 79 -24.33 0.12 0.59
C LEU B 79 -23.27 1.21 0.50
N TYR B 80 -22.04 0.86 0.87
CA TYR B 80 -20.91 1.77 0.79
C TYR B 80 -20.13 1.54 -0.50
N GLU B 81 -19.32 2.52 -0.86
CA GLU B 81 -18.46 2.40 -2.02
C GLU B 81 -17.26 1.51 -1.69
N TYR B 82 -16.56 1.09 -2.74
CA TYR B 82 -15.45 0.17 -2.54
C TYR B 82 -14.26 0.89 -1.90
N GLY B 83 -13.41 0.11 -1.26
CA GLY B 83 -12.18 0.63 -0.71
C GLY B 83 -12.37 1.54 0.48
N TRP B 84 -12.82 0.99 1.60
CA TRP B 84 -12.96 1.75 2.83
C TRP B 84 -12.34 0.98 3.97
N VAL B 85 -11.43 1.62 4.70
CA VAL B 85 -10.69 0.96 5.77
C VAL B 85 -11.57 1.01 7.02
N GLY B 86 -12.33 -0.05 7.24
CA GLY B 86 -13.24 -0.07 8.37
C GLY B 86 -12.49 -0.11 9.69
N VAL B 87 -13.15 0.40 10.73
CA VAL B 87 -12.60 0.41 12.08
C VAL B 87 -13.68 -0.08 13.03
N VAL B 88 -13.34 -1.00 13.91
CA VAL B 88 -14.26 -1.55 14.89
C VAL B 88 -13.64 -1.38 16.27
N LYS B 89 -14.48 -1.22 17.27
CA LYS B 89 -14.03 -1.19 18.67
C LYS B 89 -14.72 -2.33 19.41
N LEU B 90 -13.98 -3.40 19.68
CA LEU B 90 -14.54 -4.50 20.45
C LEU B 90 -14.74 -4.08 21.89
N GLU B 91 -15.73 -4.68 22.53
CA GLU B 91 -16.16 -4.27 23.86
C GLU B 91 -15.97 -5.42 24.85
N GLN B 92 -16.51 -5.24 26.04
CA GLN B 92 -16.42 -6.24 27.09
C GLN B 92 -16.99 -7.57 26.60
N PRO B 93 -16.22 -8.66 26.67
CA PRO B 93 -16.75 -9.94 26.17
C PRO B 93 -17.99 -10.42 26.89
N GLU B 94 -18.19 -10.07 28.16
CA GLU B 94 -19.41 -10.48 28.84
C GLU B 94 -20.59 -9.61 28.46
N LEU B 95 -20.35 -8.42 27.88
CA LEU B 95 -21.44 -7.56 27.45
C LEU B 95 -22.22 -8.15 26.29
N ASP B 96 -21.65 -9.12 25.59
CA ASP B 96 -22.32 -9.84 24.51
C ASP B 96 -22.20 -11.33 24.76
N PRO B 97 -22.91 -11.84 25.78
CA PRO B 97 -22.79 -13.27 26.12
C PRO B 97 -23.28 -14.18 25.01
N LYS B 98 -24.09 -13.67 24.10
CA LYS B 98 -24.59 -14.42 22.95
C LYS B 98 -23.95 -13.77 21.74
N PRO B 99 -22.75 -14.21 21.38
CA PRO B 99 -22.00 -13.51 20.32
C PRO B 99 -22.65 -13.72 18.97
N CYS B 100 -22.99 -12.61 18.32
CA CYS B 100 -23.64 -12.68 17.02
C CYS B 100 -22.75 -13.35 15.98
N LEU B 101 -21.45 -13.06 16.00
CA LEU B 101 -20.51 -13.64 15.06
C LEU B 101 -19.14 -13.70 15.72
N THR B 102 -18.29 -14.57 15.19
CA THR B 102 -16.90 -14.55 15.59
C THR B 102 -16.20 -13.35 14.97
N VAL B 103 -15.05 -13.00 15.54
CA VAL B 103 -14.30 -11.84 15.03
C VAL B 103 -13.93 -12.05 13.57
N LEU B 104 -13.48 -13.26 13.24
CA LEU B 104 -13.18 -13.56 11.84
C LEU B 104 -14.44 -13.42 10.98
N GLY B 105 -15.59 -13.80 11.52
CA GLY B 105 -16.83 -13.57 10.79
C GLY B 105 -17.09 -12.10 10.55
N LYS B 106 -16.79 -11.26 11.54
CA LYS B 106 -16.94 -9.82 11.36
C LYS B 106 -16.02 -9.32 10.25
N ALA B 107 -14.77 -9.79 10.25
CA ALA B 107 -13.83 -9.36 9.22
C ALA B 107 -14.29 -9.79 7.84
N LYS B 108 -14.76 -11.04 7.72
CA LYS B 108 -15.25 -11.53 6.44
C LYS B 108 -16.44 -10.70 5.97
N ARG B 109 -17.38 -10.41 6.87
CA ARG B 109 -18.53 -9.61 6.48
C ARG B 109 -18.10 -8.23 6.04
N ALA B 110 -17.17 -7.61 6.77
CA ALA B 110 -16.71 -6.28 6.39
C ALA B 110 -16.08 -6.30 5.01
N VAL B 111 -15.27 -7.32 4.71
CA VAL B 111 -14.66 -7.40 3.39
C VAL B 111 -15.73 -7.59 2.33
N GLN B 112 -16.80 -8.32 2.65
CA GLN B 112 -17.90 -8.46 1.71
C GLN B 112 -18.49 -7.11 1.34
N ARG B 113 -18.59 -6.21 2.30
CA ARG B 113 -19.18 -4.89 2.08
C ARG B 113 -18.32 -3.99 1.22
N GLY B 114 -17.16 -4.47 0.76
CA GLY B 114 -16.26 -3.65 -0.02
C GLY B 114 -15.12 -3.04 0.74
N ALA B 115 -14.91 -3.43 2.00
CA ALA B 115 -13.80 -2.90 2.76
C ALA B 115 -12.48 -3.37 2.16
N THR B 116 -11.51 -2.47 2.09
CA THR B 116 -10.19 -2.82 1.59
C THR B 116 -9.25 -3.25 2.69
N ALA B 117 -9.55 -2.90 3.95
CA ALA B 117 -8.79 -3.37 5.10
C ALA B 117 -9.66 -3.16 6.32
N VAL B 118 -9.34 -3.90 7.39
CA VAL B 118 -10.11 -3.83 8.63
C VAL B 118 -9.16 -3.64 9.79
N ILE B 119 -9.54 -2.77 10.72
CA ILE B 119 -8.76 -2.47 11.90
C ILE B 119 -9.63 -2.67 13.12
N PHE B 120 -9.14 -3.42 14.10
CA PHE B 120 -9.88 -3.71 15.32
C PHE B 120 -9.21 -3.02 16.49
N ASP B 121 -10.01 -2.49 17.39
CA ASP B 121 -9.53 -1.93 18.64
C ASP B 121 -9.82 -2.97 19.72
N VAL B 122 -8.82 -3.76 20.07
CA VAL B 122 -8.98 -4.84 21.01
C VAL B 122 -8.60 -4.40 22.42
N SER B 123 -8.57 -3.10 22.68
CA SER B 123 -8.08 -2.60 23.96
C SER B 123 -8.89 -3.13 25.12
N GLU B 124 -10.15 -3.47 24.88
CA GLU B 124 -11.00 -3.94 25.96
C GLU B 124 -11.24 -5.43 25.93
N ASN B 125 -10.96 -6.11 24.81
CA ASN B 125 -11.19 -7.54 24.65
C ASN B 125 -9.89 -8.18 24.18
N PRO B 126 -8.89 -8.28 25.07
CA PRO B 126 -7.56 -8.74 24.62
C PRO B 126 -7.56 -10.14 24.06
N GLU B 127 -8.50 -10.99 24.48
CA GLU B 127 -8.56 -12.36 23.96
C GLU B 127 -8.80 -12.38 22.46
N ALA B 128 -9.32 -11.29 21.89
CA ALA B 128 -9.51 -11.23 20.46
C ALA B 128 -8.21 -11.38 19.71
N ILE B 129 -7.08 -11.02 20.33
CA ILE B 129 -5.80 -11.17 19.66
C ILE B 129 -5.53 -12.63 19.34
N ASP B 130 -5.65 -13.50 20.34
CA ASP B 130 -5.42 -14.91 20.10
C ASP B 130 -6.57 -15.52 19.30
N GLN B 131 -7.77 -14.95 19.41
CA GLN B 131 -8.87 -15.44 18.58
C GLN B 131 -8.59 -15.20 17.11
N LEU B 132 -8.01 -14.05 16.79
CA LEU B 132 -7.65 -13.77 15.40
C LEU B 132 -6.46 -14.58 14.97
N ASN B 133 -5.43 -14.65 15.80
CA ASN B 133 -4.19 -15.29 15.39
C ASN B 133 -4.22 -16.81 15.52
N GLN B 134 -5.29 -17.37 16.08
CA GLN B 134 -5.38 -18.81 16.22
C GLN B 134 -5.52 -19.47 14.85
N GLY B 135 -5.48 -20.80 14.87
CA GLY B 135 -5.54 -21.57 13.65
C GLY B 135 -6.82 -21.37 12.87
N SER B 136 -6.71 -20.64 11.76
CA SER B 136 -7.83 -20.38 10.87
C SER B 136 -7.33 -20.59 9.45
N GLU B 137 -7.77 -21.68 8.82
CA GLU B 137 -7.28 -22.06 7.50
C GLU B 137 -7.96 -21.30 6.38
N ASP B 138 -8.55 -20.14 6.70
CA ASP B 138 -9.23 -19.31 5.71
C ASP B 138 -8.73 -17.88 5.85
N PRO B 139 -7.48 -17.62 5.44
CA PRO B 139 -6.97 -16.25 5.49
C PRO B 139 -7.66 -15.38 4.47
N LEU B 140 -7.71 -14.09 4.76
CA LEU B 140 -8.40 -13.12 3.93
C LEU B 140 -7.40 -12.36 3.07
N LYS B 141 -7.80 -12.06 1.83
CA LYS B 141 -6.93 -11.34 0.92
C LYS B 141 -6.61 -9.93 1.41
N ARG B 142 -7.41 -9.40 2.32
CA ARG B 142 -7.08 -8.05 2.74
C ARG B 142 -6.52 -8.05 4.16
N PRO B 143 -5.58 -7.15 4.46
CA PRO B 143 -4.94 -7.16 5.78
C PRO B 143 -5.92 -6.88 6.89
N VAL B 144 -5.67 -7.49 8.03
CA VAL B 144 -6.42 -7.26 9.26
C VAL B 144 -5.41 -6.84 10.33
N VAL B 145 -5.68 -5.71 10.98
CA VAL B 145 -4.75 -5.14 11.94
C VAL B 145 -5.50 -4.89 13.24
N TYR B 146 -4.90 -5.29 14.36
CA TYR B 146 -5.46 -5.01 15.67
C TYR B 146 -4.50 -4.12 16.44
N VAL B 147 -5.03 -3.07 17.05
CA VAL B 147 -4.25 -2.14 17.86
C VAL B 147 -4.79 -2.20 19.28
N LYS B 148 -4.00 -1.68 20.21
CA LYS B 148 -4.38 -1.72 21.61
C LYS B 148 -3.57 -0.71 22.38
N GLY B 149 -4.18 -0.08 23.37
CA GLY B 149 -3.47 0.80 24.28
C GLY B 149 -3.46 2.23 23.78
N ALA B 150 -2.29 2.88 23.87
CA ALA B 150 -2.21 4.30 23.56
C ALA B 150 -2.58 4.58 22.11
N ASP B 151 -2.10 3.74 21.19
CA ASP B 151 -2.45 3.92 19.79
C ASP B 151 -3.95 3.78 19.58
N ALA B 152 -4.57 2.81 20.27
CA ALA B 152 -6.00 2.59 20.13
C ALA B 152 -6.79 3.81 20.60
N ILE B 153 -6.44 4.34 21.78
CA ILE B 153 -7.18 5.49 22.29
C ILE B 153 -6.94 6.71 21.42
N LYS B 154 -5.73 6.85 20.87
CA LYS B 154 -5.49 7.94 19.94
C LYS B 154 -6.37 7.83 18.71
N LEU B 155 -6.48 6.62 18.16
CA LEU B 155 -7.30 6.42 16.98
C LEU B 155 -8.77 6.70 17.27
N MET B 156 -9.25 6.24 18.42
CA MET B 156 -10.63 6.51 18.79
C MET B 156 -10.86 8.00 18.97
N ASN B 157 -9.89 8.69 19.58
CA ASN B 157 -10.05 10.12 19.79
C ASN B 157 -10.11 10.88 18.48
N ILE B 158 -9.30 10.48 17.50
CA ILE B 158 -9.34 11.22 16.24
C ILE B 158 -10.60 10.86 15.44
N VAL B 159 -11.01 9.59 15.47
CA VAL B 159 -12.14 9.15 14.66
C VAL B 159 -13.41 9.87 15.07
N ASN B 160 -13.66 9.96 16.37
CA ASN B 160 -14.87 10.60 16.86
C ASN B 160 -14.74 12.11 16.96
N LYS B 161 -13.73 12.69 16.31
CA LYS B 161 -13.54 14.13 16.32
C LYS B 161 -13.55 14.74 14.93
N GLN B 162 -12.82 14.16 13.99
CA GLN B 162 -12.69 14.75 12.67
C GLN B 162 -13.93 14.47 11.83
N LYS B 163 -13.90 14.98 10.60
CA LYS B 163 -14.99 14.80 9.66
C LYS B 163 -14.65 13.87 8.51
N VAL B 164 -13.48 14.02 7.90
CA VAL B 164 -13.01 13.13 6.86
C VAL B 164 -11.54 12.82 7.12
N ALA B 165 -11.19 11.56 6.93
CA ALA B 165 -9.82 11.13 7.16
C ALA B 165 -9.55 9.92 6.27
N ARG B 166 -8.30 9.77 5.86
CA ARG B 166 -7.89 8.66 5.03
C ARG B 166 -6.75 7.94 5.71
N ALA B 167 -6.88 6.63 5.87
CA ALA B 167 -5.89 5.81 6.56
C ALA B 167 -5.05 5.06 5.55
N ARG B 168 -3.74 5.07 5.77
CA ARG B 168 -2.78 4.35 4.94
C ARG B 168 -2.09 3.31 5.81
N ILE B 169 -2.00 2.08 5.31
CA ILE B 169 -1.42 0.97 6.05
C ILE B 169 -0.19 0.49 5.30
N GLN B 170 0.94 0.43 6.00
CA GLN B 170 2.22 0.11 5.40
C GLN B 170 2.82 -1.13 6.05
N HIS B 171 3.35 -2.02 5.20
CA HIS B 171 4.04 -3.23 5.64
C HIS B 171 5.54 -2.97 5.48
N ARG B 172 6.22 -2.79 6.61
CA ARG B 172 7.64 -2.50 6.58
C ARG B 172 8.40 -3.72 6.06
N PRO B 173 9.33 -3.55 5.12
CA PRO B 173 10.12 -4.68 4.67
C PRO B 173 11.02 -5.19 5.78
N PRO B 174 11.48 -6.43 5.70
CA PRO B 174 12.34 -6.96 6.77
C PRO B 174 13.65 -6.20 6.91
N ARG B 175 14.42 -6.51 7.94
CA ARG B 175 15.63 -5.79 8.29
C ARG B 175 16.86 -6.45 7.68
N GLN B 176 18.03 -6.01 8.10
CA GLN B 176 19.27 -6.43 7.47
C GLN B 176 19.54 -7.91 7.75
N PRO B 177 20.16 -8.62 6.81
CA PRO B 177 20.57 -10.01 7.07
C PRO B 177 21.91 -10.09 7.80
N THR B 178 21.88 -10.01 9.14
CA THR B 178 23.08 -10.28 9.91
C THR B 178 23.57 -11.70 9.71
N GLU B 179 22.71 -12.58 9.21
CA GLU B 179 23.03 -13.94 8.77
C GLU B 179 24.21 -13.98 7.81
N TYR B 180 24.47 -12.87 7.12
CA TYR B 180 25.67 -12.73 6.28
C TYR B 180 26.94 -13.23 6.93
N PHE B 181 27.38 -12.51 7.96
CA PHE B 181 28.74 -12.62 8.44
C PHE B 181 28.80 -13.26 9.83
N ASP B 182 27.75 -13.97 10.21
CA ASP B 182 27.80 -14.77 11.42
C ASP B 182 28.52 -16.09 11.18
N MET B 183 28.48 -16.61 9.96
CA MET B 183 29.20 -17.85 9.71
C MET B 183 30.70 -17.58 9.67
N GLY B 184 31.09 -16.41 9.15
CA GLY B 184 32.49 -16.08 9.09
C GLY B 184 33.16 -16.15 10.44
N ILE B 185 32.44 -15.68 11.46
CA ILE B 185 32.98 -15.74 12.84
C ILE B 185 32.78 -17.17 13.37
N PHE B 186 31.69 -17.83 12.98
CA PHE B 186 31.45 -19.20 13.42
C PHE B 186 32.55 -20.12 12.90
N LEU B 187 32.80 -20.10 11.59
CA LEU B 187 33.91 -20.84 11.02
C LEU B 187 35.25 -20.34 11.55
N ALA B 188 35.32 -19.08 11.98
CA ALA B 188 36.56 -18.56 12.55
C ALA B 188 36.91 -19.29 13.84
N PHE B 189 35.92 -19.45 14.72
CA PHE B 189 36.17 -20.21 15.97
C PHE B 189 36.50 -21.64 15.58
N PHE B 190 35.74 -22.20 14.64
CA PHE B 190 35.92 -23.60 14.26
C PHE B 190 37.34 -23.85 13.74
N VAL B 191 37.82 -22.97 12.85
CA VAL B 191 39.16 -23.12 12.32
C VAL B 191 40.20 -22.86 13.42
N VAL B 192 39.96 -21.86 14.26
CA VAL B 192 40.91 -21.56 15.33
C VAL B 192 40.98 -22.71 16.32
N VAL B 193 39.83 -23.26 16.71
CA VAL B 193 39.82 -24.37 17.67
C VAL B 193 40.49 -25.59 17.06
N SER B 194 40.21 -25.89 15.80
CA SER B 194 40.87 -27.01 15.15
C SER B 194 42.38 -26.80 15.10
N LEU B 195 42.81 -25.56 14.83
CA LEU B 195 44.23 -25.24 14.90
C LEU B 195 44.75 -25.41 16.32
N VAL B 196 43.92 -25.05 17.31
CA VAL B 196 44.31 -25.22 18.71
C VAL B 196 44.52 -26.69 19.03
N CYS B 197 43.62 -27.54 18.53
CA CYS B 197 43.76 -28.97 18.73
C CYS B 197 45.04 -29.50 18.10
N LEU B 198 45.32 -29.08 16.87
CA LEU B 198 46.53 -29.53 16.19
C LEU B 198 47.78 -29.00 16.90
N ILE B 199 47.74 -27.76 17.36
CA ILE B 199 48.94 -27.13 17.89
C ILE B 199 49.25 -27.66 19.29
N LEU B 200 48.20 -28.04 20.03
CA LEU B 200 48.44 -28.66 21.34
C LEU B 200 49.13 -30.01 21.18
N LEU B 201 48.73 -30.78 20.17
CA LEU B 201 49.41 -32.04 19.89
C LEU B 201 50.85 -31.79 19.44
N VAL B 202 51.07 -30.72 18.68
CA VAL B 202 52.43 -30.33 18.31
C VAL B 202 53.23 -29.94 19.55
N LYS B 203 52.58 -29.28 20.51
CA LYS B 203 53.24 -28.95 21.76
C LYS B 203 53.65 -30.20 22.51
N ILE B 204 52.78 -31.21 22.53
CA ILE B 204 53.15 -32.50 23.12
C ILE B 204 54.31 -33.11 22.35
N LYS B 205 54.29 -33.00 21.02
CA LYS B 205 55.39 -33.52 20.21
C LYS B 205 56.71 -32.82 20.55
N LEU B 206 56.67 -31.51 20.74
CA LEU B 206 57.86 -30.77 21.14
C LEU B 206 58.34 -31.21 22.52
N LYS B 207 57.40 -31.54 23.41
CA LYS B 207 57.78 -32.04 24.73
C LYS B 207 58.54 -33.36 24.62
N GLN B 208 58.10 -34.23 23.70
CA GLN B 208 58.84 -35.46 23.44
C GLN B 208 60.22 -35.16 22.88
N ARG B 209 60.34 -34.12 22.05
CA ARG B 209 61.63 -33.75 21.48
C ARG B 209 62.59 -33.31 22.58
N ARG B 210 62.12 -32.55 23.56
CA ARG B 210 62.95 -32.09 24.66
C ARG B 210 63.35 -33.26 25.56
N CYS C 40 -26.22 8.94 26.03
CA CYS C 40 -26.28 7.76 26.88
C CYS C 40 -27.53 7.76 27.74
N LYS C 41 -28.69 7.65 27.09
CA LYS C 41 -29.97 7.65 27.77
C LYS C 41 -30.69 6.34 27.51
N GLY C 42 -31.26 5.76 28.57
CA GLY C 42 -31.92 4.48 28.43
C GLY C 42 -30.99 3.40 27.90
N CYS C 43 -29.76 3.37 28.40
CA CYS C 43 -28.73 2.46 27.91
C CYS C 43 -28.27 1.56 29.03
N LEU C 44 -28.34 0.25 28.81
CA LEU C 44 -27.81 -0.69 29.79
C LEU C 44 -26.31 -0.52 29.94
N SER C 45 -25.59 -0.37 28.83
CA SER C 45 -24.14 -0.27 28.85
C SER C 45 -23.72 0.73 27.77
N CYS C 46 -23.35 1.94 28.20
CA CYS C 46 -22.96 3.00 27.29
C CYS C 46 -21.46 3.21 27.36
N SER C 47 -20.81 3.18 26.19
CA SER C 47 -19.40 3.47 26.09
C SER C 47 -19.22 4.77 25.31
N LYS C 48 -18.18 5.53 25.67
CA LYS C 48 -18.00 6.84 25.07
C LYS C 48 -17.74 6.74 23.56
N ASP C 49 -16.90 5.78 23.16
CA ASP C 49 -16.52 5.70 21.75
C ASP C 49 -17.64 5.12 20.90
N ASN C 50 -18.32 4.08 21.39
CA ASN C 50 -19.32 3.38 20.61
C ASN C 50 -20.74 3.75 20.99
N GLY C 51 -20.93 4.78 21.80
CA GLY C 51 -22.27 5.13 22.21
C GLY C 51 -22.92 4.00 22.97
N CYS C 52 -24.23 3.88 22.83
CA CYS C 52 -24.94 2.79 23.47
C CYS C 52 -24.62 1.47 22.78
N SER C 53 -24.70 0.38 23.54
CA SER C 53 -24.42 -0.95 23.03
C SER C 53 -25.44 -1.99 23.45
N ARG C 54 -26.36 -1.66 24.35
CA ARG C 54 -27.42 -2.59 24.73
C ARG C 54 -28.57 -1.74 25.28
N CYS C 55 -29.61 -1.57 24.47
CA CYS C 55 -30.73 -0.77 24.92
C CYS C 55 -31.46 -1.47 26.05
N GLN C 56 -32.42 -0.78 26.64
CA GLN C 56 -33.23 -1.36 27.70
C GLN C 56 -34.07 -2.49 27.15
N GLN C 57 -34.89 -3.08 28.03
CA GLN C 57 -35.69 -4.23 27.63
C GLN C 57 -36.71 -3.84 26.55
N LYS C 58 -37.51 -2.82 26.82
CA LYS C 58 -38.51 -2.34 25.86
C LYS C 58 -38.04 -1.08 25.15
N LEU C 59 -36.99 -1.21 24.34
CA LEU C 59 -36.48 -0.05 23.63
C LEU C 59 -35.79 -0.51 22.35
N PHE C 60 -35.72 0.39 21.38
CA PHE C 60 -35.20 0.07 20.05
C PHE C 60 -33.74 0.51 19.94
N PHE C 61 -32.89 -0.41 19.52
CA PHE C 61 -31.47 -0.16 19.33
C PHE C 61 -31.25 0.27 17.88
N PHE C 62 -30.81 1.50 17.68
CA PHE C 62 -30.68 2.07 16.35
C PHE C 62 -29.27 2.61 16.15
N LEU C 63 -28.73 2.38 14.96
CA LEU C 63 -27.37 2.78 14.61
C LEU C 63 -27.42 4.04 13.77
N ARG C 64 -26.70 5.06 14.21
CA ARG C 64 -26.72 6.37 13.56
C ARG C 64 -25.38 6.61 12.88
N ARG C 65 -25.43 7.01 11.62
CA ARG C 65 -24.24 7.27 10.83
C ARG C 65 -24.01 8.77 10.74
N GLU C 66 -22.82 9.22 11.09
CA GLU C 66 -22.44 10.62 10.98
C GLU C 66 -20.95 10.72 10.71
N GLY C 67 -20.58 11.20 9.53
CA GLY C 67 -19.19 11.18 9.13
C GLY C 67 -18.70 9.74 9.13
N MET C 68 -17.58 9.50 9.80
CA MET C 68 -17.20 8.11 10.08
C MET C 68 -17.81 7.59 11.36
N ARG C 69 -18.21 8.48 12.26
CA ARG C 69 -18.67 8.05 13.56
C ARG C 69 -20.00 7.33 13.43
N GLN C 70 -20.06 6.14 14.02
CA GLN C 70 -21.28 5.33 14.05
C GLN C 70 -21.45 4.83 15.48
N TYR C 71 -22.65 5.00 16.03
CA TYR C 71 -22.85 4.72 17.44
C TYR C 71 -24.31 4.38 17.67
N GLY C 72 -24.53 3.62 18.74
CA GLY C 72 -25.88 3.17 19.04
C GLY C 72 -26.71 4.21 19.74
N GLU C 73 -28.01 3.97 19.77
CA GLU C 73 -28.96 4.86 20.40
C GLU C 73 -30.13 4.03 20.89
N CYS C 74 -30.91 4.61 21.80
CA CYS C 74 -32.13 3.97 22.29
C CYS C 74 -33.28 4.94 22.09
N LEU C 75 -34.30 4.49 21.36
CA LEU C 75 -35.48 5.31 21.09
C LEU C 75 -36.73 4.51 21.40
N HIS C 76 -37.79 5.23 21.77
CA HIS C 76 -39.08 4.57 22.00
C HIS C 76 -39.78 4.23 20.71
N SER C 77 -39.36 4.80 19.59
CA SER C 77 -39.96 4.48 18.30
C SER C 77 -38.96 4.84 17.21
N CYS C 78 -38.78 3.94 16.26
CA CYS C 78 -37.78 4.14 15.22
C CYS C 78 -38.17 5.33 14.35
N PRO C 79 -37.18 6.06 13.84
CA PRO C 79 -37.49 7.30 13.10
C PRO C 79 -38.08 7.04 11.73
N SER C 80 -38.26 8.10 10.96
CA SER C 80 -38.81 7.99 9.62
C SER C 80 -37.91 7.15 8.74
N GLY C 81 -38.52 6.36 7.86
CA GLY C 81 -37.76 5.47 7.01
C GLY C 81 -37.35 4.17 7.67
N TYR C 82 -37.89 3.87 8.84
CA TYR C 82 -37.55 2.63 9.53
C TYR C 82 -38.81 2.07 10.18
N TYR C 83 -38.81 0.75 10.37
CA TYR C 83 -39.91 0.06 11.01
C TYR C 83 -39.37 -0.74 12.18
N GLY C 84 -39.96 -0.55 13.36
CA GLY C 84 -39.48 -1.21 14.55
C GLY C 84 -39.74 -2.70 14.48
N HIS C 85 -38.69 -3.49 14.43
CA HIS C 85 -38.81 -4.94 14.43
C HIS C 85 -38.51 -5.44 15.83
N ARG C 86 -39.51 -6.04 16.46
CA ARG C 86 -39.37 -6.53 17.82
C ARG C 86 -38.62 -7.85 17.82
N ALA C 87 -38.11 -8.21 19.00
CA ALA C 87 -37.33 -9.43 19.20
C ALA C 87 -37.28 -9.71 20.70
N PRO C 88 -36.99 -10.95 21.09
CA PRO C 88 -36.89 -11.24 22.53
C PRO C 88 -35.55 -10.88 23.12
N ASP C 89 -34.49 -10.75 22.32
CA ASP C 89 -33.18 -10.39 22.84
C ASP C 89 -32.95 -8.88 22.78
N MET C 90 -33.01 -8.30 21.59
CA MET C 90 -32.89 -6.86 21.43
C MET C 90 -33.71 -6.44 20.22
N ASN C 91 -34.40 -5.32 20.36
CA ASN C 91 -35.35 -4.85 19.36
C ASN C 91 -34.67 -3.80 18.49
N ARG C 92 -34.61 -4.05 17.18
CA ARG C 92 -33.82 -3.22 16.28
C ARG C 92 -34.67 -2.65 15.16
N CYS C 93 -34.27 -1.47 14.70
CA CYS C 93 -34.90 -0.82 13.57
C CYS C 93 -34.26 -1.27 12.27
N ALA C 94 -35.05 -1.30 11.20
CA ALA C 94 -34.57 -1.67 9.88
C ALA C 94 -35.14 -0.73 8.85
N ARG C 95 -34.41 -0.58 7.75
CA ARG C 95 -34.80 0.36 6.70
C ARG C 95 -36.10 -0.07 6.04
N CYS C 96 -36.95 0.90 5.71
CA CYS C 96 -38.18 0.64 4.97
C CYS C 96 -37.81 0.26 3.55
N ARG C 97 -37.83 -1.03 3.25
CA ARG C 97 -37.39 -1.50 1.94
C ARG C 97 -38.33 -1.09 0.83
N ILE C 98 -39.60 -0.85 1.13
CA ILE C 98 -40.54 -0.42 0.10
C ILE C 98 -40.15 0.97 -0.39
N GLU C 99 -40.07 1.12 -1.71
CA GLU C 99 -39.68 2.38 -2.29
C GLU C 99 -40.78 3.43 -2.09
N ASN C 100 -40.40 4.70 -2.29
CA ASN C 100 -41.33 5.83 -2.22
C ASN C 100 -41.98 5.95 -0.85
N CYS C 101 -41.33 5.44 0.19
CA CYS C 101 -41.91 5.41 1.52
C CYS C 101 -41.10 6.29 2.47
N ASP C 102 -41.82 6.96 3.37
CA ASP C 102 -41.20 7.74 4.43
C ASP C 102 -41.51 7.22 5.81
N SER C 103 -42.56 6.41 5.97
CA SER C 103 -42.89 5.78 7.24
C SER C 103 -43.59 4.48 6.93
N CYS C 104 -43.05 3.37 7.44
CA CYS C 104 -43.59 2.05 7.14
C CYS C 104 -43.83 1.28 8.42
N PHE C 105 -44.96 0.57 8.46
CA PHE C 105 -45.33 -0.26 9.60
C PHE C 105 -44.56 -1.57 9.65
N SER C 106 -44.21 -2.13 8.49
CA SER C 106 -43.45 -3.36 8.43
C SER C 106 -42.45 -3.24 7.29
N LYS C 107 -41.83 -4.36 6.93
CA LYS C 107 -40.80 -4.32 5.89
C LYS C 107 -41.34 -3.90 4.54
N ASP C 108 -42.65 -4.00 4.31
CA ASP C 108 -43.20 -3.68 3.01
C ASP C 108 -44.51 -2.90 3.04
N PHE C 109 -45.03 -2.54 4.20
CA PHE C 109 -46.31 -1.86 4.31
C PHE C 109 -46.03 -0.41 4.74
N CYS C 110 -46.29 0.53 3.84
CA CYS C 110 -45.97 1.93 4.09
C CYS C 110 -47.21 2.66 4.59
N THR C 111 -47.11 3.25 5.77
CA THR C 111 -48.23 4.01 6.31
C THR C 111 -48.44 5.32 5.55
N LYS C 112 -47.37 5.90 5.02
CA LYS C 112 -47.52 7.13 4.23
C LYS C 112 -46.34 7.26 3.28
N CYS C 113 -46.65 7.41 2.00
CA CYS C 113 -45.63 7.58 0.98
C CYS C 113 -45.23 9.05 0.87
N LYS C 114 -44.23 9.32 0.04
CA LYS C 114 -43.81 10.69 -0.19
C LYS C 114 -44.82 11.40 -1.07
N VAL C 115 -44.52 12.66 -1.42
CA VAL C 115 -45.41 13.44 -2.26
C VAL C 115 -45.46 12.83 -3.66
N GLY C 116 -46.58 13.05 -4.35
CA GLY C 116 -46.73 12.54 -5.69
C GLY C 116 -47.05 11.07 -5.78
N PHE C 117 -47.37 10.41 -4.68
CA PHE C 117 -47.73 9.00 -4.70
C PHE C 117 -48.81 8.74 -3.66
N TYR C 118 -50.02 8.45 -4.13
CA TYR C 118 -51.13 8.15 -3.26
C TYR C 118 -50.92 6.82 -2.58
N LEU C 119 -51.55 6.65 -1.41
CA LEU C 119 -51.37 5.40 -0.65
C LEU C 119 -52.50 4.42 -1.02
N HIS C 120 -52.13 3.17 -1.32
CA HIS C 120 -53.10 2.15 -1.70
C HIS C 120 -52.64 0.83 -1.08
N ARG C 121 -53.33 0.41 -0.03
CA ARG C 121 -52.99 -0.82 0.70
C ARG C 121 -51.54 -0.78 1.17
N GLY C 122 -51.08 0.39 1.59
CA GLY C 122 -49.73 0.56 2.05
C GLY C 122 -48.68 0.63 0.96
N ARG C 123 -49.08 0.63 -0.30
CA ARG C 123 -48.14 0.69 -1.41
C ARG C 123 -48.26 2.05 -2.10
N CYS C 124 -47.16 2.49 -2.69
CA CYS C 124 -47.09 3.80 -3.31
C CYS C 124 -47.36 3.70 -4.80
N PHE C 125 -48.35 4.46 -5.26
CA PHE C 125 -48.64 4.60 -6.69
C PHE C 125 -48.85 6.06 -7.00
N ASP C 126 -48.27 6.52 -8.11
CA ASP C 126 -48.47 7.91 -8.52
C ASP C 126 -49.93 8.18 -8.87
N GLU C 127 -50.62 7.19 -9.41
CA GLU C 127 -52.02 7.31 -9.81
C GLU C 127 -52.86 6.31 -9.05
N CYS C 128 -54.10 6.68 -8.79
CA CYS C 128 -55.05 5.75 -8.20
C CYS C 128 -55.52 4.78 -9.26
N PRO C 129 -55.33 3.48 -9.10
CA PRO C 129 -55.68 2.53 -10.16
C PRO C 129 -57.17 2.38 -10.37
N ASP C 130 -57.56 1.48 -11.25
CA ASP C 130 -58.98 1.28 -11.56
C ASP C 130 -59.76 0.90 -10.31
N GLY C 131 -61.00 1.34 -10.25
CA GLY C 131 -61.78 1.20 -9.04
C GLY C 131 -61.40 2.15 -7.93
N PHE C 132 -60.54 3.12 -8.22
CA PHE C 132 -60.04 4.04 -7.21
C PHE C 132 -59.76 5.39 -7.85
N ALA C 133 -59.96 6.44 -7.08
CA ALA C 133 -59.76 7.80 -7.55
C ALA C 133 -58.86 8.55 -6.57
N PRO C 134 -58.05 9.49 -7.09
CA PRO C 134 -57.21 10.29 -6.19
C PRO C 134 -58.05 11.12 -5.24
N LEU C 135 -57.48 11.35 -4.05
CA LEU C 135 -58.13 12.17 -3.03
C LEU C 135 -57.04 12.96 -2.34
N GLU C 136 -56.92 14.25 -2.69
CA GLU C 136 -55.79 15.05 -2.27
C GLU C 136 -55.88 15.47 -0.81
N GLU C 137 -57.10 15.58 -0.27
CA GLU C 137 -57.26 16.15 1.07
C GLU C 137 -56.47 15.35 2.10
N THR C 138 -56.46 14.02 1.98
CA THR C 138 -55.59 13.18 2.79
C THR C 138 -54.47 12.56 1.97
N MET C 139 -54.42 12.85 0.66
CA MET C 139 -53.34 12.40 -0.22
C MET C 139 -53.22 10.87 -0.20
N GLU C 140 -54.30 10.22 -0.62
CA GLU C 140 -54.39 8.77 -0.58
C GLU C 140 -55.56 8.30 -1.44
N CYS C 141 -55.46 7.05 -1.90
CA CYS C 141 -56.42 6.52 -2.86
C CYS C 141 -57.72 6.10 -2.21
N VAL C 142 -58.83 6.61 -2.73
CA VAL C 142 -60.16 6.28 -2.23
C VAL C 142 -60.92 5.58 -3.35
N GLU C 143 -61.99 4.89 -2.95
CA GLU C 143 -62.83 4.19 -3.91
C GLU C 143 -63.53 5.17 -4.86
N CYS D 29 -41.16 18.76 -39.01
CA CYS D 29 -39.72 18.58 -38.88
C CYS D 29 -39.13 17.93 -40.13
N ALA D 30 -38.69 18.76 -41.08
CA ALA D 30 -38.14 18.25 -42.32
C ALA D 30 -36.74 17.70 -42.12
N ALA D 31 -36.44 16.60 -42.80
CA ALA D 31 -35.10 16.06 -42.78
C ALA D 31 -34.16 16.99 -43.55
N PRO D 32 -32.86 16.99 -43.21
CA PRO D 32 -32.18 16.19 -42.18
C PRO D 32 -32.20 16.86 -40.82
N CYS D 33 -32.93 17.97 -40.71
CA CYS D 33 -32.95 18.71 -39.45
C CYS D 33 -33.67 17.93 -38.37
N SER D 34 -33.09 17.94 -37.17
CA SER D 34 -33.67 17.30 -36.00
C SER D 34 -34.25 18.37 -35.09
N CYS D 35 -35.54 18.27 -34.80
CA CYS D 35 -36.27 19.27 -34.05
C CYS D 35 -36.64 18.73 -32.68
N ASP D 36 -37.42 19.53 -31.95
CA ASP D 36 -37.92 19.13 -30.64
C ASP D 36 -39.26 19.82 -30.41
N GLY D 37 -39.79 19.67 -29.19
CA GLY D 37 -41.07 20.27 -28.85
C GLY D 37 -41.02 21.73 -28.49
N ASP D 38 -39.84 22.34 -28.49
CA ASP D 38 -39.68 23.75 -28.13
C ASP D 38 -39.36 24.62 -29.33
N ARG D 39 -39.71 24.17 -30.54
CA ARG D 39 -39.43 24.90 -31.78
C ARG D 39 -37.93 25.14 -31.95
N ARG D 40 -37.12 24.23 -31.43
CA ARG D 40 -35.67 24.32 -31.55
C ARG D 40 -35.21 23.27 -32.56
N VAL D 41 -34.52 23.72 -33.59
CA VAL D 41 -34.15 22.88 -34.73
C VAL D 41 -32.64 22.89 -34.86
N ASP D 42 -32.05 21.71 -34.98
CA ASP D 42 -30.62 21.55 -35.20
C ASP D 42 -30.39 20.87 -36.52
N CYS D 43 -29.52 21.46 -37.35
CA CYS D 43 -29.14 20.88 -38.62
C CYS D 43 -27.63 20.89 -38.79
N SER D 44 -26.91 20.75 -37.68
CA SER D 44 -25.45 20.83 -37.72
C SER D 44 -24.85 19.64 -38.45
N GLY D 45 -23.84 19.93 -39.27
CA GLY D 45 -23.09 18.88 -39.93
C GLY D 45 -23.90 18.02 -40.88
N LYS D 46 -24.93 18.59 -41.50
CA LYS D 46 -25.72 17.90 -42.50
C LYS D 46 -25.22 18.17 -43.93
N GLY D 47 -24.17 18.96 -44.08
CA GLY D 47 -23.63 19.23 -45.40
C GLY D 47 -24.51 20.08 -46.27
N LEU D 48 -25.42 20.85 -45.69
CA LEU D 48 -26.31 21.68 -46.48
C LEU D 48 -25.53 22.80 -47.17
N THR D 49 -25.79 22.99 -48.46
CA THR D 49 -25.17 24.06 -49.21
C THR D 49 -26.05 25.31 -49.29
N ALA D 50 -27.23 25.28 -48.68
CA ALA D 50 -28.11 26.43 -48.65
C ALA D 50 -29.06 26.26 -47.49
N VAL D 51 -29.86 27.29 -47.24
CA VAL D 51 -30.79 27.25 -46.11
C VAL D 51 -31.80 26.15 -46.34
N PRO D 52 -31.98 25.23 -45.38
CA PRO D 52 -32.98 24.17 -45.55
C PRO D 52 -34.39 24.75 -45.54
N GLU D 53 -35.28 24.06 -46.25
CA GLU D 53 -36.67 24.45 -46.37
C GLU D 53 -37.57 23.40 -45.71
N GLY D 54 -38.88 23.61 -45.84
CA GLY D 54 -39.83 22.70 -45.24
C GLY D 54 -39.87 22.73 -43.74
N LEU D 55 -39.47 23.84 -43.12
CA LEU D 55 -39.41 23.98 -41.68
C LEU D 55 -40.51 24.93 -41.20
N SER D 56 -41.06 24.62 -40.04
CA SER D 56 -42.14 25.42 -39.49
C SER D 56 -41.67 26.84 -39.20
N ALA D 57 -42.52 27.81 -39.56
CA ALA D 57 -42.21 29.21 -39.25
C ALA D 57 -42.19 29.47 -37.75
N PHE D 58 -42.87 28.63 -36.95
CA PHE D 58 -42.88 28.79 -35.51
C PHE D 58 -41.52 28.54 -34.88
N THR D 59 -40.58 27.95 -35.61
CA THR D 59 -39.26 27.65 -35.05
C THR D 59 -38.59 28.94 -34.59
N GLN D 60 -38.09 28.93 -33.36
CA GLN D 60 -37.37 30.05 -32.78
C GLN D 60 -35.87 29.82 -32.69
N ALA D 61 -35.45 28.63 -32.29
CA ALA D 61 -34.05 28.27 -32.21
C ALA D 61 -33.70 27.45 -33.45
N LEU D 62 -32.65 27.87 -34.16
CA LEU D 62 -32.25 27.21 -35.39
C LEU D 62 -30.74 27.27 -35.49
N ASP D 63 -30.10 26.11 -35.65
CA ASP D 63 -28.66 26.01 -35.74
C ASP D 63 -28.27 25.30 -37.03
N ILE D 64 -27.41 25.93 -37.82
CA ILE D 64 -26.95 25.35 -39.07
C ILE D 64 -25.43 25.33 -39.05
N SER D 65 -24.86 25.13 -37.86
CA SER D 65 -23.41 25.18 -37.71
C SER D 65 -22.74 24.08 -38.50
N MET D 66 -21.51 24.37 -38.92
CA MET D 66 -20.63 23.40 -39.59
C MET D 66 -21.31 22.77 -40.81
N ASN D 67 -21.62 23.62 -41.79
CA ASN D 67 -22.18 23.17 -43.05
C ASN D 67 -21.60 24.04 -44.16
N ASN D 68 -22.05 23.80 -45.39
CA ASN D 68 -21.45 24.53 -46.51
C ASN D 68 -21.93 25.97 -46.59
N ILE D 69 -23.23 26.18 -46.84
CA ILE D 69 -23.87 27.47 -47.07
C ILE D 69 -22.86 28.58 -47.33
N THR D 70 -22.22 28.54 -48.50
CA THR D 70 -21.13 29.47 -48.77
C THR D 70 -21.62 30.91 -48.87
N GLN D 71 -22.81 31.11 -49.45
CA GLN D 71 -23.34 32.45 -49.64
C GLN D 71 -24.81 32.45 -49.25
N LEU D 72 -25.32 33.65 -48.96
CA LEU D 72 -26.73 33.83 -48.63
C LEU D 72 -27.40 34.65 -49.72
N PRO D 73 -28.39 34.11 -50.42
CA PRO D 73 -29.09 34.88 -51.44
C PRO D 73 -30.03 35.89 -50.79
N GLU D 74 -30.74 36.63 -51.63
CA GLU D 74 -31.70 37.61 -51.13
C GLU D 74 -32.84 36.92 -50.39
N ASP D 75 -33.25 37.54 -49.28
CA ASP D 75 -34.38 37.10 -48.46
C ASP D 75 -34.44 35.59 -48.28
N ALA D 76 -33.30 34.96 -48.02
CA ALA D 76 -33.26 33.52 -47.86
C ALA D 76 -33.97 33.06 -46.58
N PHE D 77 -34.31 33.96 -45.67
CA PHE D 77 -34.95 33.61 -44.41
C PHE D 77 -36.38 34.13 -44.32
N LYS D 78 -37.07 34.26 -45.45
CA LYS D 78 -38.43 34.78 -45.43
C LYS D 78 -39.39 33.85 -44.72
N ASN D 79 -39.06 32.57 -44.61
CA ASN D 79 -39.97 31.57 -44.09
C ASN D 79 -39.96 31.46 -42.57
N PHE D 80 -39.14 32.26 -41.88
CA PHE D 80 -38.95 32.14 -40.44
C PHE D 80 -39.12 33.51 -39.79
N PRO D 81 -40.36 34.01 -39.68
CA PRO D 81 -40.58 35.28 -38.99
C PRO D 81 -40.57 35.16 -37.48
N PHE D 82 -40.67 33.96 -36.93
CA PHE D 82 -40.68 33.74 -35.49
C PHE D 82 -39.34 33.23 -34.98
N LEU D 83 -38.24 33.67 -35.58
CA LEU D 83 -36.91 33.20 -35.21
C LEU D 83 -36.34 34.10 -34.12
N GLU D 84 -35.86 33.47 -33.06
CA GLU D 84 -35.27 34.17 -31.92
C GLU D 84 -33.77 33.99 -31.82
N GLU D 85 -33.26 32.78 -32.07
CA GLU D 85 -31.84 32.49 -31.99
C GLU D 85 -31.39 31.76 -33.24
N LEU D 86 -30.37 32.29 -33.90
CA LEU D 86 -29.86 31.74 -35.14
C LEU D 86 -28.36 31.54 -35.02
N GLN D 87 -27.87 30.38 -35.43
CA GLN D 87 -26.45 30.07 -35.38
C GLN D 87 -25.95 29.69 -36.76
N LEU D 88 -24.82 30.28 -37.16
CA LEU D 88 -24.19 29.98 -38.43
C LEU D 88 -22.70 29.70 -38.25
N ALA D 89 -22.34 29.19 -37.08
CA ALA D 89 -20.94 29.02 -36.73
C ALA D 89 -20.23 28.09 -37.71
N GLY D 90 -19.09 28.53 -38.21
CA GLY D 90 -18.22 27.67 -39.00
C GLY D 90 -18.83 27.17 -40.29
N ASN D 91 -19.43 28.07 -41.06
CA ASN D 91 -20.06 27.68 -42.31
C ASN D 91 -19.43 28.34 -43.52
N ASP D 92 -18.19 28.81 -43.39
CA ASP D 92 -17.43 29.35 -44.51
C ASP D 92 -18.21 30.44 -45.25
N LEU D 93 -19.07 31.14 -44.52
CA LEU D 93 -19.91 32.15 -45.13
C LEU D 93 -19.05 33.26 -45.71
N SER D 94 -19.35 33.66 -46.94
CA SER D 94 -18.54 34.63 -47.65
C SER D 94 -19.28 35.93 -47.91
N PHE D 95 -20.43 35.87 -48.57
CA PHE D 95 -21.15 37.07 -48.98
C PHE D 95 -22.59 36.97 -48.53
N ILE D 96 -23.08 38.02 -47.88
CA ILE D 96 -24.47 38.11 -47.43
C ILE D 96 -25.20 39.11 -48.30
N HIS D 97 -26.35 38.71 -48.82
CA HIS D 97 -27.15 39.64 -49.61
C HIS D 97 -27.63 40.78 -48.73
N PRO D 98 -27.71 42.01 -49.27
CA PRO D 98 -28.18 43.13 -48.45
C PRO D 98 -29.55 42.90 -47.84
N LYS D 99 -30.44 42.20 -48.53
CA LYS D 99 -31.76 41.89 -47.99
C LYS D 99 -31.86 40.43 -47.56
N ALA D 100 -30.73 39.79 -47.26
CA ALA D 100 -30.75 38.36 -46.96
C ALA D 100 -31.56 38.06 -45.72
N LEU D 101 -31.42 38.88 -44.67
CA LEU D 101 -32.08 38.64 -43.40
C LEU D 101 -33.16 39.67 -43.12
N SER D 102 -33.86 40.10 -44.16
CA SER D 102 -34.91 41.09 -43.99
C SER D 102 -36.06 40.53 -43.18
N GLY D 103 -36.68 41.39 -42.36
CA GLY D 103 -37.87 40.99 -41.64
C GLY D 103 -37.64 40.05 -40.49
N LEU D 104 -36.44 40.01 -39.93
CA LEU D 104 -36.17 39.18 -38.76
C LEU D 104 -36.29 40.00 -37.48
N LYS D 105 -37.47 40.59 -37.30
CA LYS D 105 -37.70 41.50 -36.19
C LYS D 105 -37.64 40.82 -34.84
N GLU D 106 -37.86 39.50 -34.78
CA GLU D 106 -37.87 38.77 -33.53
C GLU D 106 -36.49 38.23 -33.16
N LEU D 107 -35.46 38.56 -33.94
CA LEU D 107 -34.14 38.01 -33.70
C LEU D 107 -33.53 38.57 -32.43
N LYS D 108 -32.97 37.69 -31.61
CA LYS D 108 -32.33 38.05 -30.36
C LYS D 108 -30.86 37.70 -30.31
N VAL D 109 -30.46 36.55 -30.84
CA VAL D 109 -29.07 36.11 -30.85
C VAL D 109 -28.70 35.71 -32.26
N LEU D 110 -27.61 36.28 -32.77
CA LEU D 110 -27.10 35.94 -34.08
C LEU D 110 -25.61 35.68 -33.97
N THR D 111 -25.17 34.51 -34.42
CA THR D 111 -23.77 34.13 -34.33
C THR D 111 -23.26 33.84 -35.74
N LEU D 112 -22.14 34.45 -36.10
CA LEU D 112 -21.53 34.24 -37.41
C LEU D 112 -20.06 33.94 -37.28
N GLN D 113 -19.64 33.31 -36.19
CA GLN D 113 -18.23 33.14 -35.94
C GLN D 113 -17.61 32.13 -36.89
N ASN D 114 -16.32 32.34 -37.18
CA ASN D 114 -15.53 31.42 -37.99
C ASN D 114 -16.11 31.25 -39.39
N ASN D 115 -16.11 32.35 -40.14
CA ASN D 115 -16.51 32.32 -41.53
C ASN D 115 -15.52 33.16 -42.31
N GLN D 116 -15.86 33.47 -43.56
CA GLN D 116 -14.96 34.15 -44.47
C GLN D 116 -15.33 35.63 -44.66
N LEU D 117 -16.10 36.19 -43.74
CA LEU D 117 -16.45 37.60 -43.84
C LEU D 117 -15.21 38.46 -43.73
N LYS D 118 -15.10 39.45 -44.61
CA LYS D 118 -13.99 40.40 -44.59
C LYS D 118 -14.38 41.77 -44.06
N THR D 119 -15.56 42.26 -44.42
CA THR D 119 -16.10 43.48 -43.86
C THR D 119 -17.42 43.18 -43.16
N VAL D 120 -17.72 43.97 -42.14
CA VAL D 120 -18.94 43.73 -41.37
C VAL D 120 -20.15 43.92 -42.28
N PRO D 121 -21.13 43.03 -42.26
CA PRO D 121 -22.30 43.19 -43.13
C PRO D 121 -23.26 44.26 -42.61
N SER D 122 -22.91 45.52 -42.83
CA SER D 122 -23.73 46.61 -42.31
C SER D 122 -25.13 46.60 -42.91
N GLU D 123 -25.22 46.39 -44.22
CA GLU D 123 -26.53 46.42 -44.85
C GLU D 123 -27.42 45.27 -44.40
N ALA D 124 -26.82 44.11 -44.12
CA ALA D 124 -27.60 42.95 -43.72
C ALA D 124 -28.28 43.16 -42.38
N ILE D 125 -27.58 43.76 -41.43
CA ILE D 125 -28.06 43.82 -40.05
C ILE D 125 -28.67 45.19 -39.73
N ARG D 126 -29.05 45.95 -40.76
CA ARG D 126 -29.58 47.29 -40.51
C ARG D 126 -30.89 47.23 -39.73
N GLY D 127 -31.77 46.31 -40.08
CA GLY D 127 -33.11 46.27 -39.53
C GLY D 127 -33.31 45.39 -38.31
N LEU D 128 -32.24 44.85 -37.72
CA LEU D 128 -32.39 43.94 -36.59
C LEU D 128 -32.50 44.76 -35.30
N SER D 129 -33.66 45.37 -35.12
CA SER D 129 -33.86 46.26 -33.98
C SER D 129 -33.81 45.50 -32.66
N ALA D 130 -34.40 44.30 -32.61
CA ALA D 130 -34.50 43.55 -31.38
C ALA D 130 -33.29 42.66 -31.12
N LEU D 131 -32.27 42.71 -31.96
CA LEU D 131 -31.07 41.91 -31.76
C LEU D 131 -30.42 42.26 -30.43
N GLN D 132 -30.09 41.24 -29.64
CA GLN D 132 -29.48 41.43 -28.34
C GLN D 132 -28.00 41.08 -28.33
N SER D 133 -27.65 39.84 -28.67
CA SER D 133 -26.29 39.37 -28.60
C SER D 133 -25.81 39.04 -30.01
N LEU D 134 -24.68 39.61 -30.40
CA LEU D 134 -24.13 39.42 -31.74
C LEU D 134 -22.71 38.88 -31.62
N ARG D 135 -22.46 37.72 -32.19
CA ARG D 135 -21.12 37.14 -32.24
C ARG D 135 -20.50 37.46 -33.58
N LEU D 136 -19.21 37.79 -33.58
CA LEU D 136 -18.54 37.99 -34.86
C LEU D 136 -17.11 37.48 -34.85
N ASP D 137 -16.69 36.76 -33.83
CA ASP D 137 -15.28 36.39 -33.70
C ASP D 137 -14.88 35.35 -34.74
N ALA D 138 -13.58 35.11 -34.81
CA ALA D 138 -12.92 34.10 -35.63
C ALA D 138 -13.04 34.35 -37.13
N ASN D 139 -13.67 35.44 -37.56
CA ASN D 139 -13.77 35.71 -38.99
C ASN D 139 -12.50 36.39 -39.46
N HIS D 140 -12.54 36.96 -40.66
CA HIS D 140 -11.39 37.66 -41.21
C HIS D 140 -11.73 39.12 -41.47
N ILE D 141 -12.46 39.73 -40.54
CA ILE D 141 -12.77 41.15 -40.66
C ILE D 141 -11.48 41.94 -40.55
N THR D 142 -11.29 42.88 -41.46
CA THR D 142 -10.14 43.78 -41.41
C THR D 142 -10.54 45.24 -41.26
N SER D 143 -11.78 45.60 -41.58
CA SER D 143 -12.24 46.95 -41.45
C SER D 143 -13.75 46.92 -41.22
N VAL D 144 -14.27 48.02 -40.70
CA VAL D 144 -15.71 48.13 -40.47
C VAL D 144 -16.21 49.44 -41.07
N PRO D 145 -17.27 49.40 -41.88
CA PRO D 145 -17.83 50.65 -42.41
C PRO D 145 -18.40 51.51 -41.30
N GLU D 146 -18.38 52.82 -41.51
CA GLU D 146 -18.85 53.74 -40.48
C GLU D 146 -20.33 53.54 -40.20
N ASP D 147 -21.13 53.33 -41.23
CA ASP D 147 -22.58 53.21 -41.10
C ASP D 147 -23.01 51.92 -40.46
N SER D 148 -22.11 51.06 -39.99
CA SER D 148 -22.54 49.80 -39.42
C SER D 148 -23.24 50.00 -38.08
N PHE D 149 -23.98 48.98 -37.67
CA PHE D 149 -24.64 48.90 -36.37
C PHE D 149 -25.71 49.97 -36.17
N GLU D 150 -26.14 50.63 -37.24
CA GLU D 150 -27.17 51.64 -37.12
C GLU D 150 -28.48 51.01 -36.66
N GLY D 151 -29.13 51.63 -35.68
CA GLY D 151 -30.42 51.18 -35.22
C GLY D 151 -30.40 49.97 -34.31
N LEU D 152 -29.21 49.48 -33.92
CA LEU D 152 -29.12 48.31 -33.06
C LEU D 152 -29.27 48.73 -31.60
N VAL D 153 -30.49 49.18 -31.27
CA VAL D 153 -30.75 49.75 -29.96
C VAL D 153 -30.96 48.70 -28.88
N GLN D 154 -30.86 47.42 -29.21
CA GLN D 154 -31.02 46.36 -28.23
C GLN D 154 -29.77 45.54 -28.03
N LEU D 155 -28.64 45.94 -28.61
CA LEU D 155 -27.43 45.16 -28.47
C LEU D 155 -26.92 45.20 -27.04
N ARG D 156 -26.58 44.04 -26.51
CA ARG D 156 -26.06 43.92 -25.16
C ARG D 156 -24.64 43.38 -25.14
N HIS D 157 -24.39 42.25 -25.79
CA HIS D 157 -23.05 41.68 -25.88
C HIS D 157 -22.61 41.69 -27.33
N LEU D 158 -21.39 42.13 -27.57
CA LEU D 158 -20.82 42.13 -28.91
C LEU D 158 -19.42 41.56 -28.86
N TRP D 159 -19.12 40.63 -29.76
CA TRP D 159 -17.78 40.09 -29.91
C TRP D 159 -17.16 40.63 -31.20
N LEU D 160 -15.87 40.91 -31.15
CA LEU D 160 -15.16 41.26 -32.38
C LEU D 160 -13.75 40.70 -32.41
N ASP D 161 -13.41 39.80 -31.50
CA ASP D 161 -12.05 39.30 -31.42
C ASP D 161 -11.74 38.38 -32.59
N ASP D 162 -10.47 37.99 -32.68
CA ASP D 162 -9.99 37.06 -33.71
C ASP D 162 -10.30 37.61 -35.10
N ASN D 163 -9.76 38.78 -35.37
CA ASN D 163 -9.87 39.39 -36.69
C ASN D 163 -8.57 40.12 -36.97
N SER D 164 -8.60 40.97 -37.98
CA SER D 164 -7.42 41.73 -38.37
C SER D 164 -7.70 43.23 -38.31
N LEU D 165 -8.41 43.67 -37.28
CA LEU D 165 -8.60 45.10 -37.07
C LEU D 165 -7.27 45.76 -36.76
N THR D 166 -7.09 46.97 -37.29
CA THR D 166 -5.89 47.74 -37.00
C THR D 166 -6.15 48.91 -36.06
N GLU D 167 -7.37 49.40 -35.99
CA GLU D 167 -7.70 50.50 -35.09
C GLU D 167 -9.14 50.32 -34.62
N VAL D 168 -9.41 50.78 -33.41
CA VAL D 168 -10.76 50.63 -32.86
C VAL D 168 -11.72 51.53 -33.64
N PRO D 169 -12.84 51.01 -34.13
CA PRO D 169 -13.80 51.81 -34.92
C PRO D 169 -14.70 52.70 -34.06
N VAL D 170 -14.18 53.88 -33.73
CA VAL D 170 -14.86 54.76 -32.77
C VAL D 170 -16.26 55.10 -33.26
N HIS D 171 -16.38 55.50 -34.52
CA HIS D 171 -17.69 55.93 -35.03
C HIS D 171 -18.72 54.82 -35.01
N PRO D 172 -18.44 53.60 -35.47
CA PRO D 172 -19.45 52.54 -35.32
C PRO D 172 -19.82 52.25 -33.88
N LEU D 173 -18.85 52.25 -32.97
CA LEU D 173 -19.18 52.01 -31.56
C LEU D 173 -20.05 53.13 -31.00
N SER D 174 -19.92 54.35 -31.53
CA SER D 174 -20.69 55.46 -30.98
C SER D 174 -22.19 55.23 -31.10
N ASN D 175 -22.61 54.33 -32.00
CA ASN D 175 -24.02 54.05 -32.20
C ASN D 175 -24.52 52.88 -31.36
N LEU D 176 -23.87 52.60 -30.23
CA LEU D 176 -24.25 51.48 -29.37
C LEU D 176 -24.43 51.99 -27.95
N PRO D 177 -25.52 52.73 -27.71
CA PRO D 177 -25.70 53.35 -26.38
C PRO D 177 -26.10 52.39 -25.29
N THR D 178 -26.31 51.11 -25.59
CA THR D 178 -26.81 50.15 -24.60
C THR D 178 -25.90 48.94 -24.48
N LEU D 179 -24.63 49.07 -24.87
CA LEU D 179 -23.70 47.95 -24.78
C LEU D 179 -23.43 47.57 -23.33
N GLN D 180 -23.02 46.33 -23.13
CA GLN D 180 -22.67 45.87 -21.80
C GLN D 180 -21.33 45.15 -21.80
N ALA D 181 -20.98 44.51 -22.92
CA ALA D 181 -19.73 43.79 -23.02
C ALA D 181 -19.20 43.91 -24.44
N LEU D 182 -17.89 44.12 -24.56
CA LEU D 182 -17.27 44.28 -25.87
C LEU D 182 -15.88 43.66 -25.82
N THR D 183 -15.58 42.81 -26.80
CA THR D 183 -14.32 42.10 -26.85
C THR D 183 -13.59 42.43 -28.15
N LEU D 184 -12.29 42.68 -28.06
CA LEU D 184 -11.48 42.95 -29.23
C LEU D 184 -10.16 42.20 -29.18
N ALA D 185 -10.16 41.01 -28.61
CA ALA D 185 -8.92 40.27 -28.40
C ALA D 185 -8.32 39.83 -29.71
N LEU D 186 -7.03 39.52 -29.67
CA LEU D 186 -6.31 38.91 -30.78
C LEU D 186 -6.44 39.71 -32.08
N ASN D 187 -6.67 41.01 -31.96
CA ASN D 187 -6.69 41.86 -33.13
C ASN D 187 -5.27 42.38 -33.39
N LYS D 188 -5.16 43.40 -34.24
CA LYS D 188 -3.88 44.03 -34.51
C LYS D 188 -3.94 45.53 -34.23
N ILE D 189 -4.78 45.93 -33.28
CA ILE D 189 -4.82 47.32 -32.85
C ILE D 189 -3.48 47.67 -32.21
N SER D 190 -3.10 48.93 -32.33
CA SER D 190 -1.88 49.43 -31.72
C SER D 190 -2.10 50.50 -30.67
N SER D 191 -3.14 51.33 -30.82
CA SER D 191 -3.34 52.43 -29.89
C SER D 191 -4.82 52.81 -29.89
N ILE D 192 -5.24 53.46 -28.82
CA ILE D 192 -6.62 53.90 -28.64
C ILE D 192 -6.62 55.42 -28.51
N PRO D 193 -7.25 56.15 -29.44
CA PRO D 193 -7.26 57.61 -29.34
C PRO D 193 -8.18 58.08 -28.22
N ASP D 194 -8.08 59.38 -27.93
CA ASP D 194 -8.88 59.96 -26.86
C ASP D 194 -10.37 59.82 -27.16
N PHE D 195 -11.14 59.56 -26.11
CA PHE D 195 -12.59 59.51 -26.19
C PHE D 195 -13.09 58.49 -27.20
N ALA D 196 -12.42 57.35 -27.28
CA ALA D 196 -12.84 56.31 -28.21
C ALA D 196 -14.17 55.69 -27.81
N PHE D 197 -14.41 55.53 -26.52
CA PHE D 197 -15.60 54.86 -26.02
C PHE D 197 -16.50 55.82 -25.24
N THR D 198 -16.64 57.05 -25.73
CA THR D 198 -17.41 58.04 -24.99
C THR D 198 -18.86 57.63 -24.84
N ASN D 199 -19.45 57.06 -25.89
CA ASN D 199 -20.88 56.78 -25.90
C ASN D 199 -21.24 55.50 -25.16
N LEU D 200 -20.28 54.67 -24.79
CA LEU D 200 -20.58 53.41 -24.13
C LEU D 200 -20.77 53.59 -22.63
N SER D 201 -21.65 54.52 -22.24
CA SER D 201 -21.84 54.81 -20.83
C SER D 201 -22.42 53.62 -20.07
N SER D 202 -22.94 52.63 -20.78
CA SER D 202 -23.50 51.44 -20.15
C SER D 202 -22.55 50.26 -20.16
N LEU D 203 -21.30 50.45 -20.58
CA LEU D 203 -20.36 49.36 -20.69
C LEU D 203 -20.04 48.76 -19.32
N VAL D 204 -19.73 47.47 -19.31
CA VAL D 204 -19.40 46.79 -18.06
C VAL D 204 -18.07 46.07 -18.18
N VAL D 205 -17.92 45.22 -19.19
CA VAL D 205 -16.72 44.41 -19.37
C VAL D 205 -16.11 44.72 -20.72
N LEU D 206 -14.82 45.02 -20.73
CA LEU D 206 -14.09 45.29 -21.96
C LEU D 206 -12.85 44.40 -22.02
N HIS D 207 -12.57 43.84 -23.19
CA HIS D 207 -11.45 42.92 -23.34
C HIS D 207 -10.57 43.37 -24.49
N LEU D 208 -9.26 43.36 -24.28
CA LEU D 208 -8.33 43.72 -25.33
C LEU D 208 -7.08 42.84 -25.32
N HIS D 209 -7.14 41.67 -24.71
CA HIS D 209 -5.92 40.92 -24.47
C HIS D 209 -5.34 40.36 -25.78
N ASN D 210 -4.03 40.13 -25.76
CA ASN D 210 -3.25 39.62 -26.89
C ASN D 210 -3.31 40.53 -28.10
N ASN D 211 -3.70 41.78 -27.91
CA ASN D 211 -3.63 42.77 -28.96
C ASN D 211 -2.19 43.26 -29.08
N LYS D 212 -1.98 44.37 -29.77
CA LYS D 212 -0.66 44.96 -29.91
C LYS D 212 -0.67 46.42 -29.44
N ILE D 213 -1.30 46.69 -28.32
CA ILE D 213 -1.38 48.06 -27.82
C ILE D 213 -0.08 48.43 -27.14
N ARG D 214 0.40 49.63 -27.40
CA ARG D 214 1.59 50.15 -26.72
C ARG D 214 1.42 51.57 -26.21
N SER D 215 0.43 52.32 -26.67
CA SER D 215 0.21 53.68 -26.22
C SER D 215 -1.27 53.86 -25.91
N LEU D 216 -1.56 54.69 -24.91
CA LEU D 216 -2.93 54.96 -24.51
C LEU D 216 -3.05 56.43 -24.13
N SER D 217 -3.92 57.15 -24.82
CA SER D 217 -4.06 58.57 -24.56
C SER D 217 -4.71 58.81 -23.20
N GLN D 218 -4.51 60.03 -22.69
CA GLN D 218 -4.89 60.32 -21.31
C GLN D 218 -6.38 60.18 -21.09
N HIS D 219 -7.19 60.63 -22.04
CA HIS D 219 -8.64 60.57 -21.91
C HIS D 219 -9.25 59.45 -22.74
N CYS D 220 -8.44 58.45 -23.12
CA CYS D 220 -8.94 57.41 -24.01
C CYS D 220 -10.10 56.65 -23.39
N PHE D 221 -10.10 56.51 -22.07
CA PHE D 221 -11.10 55.72 -21.39
C PHE D 221 -12.20 56.56 -20.76
N ASP D 222 -12.21 57.87 -21.02
CA ASP D 222 -13.23 58.72 -20.42
C ASP D 222 -14.61 58.34 -20.94
N GLY D 223 -15.58 58.24 -20.02
CA GLY D 223 -16.96 57.95 -20.36
C GLY D 223 -17.43 56.57 -19.92
N LEU D 224 -16.49 55.66 -19.67
CA LEU D 224 -16.86 54.32 -19.21
C LEU D 224 -17.18 54.34 -17.72
N ASP D 225 -18.10 55.19 -17.32
CA ASP D 225 -18.34 55.41 -15.89
C ASP D 225 -18.85 54.17 -15.20
N ASN D 226 -19.34 53.18 -15.94
CA ASN D 226 -19.85 51.96 -15.34
C ASN D 226 -18.97 50.76 -15.64
N LEU D 227 -17.74 50.99 -16.09
CA LEU D 227 -16.83 49.88 -16.38
C LEU D 227 -16.49 49.14 -15.10
N GLU D 228 -16.36 47.82 -15.21
CA GLU D 228 -16.06 46.99 -14.06
C GLU D 228 -14.82 46.13 -14.25
N THR D 229 -14.61 45.60 -15.45
CA THR D 229 -13.47 44.74 -15.72
C THR D 229 -12.78 45.22 -16.99
N LEU D 230 -11.52 45.62 -16.85
CA LEU D 230 -10.71 46.01 -17.99
C LEU D 230 -9.54 45.07 -18.08
N ASP D 231 -9.41 44.38 -19.21
CA ASP D 231 -8.40 43.36 -19.41
C ASP D 231 -7.40 43.84 -20.44
N LEU D 232 -6.12 43.80 -20.09
CA LEU D 232 -5.06 44.29 -20.96
C LEU D 232 -3.88 43.34 -20.96
N ASN D 233 -4.14 42.04 -20.94
CA ASN D 233 -3.05 41.08 -20.98
C ASN D 233 -2.34 41.12 -22.32
N TYR D 234 -1.03 40.84 -22.27
CA TYR D 234 -0.24 40.64 -23.48
C TYR D 234 -0.30 41.85 -24.40
N ASN D 235 0.27 42.94 -23.91
CA ASN D 235 0.42 44.15 -24.71
C ASN D 235 1.82 44.72 -24.50
N ASN D 236 2.10 45.79 -25.23
CA ASN D 236 3.41 46.44 -25.21
C ASN D 236 3.38 47.74 -24.43
N LEU D 237 2.66 47.78 -23.32
CA LEU D 237 2.60 48.99 -22.52
C LEU D 237 3.93 49.23 -21.81
N GLY D 238 4.54 50.38 -22.06
CA GLY D 238 5.80 50.71 -21.45
C GLY D 238 5.68 51.76 -20.38
N GLU D 239 4.51 52.40 -20.30
CA GLU D 239 4.22 53.37 -19.27
C GLU D 239 2.86 53.09 -18.68
N PHE D 240 2.66 53.48 -17.43
CA PHE D 240 1.40 53.21 -16.78
C PHE D 240 0.29 54.03 -17.42
N PRO D 241 -0.86 53.43 -17.67
CA PRO D 241 -1.95 54.15 -18.34
C PRO D 241 -2.75 55.01 -17.39
N GLN D 242 -2.32 56.26 -17.17
CA GLN D 242 -3.06 57.16 -16.31
C GLN D 242 -4.49 57.38 -16.78
N ALA D 243 -4.84 56.92 -17.98
CA ALA D 243 -6.22 57.01 -18.43
C ALA D 243 -7.18 56.22 -17.55
N ILE D 244 -6.67 55.25 -16.81
CA ILE D 244 -7.53 54.41 -15.97
C ILE D 244 -8.05 55.20 -14.78
N LYS D 245 -7.62 56.45 -14.65
CA LYS D 245 -8.07 57.31 -13.57
C LYS D 245 -9.47 57.84 -13.79
N ALA D 246 -10.23 57.27 -14.73
CA ALA D 246 -11.61 57.69 -14.99
C ALA D 246 -12.58 56.53 -14.87
N LEU D 247 -12.24 55.48 -14.14
CA LEU D 247 -13.08 54.29 -14.00
C LEU D 247 -13.49 54.14 -12.55
N PRO D 248 -14.60 54.74 -12.15
CA PRO D 248 -14.99 54.72 -10.73
C PRO D 248 -15.46 53.37 -10.24
N SER D 249 -15.71 52.40 -11.13
CA SER D 249 -16.22 51.10 -10.71
C SER D 249 -15.32 49.96 -11.14
N LEU D 250 -14.03 50.23 -11.31
CA LEU D 250 -13.11 49.19 -11.70
C LEU D 250 -12.97 48.17 -10.59
N LYS D 251 -12.93 46.89 -10.96
CA LYS D 251 -12.73 45.82 -10.00
C LYS D 251 -11.59 44.87 -10.37
N GLU D 252 -11.40 44.60 -11.66
CA GLU D 252 -10.30 43.77 -12.12
C GLU D 252 -9.56 44.47 -13.24
N LEU D 253 -8.25 44.65 -13.07
CA LEU D 253 -7.43 45.34 -14.06
C LEU D 253 -6.19 44.47 -14.27
N GLY D 254 -6.26 43.58 -15.23
CA GLY D 254 -5.14 42.68 -15.47
C GLY D 254 -4.34 43.04 -16.69
N PHE D 255 -3.15 43.59 -16.50
CA PHE D 255 -2.28 43.93 -17.62
C PHE D 255 -0.96 43.18 -17.56
N HIS D 256 -1.00 41.93 -17.12
CA HIS D 256 0.23 41.16 -16.99
C HIS D 256 0.79 40.82 -18.37
N SER D 257 2.03 40.37 -18.37
CA SER D 257 2.77 40.09 -19.61
C SER D 257 2.84 41.32 -20.49
N ASN D 258 3.52 42.34 -19.99
CA ASN D 258 3.70 43.59 -20.72
C ASN D 258 5.15 44.03 -20.56
N SER D 259 5.43 45.28 -20.92
CA SER D 259 6.73 45.89 -20.71
C SER D 259 6.68 46.99 -19.65
N ILE D 260 5.69 46.92 -18.76
CA ILE D 260 5.57 47.89 -17.68
C ILE D 260 6.80 47.82 -16.80
N SER D 261 7.27 48.98 -16.34
CA SER D 261 8.47 49.04 -15.52
C SER D 261 8.27 49.85 -14.24
N VAL D 262 7.39 50.85 -14.27
CA VAL D 262 7.26 51.80 -13.18
C VAL D 262 5.79 51.96 -12.82
N ILE D 263 5.50 51.91 -11.53
CA ILE D 263 4.17 52.22 -11.02
C ILE D 263 4.25 53.50 -10.20
N PRO D 264 3.77 54.62 -10.71
CA PRO D 264 3.93 55.89 -9.98
C PRO D 264 3.09 55.92 -8.72
N ASP D 265 3.50 56.78 -7.80
CA ASP D 265 2.79 56.93 -6.54
C ASP D 265 1.37 57.44 -6.80
N GLY D 266 0.41 56.84 -6.11
CA GLY D 266 -0.98 57.25 -6.25
C GLY D 266 -1.55 57.00 -7.63
N ALA D 267 -1.15 55.91 -8.27
CA ALA D 267 -1.63 55.57 -9.60
C ALA D 267 -2.93 54.78 -9.58
N PHE D 268 -3.67 54.82 -8.46
CA PHE D 268 -4.91 54.08 -8.37
C PHE D 268 -6.00 54.85 -7.64
N ASP D 269 -5.83 56.16 -7.42
CA ASP D 269 -6.82 56.92 -6.66
C ASP D 269 -8.18 56.95 -7.34
N GLY D 270 -8.22 56.72 -8.64
CA GLY D 270 -9.48 56.67 -9.35
C GLY D 270 -10.18 55.33 -9.32
N ASN D 271 -9.60 54.32 -8.68
CA ASN D 271 -10.17 52.98 -8.63
C ASN D 271 -10.22 52.50 -7.19
N PRO D 272 -11.06 53.09 -6.35
CA PRO D 272 -11.12 52.71 -4.95
C PRO D 272 -11.82 51.39 -4.69
N LEU D 273 -12.13 50.61 -5.73
CA LEU D 273 -12.87 49.37 -5.56
C LEU D 273 -12.16 48.18 -6.18
N LEU D 274 -10.86 48.28 -6.41
CA LEU D 274 -10.14 47.19 -7.05
C LEU D 274 -10.20 45.94 -6.19
N ARG D 275 -10.34 44.79 -6.84
CA ARG D 275 -10.32 43.50 -6.17
C ARG D 275 -9.04 42.72 -6.41
N THR D 276 -8.61 42.61 -7.66
CA THR D 276 -7.40 41.88 -7.97
C THR D 276 -6.63 42.66 -9.04
N ILE D 277 -5.32 42.43 -9.08
CA ILE D 277 -4.47 43.02 -10.10
C ILE D 277 -3.55 41.95 -10.64
N HIS D 278 -3.55 41.77 -11.95
CA HIS D 278 -2.63 40.85 -12.62
C HIS D 278 -1.51 41.68 -13.21
N LEU D 279 -0.41 41.80 -12.48
CA LEU D 279 0.78 42.43 -13.02
C LEU D 279 2.00 41.53 -13.00
N TYR D 280 1.82 40.23 -12.78
CA TYR D 280 2.93 39.32 -12.84
C TYR D 280 3.52 39.30 -14.24
N ASP D 281 4.66 38.63 -14.38
CA ASP D 281 5.34 38.50 -15.67
C ASP D 281 5.59 39.86 -16.30
N ASN D 282 5.98 40.82 -15.47
CA ASN D 282 6.27 42.17 -15.92
C ASN D 282 7.63 42.59 -15.37
N PRO D 283 8.40 43.36 -16.14
CA PRO D 283 9.68 43.85 -15.62
C PRO D 283 9.51 45.04 -14.70
N LEU D 284 8.97 44.81 -13.51
CA LEU D 284 8.74 45.88 -12.55
C LEU D 284 10.06 46.25 -11.89
N SER D 285 10.46 47.51 -12.04
CA SER D 285 11.71 47.98 -11.44
C SER D 285 11.46 48.69 -10.11
N PHE D 286 10.57 49.68 -10.09
CA PHE D 286 10.33 50.47 -8.90
C PHE D 286 8.84 50.69 -8.73
N VAL D 287 8.38 50.70 -7.49
CA VAL D 287 6.99 50.94 -7.16
C VAL D 287 6.93 52.07 -6.14
N GLY D 288 5.98 52.97 -6.31
CA GLY D 288 5.84 54.08 -5.39
C GLY D 288 5.59 53.61 -3.97
N ASN D 289 6.10 54.38 -3.02
CA ASN D 289 6.03 53.98 -1.61
C ASN D 289 4.59 53.88 -1.14
N SER D 290 3.76 54.85 -1.51
CA SER D 290 2.37 54.90 -1.08
C SER D 290 1.43 54.51 -2.22
N ALA D 291 1.84 53.55 -3.04
CA ALA D 291 1.14 53.24 -4.28
C ALA D 291 0.12 52.13 -4.12
N PHE D 292 -0.27 51.79 -2.89
CA PHE D 292 -1.29 50.75 -2.75
C PHE D 292 -2.26 51.01 -1.61
N HIS D 293 -2.24 52.18 -0.99
CA HIS D 293 -3.11 52.42 0.16
C HIS D 293 -4.52 52.71 -0.29
N ASN D 294 -5.45 52.63 0.66
CA ASN D 294 -6.87 52.95 0.52
C ASN D 294 -7.67 51.95 -0.30
N LEU D 295 -7.03 50.92 -0.87
CA LEU D 295 -7.76 49.92 -1.65
C LEU D 295 -8.39 48.94 -0.67
N SER D 296 -9.51 49.38 -0.08
CA SER D 296 -10.11 48.66 1.04
C SER D 296 -10.69 47.32 0.63
N ASP D 297 -10.54 46.89 -0.61
CA ASP D 297 -10.99 45.57 -1.02
C ASP D 297 -9.97 44.85 -1.89
N LEU D 298 -8.74 45.34 -1.93
CA LEU D 298 -7.70 44.66 -2.69
C LEU D 298 -7.45 43.30 -2.06
N HIS D 299 -7.91 42.25 -2.73
CA HIS D 299 -7.94 40.91 -2.15
C HIS D 299 -6.63 40.16 -2.28
N SER D 300 -5.68 40.67 -3.05
CA SER D 300 -4.38 40.02 -3.23
C SER D 300 -3.40 41.05 -3.74
N LEU D 301 -2.11 40.75 -3.59
CA LEU D 301 -1.08 41.65 -4.07
C LEU D 301 0.21 40.86 -4.23
N VAL D 302 0.72 40.78 -5.45
CA VAL D 302 1.95 40.06 -5.75
C VAL D 302 2.88 40.99 -6.50
N ILE D 303 4.13 41.09 -6.03
CA ILE D 303 5.15 41.91 -6.66
C ILE D 303 6.42 41.09 -6.75
N ARG D 304 7.01 41.03 -7.93
CA ARG D 304 8.23 40.25 -8.12
C ARG D 304 9.20 41.01 -9.01
N GLY D 305 10.47 40.94 -8.66
CA GLY D 305 11.51 41.57 -9.45
C GLY D 305 11.69 43.05 -9.22
N ALA D 306 10.98 43.63 -8.26
CA ALA D 306 11.07 45.07 -8.00
C ALA D 306 12.33 45.36 -7.20
N SER D 307 13.46 45.33 -7.90
CA SER D 307 14.76 45.48 -7.24
C SER D 307 14.93 46.87 -6.64
N MET D 308 14.50 47.91 -7.36
CA MET D 308 14.73 49.27 -6.90
C MET D 308 13.93 49.62 -5.67
N VAL D 309 12.98 48.78 -5.25
CA VAL D 309 12.22 49.05 -4.04
C VAL D 309 13.13 48.85 -2.84
N GLN D 310 13.14 49.83 -1.93
CA GLN D 310 13.97 49.77 -0.74
C GLN D 310 13.19 49.95 0.55
N GLN D 311 11.88 50.13 0.48
CA GLN D 311 11.05 50.25 1.67
C GLN D 311 9.81 49.39 1.50
N PHE D 312 9.26 48.95 2.60
CA PHE D 312 7.98 48.25 2.55
C PHE D 312 6.89 49.22 2.14
N PRO D 313 5.97 48.81 1.28
CA PRO D 313 4.93 49.73 0.80
C PRO D 313 4.01 50.17 1.93
N ASN D 314 3.47 51.38 1.78
CA ASN D 314 2.73 52.06 2.84
C ASN D 314 1.27 51.58 2.80
N LEU D 315 1.08 50.33 3.21
CA LEU D 315 -0.15 49.60 2.98
C LEU D 315 -1.26 49.94 3.97
N THR D 316 -1.15 51.07 4.67
CA THR D 316 -2.16 51.41 5.66
C THR D 316 -3.51 51.63 4.98
N GLY D 317 -4.57 51.13 5.61
CA GLY D 317 -5.90 51.26 5.06
C GLY D 317 -6.33 50.02 4.31
N THR D 318 -5.42 49.44 3.54
CA THR D 318 -5.71 48.21 2.81
C THR D 318 -5.73 47.07 3.81
N VAL D 319 -6.92 46.73 4.30
CA VAL D 319 -7.08 45.82 5.42
C VAL D 319 -7.75 44.52 5.01
N HIS D 320 -7.64 44.15 3.74
CA HIS D 320 -8.30 42.95 3.26
C HIS D 320 -7.36 42.17 2.34
N LEU D 321 -6.10 42.08 2.72
CA LEU D 321 -5.11 41.36 1.92
C LEU D 321 -5.05 39.93 2.39
N GLU D 322 -5.67 39.02 1.64
CA GLU D 322 -5.59 37.61 2.01
C GLU D 322 -4.21 37.05 1.76
N SER D 323 -3.54 37.51 0.71
CA SER D 323 -2.22 37.02 0.35
C SER D 323 -1.32 38.19 0.04
N LEU D 324 -0.02 38.00 0.24
CA LEU D 324 0.95 39.05 0.02
C LEU D 324 2.27 38.43 -0.38
N THR D 325 2.98 39.08 -1.30
CA THR D 325 4.26 38.56 -1.77
C THR D 325 5.14 39.72 -2.19
N LEU D 326 6.42 39.64 -1.88
CA LEU D 326 7.37 40.69 -2.24
C LEU D 326 8.75 40.06 -2.32
N THR D 327 9.20 39.74 -3.52
CA THR D 327 10.46 39.05 -3.73
C THR D 327 11.42 39.92 -4.54
N GLY D 328 12.71 39.67 -4.36
CA GLY D 328 13.72 40.35 -5.14
C GLY D 328 13.74 41.84 -4.93
N THR D 329 13.67 42.27 -3.68
CA THR D 329 13.65 43.69 -3.34
C THR D 329 14.55 43.94 -2.15
N LYS D 330 14.96 45.19 -1.99
CA LYS D 330 15.97 45.59 -1.02
C LYS D 330 15.37 46.06 0.29
N ILE D 331 14.21 45.52 0.66
CA ILE D 331 13.60 45.88 1.93
C ILE D 331 14.48 45.39 3.06
N SER D 332 14.69 46.26 4.06
CA SER D 332 15.52 45.92 5.20
C SER D 332 14.70 45.44 6.39
N SER D 333 13.61 46.13 6.71
CA SER D 333 12.79 45.77 7.85
C SER D 333 11.33 45.69 7.48
N ILE D 334 10.46 45.50 8.47
CA ILE D 334 9.03 45.40 8.25
C ILE D 334 8.33 46.34 9.23
N PRO D 335 7.25 47.01 8.82
CA PRO D 335 6.46 47.76 9.80
C PRO D 335 5.88 46.84 10.86
N ASN D 336 5.82 47.33 12.09
CA ASN D 336 5.43 46.50 13.23
C ASN D 336 3.92 46.27 13.28
N ASN D 337 3.13 47.24 12.83
CA ASN D 337 1.67 47.12 12.86
C ASN D 337 1.13 46.27 11.71
N LEU D 338 1.98 45.48 11.08
CA LEU D 338 1.54 44.67 9.94
C LEU D 338 0.45 43.71 10.35
N CYS D 339 0.62 43.02 11.48
CA CYS D 339 -0.40 42.08 11.91
C CYS D 339 -1.62 42.79 12.47
N GLN D 340 -1.50 44.05 12.85
CA GLN D 340 -2.64 44.80 13.33
C GLN D 340 -3.44 45.45 12.21
N GLU D 341 -2.86 45.57 11.02
CA GLU D 341 -3.57 46.14 9.88
C GLU D 341 -4.25 45.08 9.03
N GLN D 342 -3.49 44.10 8.56
CA GLN D 342 -4.02 43.03 7.71
C GLN D 342 -4.45 41.88 8.62
N LYS D 343 -5.55 42.10 9.34
CA LYS D 343 -5.98 41.16 10.35
C LYS D 343 -6.23 39.79 9.74
N MET D 344 -6.89 39.74 8.59
CA MET D 344 -7.24 38.49 7.95
C MET D 344 -6.19 38.02 6.95
N LEU D 345 -4.95 38.48 7.08
CA LEU D 345 -3.88 37.99 6.23
C LEU D 345 -3.70 36.49 6.42
N ARG D 346 -3.56 35.77 5.31
CA ARG D 346 -3.43 34.32 5.36
C ARG D 346 -2.05 33.84 4.92
N THR D 347 -1.60 34.19 3.73
CA THR D 347 -0.32 33.74 3.22
C THR D 347 0.60 34.93 3.04
N LEU D 348 1.83 34.81 3.54
CA LEU D 348 2.79 35.88 3.44
C LEU D 348 4.12 35.28 2.99
N ASP D 349 4.83 36.01 2.14
CA ASP D 349 6.14 35.59 1.67
C ASP D 349 7.03 36.81 1.47
N LEU D 350 8.24 36.74 1.99
CA LEU D 350 9.19 37.84 1.84
C LEU D 350 10.57 37.32 1.46
N SER D 351 10.64 36.38 0.53
CA SER D 351 11.91 35.78 0.22
C SER D 351 12.78 36.72 -0.60
N TYR D 352 14.07 36.38 -0.68
CA TYR D 352 15.04 37.09 -1.52
C TYR D 352 15.09 38.58 -1.18
N ASN D 353 15.11 38.89 0.11
CA ASN D 353 15.17 40.26 0.55
C ASN D 353 16.25 40.39 1.61
N ASN D 354 16.46 41.62 2.08
CA ASN D 354 17.49 41.94 3.07
C ASN D 354 16.90 42.07 4.46
N ILE D 355 15.89 41.27 4.78
CA ILE D 355 15.28 41.35 6.09
C ILE D 355 16.27 40.89 7.15
N ARG D 356 16.48 41.72 8.16
CA ARG D 356 17.43 41.42 9.21
C ARG D 356 16.75 41.13 10.55
N ASP D 357 15.92 42.05 11.03
CA ASP D 357 15.30 41.93 12.33
C ASP D 357 13.82 41.60 12.16
N LEU D 358 13.38 40.52 12.79
CA LEU D 358 12.00 40.07 12.67
C LEU D 358 11.14 40.74 13.74
N PRO D 359 10.16 41.55 13.37
CA PRO D 359 9.27 42.14 14.37
C PRO D 359 8.26 41.13 14.87
N SER D 360 7.59 41.49 15.96
CA SER D 360 6.60 40.60 16.57
C SER D 360 5.47 40.31 15.59
N PHE D 361 5.11 39.03 15.48
CA PHE D 361 4.08 38.59 14.56
C PHE D 361 2.75 38.33 15.25
N ASN D 362 2.60 38.72 16.51
CA ASN D 362 1.34 38.51 17.20
C ASN D 362 0.26 39.40 16.60
N GLY D 363 -0.85 38.81 16.21
CA GLY D 363 -1.94 39.57 15.63
C GLY D 363 -2.50 38.96 14.35
N CYS D 364 -1.64 38.31 13.57
CA CYS D 364 -2.09 37.63 12.35
C CYS D 364 -2.61 36.25 12.72
N HIS D 365 -3.73 36.25 13.45
CA HIS D 365 -4.25 35.02 14.02
C HIS D 365 -4.77 34.06 12.97
N ALA D 366 -4.97 34.52 11.74
CA ALA D 366 -5.39 33.64 10.65
C ALA D 366 -4.24 33.29 9.72
N LEU D 367 -3.04 33.78 9.99
CA LEU D 367 -1.91 33.56 9.10
C LEU D 367 -1.54 32.08 9.09
N GLU D 368 -1.22 31.56 7.92
CA GLU D 368 -0.88 30.15 7.78
C GLU D 368 0.57 29.91 7.36
N GLU D 369 1.01 30.43 6.21
CA GLU D 369 2.36 30.17 5.73
C GLU D 369 3.19 31.43 5.85
N ILE D 370 4.42 31.27 6.32
CA ILE D 370 5.43 32.32 6.31
C ILE D 370 6.68 31.75 5.66
N SER D 371 7.27 32.51 4.73
CA SER D 371 8.49 32.09 4.08
C SER D 371 9.41 33.28 4.00
N LEU D 372 10.56 33.19 4.67
CA LEU D 372 11.50 34.30 4.72
C LEU D 372 12.88 33.87 4.22
N GLN D 373 12.91 32.85 3.37
CA GLN D 373 14.19 32.27 3.00
C GLN D 373 15.02 33.25 2.18
N ARG D 374 16.34 33.03 2.21
CA ARG D 374 17.31 33.87 1.51
C ARG D 374 17.23 35.31 1.99
N ASN D 375 17.41 35.48 3.29
CA ASN D 375 17.43 36.80 3.91
C ASN D 375 18.57 36.86 4.92
N GLN D 376 18.83 38.06 5.42
CA GLN D 376 19.88 38.30 6.39
C GLN D 376 19.40 38.15 7.82
N ILE D 377 18.34 37.38 8.05
CA ILE D 377 17.86 37.16 9.41
C ILE D 377 18.95 36.44 10.19
N TYR D 378 19.28 36.99 11.35
CA TYR D 378 20.41 36.47 12.12
C TYR D 378 20.04 35.97 13.49
N GLN D 379 18.98 36.47 14.10
CA GLN D 379 18.59 36.03 15.43
C GLN D 379 17.08 35.83 15.49
N ILE D 380 16.65 34.95 16.39
CA ILE D 380 15.24 34.66 16.58
C ILE D 380 14.93 34.83 18.06
N LYS D 381 13.97 35.70 18.37
CA LYS D 381 13.58 35.93 19.75
C LYS D 381 12.41 35.03 20.13
N GLU D 382 12.10 35.01 21.43
CA GLU D 382 11.04 34.14 21.91
C GLU D 382 9.68 34.59 21.42
N GLY D 383 9.41 35.89 21.48
CA GLY D 383 8.08 36.40 21.21
C GLY D 383 7.75 36.64 19.76
N THR D 384 8.65 36.30 18.84
CA THR D 384 8.38 36.59 17.42
C THR D 384 7.18 35.80 16.91
N PHE D 385 7.03 34.55 17.35
CA PHE D 385 5.96 33.70 16.88
C PHE D 385 4.91 33.47 17.96
N GLN D 386 4.73 34.44 18.84
CA GLN D 386 3.79 34.32 19.94
C GLN D 386 2.37 34.39 19.40
N GLY D 387 1.63 33.30 19.52
CA GLY D 387 0.22 33.31 19.17
C GLY D 387 -0.10 33.12 17.70
N LEU D 388 0.78 32.47 16.94
CA LEU D 388 0.48 32.12 15.55
C LEU D 388 -0.28 30.80 15.57
N ILE D 389 -1.57 30.89 15.88
CA ILE D 389 -2.35 29.69 16.13
C ILE D 389 -2.46 28.84 14.87
N SER D 390 -2.75 29.46 13.74
CA SER D 390 -3.09 28.73 12.53
C SER D 390 -1.90 28.52 11.61
N LEU D 391 -0.68 28.81 12.07
CA LEU D 391 0.50 28.62 11.24
C LEU D 391 0.67 27.16 10.86
N ARG D 392 0.93 26.90 9.58
CA ARG D 392 1.10 25.54 9.09
C ARG D 392 2.47 25.31 8.48
N ILE D 393 2.91 26.18 7.58
CA ILE D 393 4.19 26.03 6.88
C ILE D 393 5.08 27.18 7.29
N LEU D 394 6.31 26.85 7.66
CA LEU D 394 7.30 27.84 8.06
C LEU D 394 8.59 27.56 7.32
N ASP D 395 9.38 28.60 7.09
CA ASP D 395 10.61 28.44 6.31
C ASP D 395 11.53 29.62 6.59
N LEU D 396 12.74 29.33 7.04
CA LEU D 396 13.77 30.36 7.23
C LEU D 396 15.09 29.98 6.59
N SER D 397 15.07 29.08 5.61
CA SER D 397 16.31 28.50 5.10
C SER D 397 17.18 29.55 4.42
N ARG D 398 18.48 29.28 4.40
CA ARG D 398 19.48 30.15 3.79
C ARG D 398 19.45 31.54 4.42
N ASN D 399 19.62 31.57 5.73
CA ASN D 399 19.73 32.81 6.48
C ASN D 399 20.98 32.75 7.36
N LEU D 400 21.09 33.69 8.27
CA LEU D 400 22.22 33.74 9.20
C LEU D 400 21.78 33.48 10.63
N ILE D 401 20.64 32.80 10.82
CA ILE D 401 20.16 32.56 12.17
C ILE D 401 21.08 31.55 12.86
N HIS D 402 21.47 31.87 14.09
CA HIS D 402 22.28 30.94 14.87
C HIS D 402 21.69 30.72 16.25
N GLU D 403 21.01 31.73 16.79
CA GLU D 403 20.49 31.67 18.15
C GLU D 403 18.97 31.63 18.12
N ILE D 404 18.41 30.47 18.47
CA ILE D 404 16.97 30.32 18.63
C ILE D 404 16.66 30.27 20.11
N HIS D 405 15.78 31.14 20.57
CA HIS D 405 15.34 31.10 21.95
C HIS D 405 14.64 29.77 22.23
N SER D 406 14.76 29.30 23.46
CA SER D 406 14.23 27.98 23.79
C SER D 406 12.73 27.91 23.57
N ARG D 407 11.99 28.95 23.97
CA ARG D 407 10.54 28.97 23.88
C ARG D 407 10.03 29.60 22.59
N ALA D 408 10.80 29.50 21.51
CA ALA D 408 10.36 30.12 20.27
C ALA D 408 9.10 29.48 19.74
N PHE D 409 8.99 28.16 19.81
CA PHE D 409 7.88 27.45 19.19
C PHE D 409 6.86 26.96 20.21
N ALA D 410 6.90 27.46 21.44
CA ALA D 410 6.00 26.97 22.47
C ALA D 410 4.55 27.25 22.12
N THR D 411 4.26 28.44 21.60
CA THR D 411 2.89 28.84 21.33
C THR D 411 2.39 28.40 19.96
N LEU D 412 3.20 27.68 19.20
CA LEU D 412 2.81 27.29 17.86
C LEU D 412 1.62 26.34 17.88
N GLY D 413 0.91 26.31 16.76
CA GLY D 413 -0.24 25.44 16.60
C GLY D 413 0.12 24.17 15.86
N PRO D 414 -0.66 23.85 14.83
CA PRO D 414 -0.41 22.63 14.04
C PRO D 414 0.64 22.82 12.96
N ILE D 415 1.83 23.28 13.37
CA ILE D 415 2.93 23.44 12.44
C ILE D 415 3.33 22.07 11.90
N THR D 416 3.47 21.98 10.58
CA THR D 416 3.80 20.71 9.94
C THR D 416 5.18 20.68 9.31
N ASN D 417 5.56 21.70 8.56
CA ASN D 417 6.88 21.76 7.93
C ASN D 417 7.65 22.92 8.52
N LEU D 418 8.84 22.63 9.05
CA LEU D 418 9.74 23.65 9.54
C LEU D 418 11.08 23.50 8.82
N ASP D 419 11.67 24.62 8.43
CA ASP D 419 12.84 24.61 7.55
C ASP D 419 13.83 25.66 8.04
N VAL D 420 14.95 25.21 8.60
CA VAL D 420 16.00 26.15 8.99
C VAL D 420 17.30 25.64 8.37
N SER D 421 17.20 24.99 7.22
CA SER D 421 18.39 24.46 6.57
C SER D 421 19.30 25.59 6.11
N PHE D 422 20.60 25.28 6.05
CA PHE D 422 21.65 26.22 5.65
C PHE D 422 21.68 27.43 6.59
N ASN D 423 22.01 27.16 7.85
CA ASN D 423 22.13 28.22 8.83
C ASN D 423 23.22 27.85 9.83
N GLU D 424 23.40 28.69 10.84
CA GLU D 424 24.48 28.55 11.81
C GLU D 424 23.97 28.10 13.17
N LEU D 425 22.97 27.21 13.18
CA LEU D 425 22.43 26.74 14.44
C LEU D 425 23.45 25.91 15.19
N THR D 426 23.46 26.07 16.50
CA THR D 426 24.26 25.24 17.40
C THR D 426 23.43 24.46 18.39
N SER D 427 22.36 25.06 18.92
CA SER D 427 21.46 24.40 19.84
C SER D 427 20.04 24.57 19.33
N PHE D 428 19.32 23.46 19.19
CA PHE D 428 17.99 23.48 18.58
C PHE D 428 16.92 23.21 19.64
N PRO D 429 16.13 24.21 20.01
CA PRO D 429 14.99 23.95 20.91
C PRO D 429 13.94 23.10 20.22
N THR D 430 13.20 22.33 21.02
CA THR D 430 12.18 21.44 20.51
C THR D 430 10.85 21.55 21.25
N GLU D 431 10.73 22.45 22.22
CA GLU D 431 9.49 22.56 22.98
C GLU D 431 8.36 23.00 22.07
N GLY D 432 7.18 22.41 22.28
CA GLY D 432 6.01 22.76 21.49
C GLY D 432 6.17 22.48 20.02
N LEU D 433 6.76 21.33 19.68
CA LEU D 433 7.04 21.00 18.29
C LEU D 433 6.58 19.58 17.96
N ASN D 434 5.95 18.89 18.91
CA ASN D 434 5.62 17.49 18.73
C ASN D 434 4.70 17.24 17.54
N GLY D 435 3.93 18.24 17.13
CA GLY D 435 3.01 18.09 16.03
C GLY D 435 3.62 18.14 14.65
N LEU D 436 4.92 18.36 14.55
CA LEU D 436 5.55 18.51 13.25
C LEU D 436 5.49 17.21 12.46
N ASN D 437 5.41 17.35 11.13
CA ASN D 437 5.42 16.22 10.21
C ASN D 437 6.67 16.13 9.36
N GLN D 438 7.29 17.26 9.03
CA GLN D 438 8.47 17.28 8.18
C GLN D 438 9.42 18.37 8.67
N LEU D 439 10.72 18.09 8.58
CA LEU D 439 11.71 18.99 9.13
C LEU D 439 13.03 18.80 8.39
N LYS D 440 13.79 19.88 8.25
CA LYS D 440 15.09 19.83 7.63
C LYS D 440 16.09 20.64 8.45
N LEU D 441 17.31 20.13 8.55
CA LEU D 441 18.40 20.86 9.19
C LEU D 441 19.68 20.83 8.35
N VAL D 442 19.62 20.32 7.12
CA VAL D 442 20.84 20.14 6.34
C VAL D 442 21.54 21.47 6.15
N GLY D 443 22.87 21.44 6.23
CA GLY D 443 23.68 22.63 6.12
C GLY D 443 24.06 23.24 7.45
N ASN D 444 23.42 22.85 8.54
CA ASN D 444 23.76 23.37 9.86
C ASN D 444 24.96 22.61 10.40
N PHE D 445 26.14 22.99 9.92
CA PHE D 445 27.36 22.30 10.32
C PHE D 445 27.62 22.46 11.82
N LYS D 446 27.38 23.65 12.35
CA LYS D 446 27.59 23.85 13.77
C LYS D 446 26.69 22.99 14.63
N LEU D 447 25.59 22.49 14.06
CA LEU D 447 24.69 21.58 14.78
C LEU D 447 25.36 20.21 14.85
N LYS D 448 26.14 20.02 15.90
CA LYS D 448 26.82 18.75 16.14
C LYS D 448 26.08 17.86 17.12
N GLU D 449 24.90 18.28 17.58
CA GLU D 449 24.16 17.53 18.59
C GLU D 449 23.02 16.77 17.93
N ALA D 450 22.27 16.03 18.75
CA ALA D 450 21.13 15.24 18.30
C ALA D 450 19.87 15.72 19.00
N LEU D 451 18.75 15.06 18.69
CA LEU D 451 17.45 15.45 19.21
C LEU D 451 16.74 14.26 19.83
N ALA D 452 15.94 14.53 20.85
CA ALA D 452 15.21 13.48 21.57
C ALA D 452 13.92 13.14 20.86
N ALA D 453 13.71 11.84 20.61
CA ALA D 453 12.50 11.41 19.93
C ALA D 453 11.23 11.71 20.72
N LYS D 454 11.36 11.96 22.01
CA LYS D 454 10.20 12.27 22.83
C LYS D 454 9.50 13.55 22.38
N ASP D 455 10.22 14.45 21.70
CA ASP D 455 9.65 15.72 21.27
C ASP D 455 9.23 15.71 19.80
N PHE D 456 9.44 14.60 19.10
CA PHE D 456 9.15 14.50 17.66
C PHE D 456 8.21 13.33 17.41
N VAL D 457 7.11 13.29 18.16
CA VAL D 457 6.24 12.12 18.17
C VAL D 457 5.69 11.84 16.78
N ASN D 458 5.23 12.88 16.08
CA ASN D 458 4.55 12.72 14.80
C ASN D 458 5.46 12.98 13.62
N LEU D 459 6.77 13.12 13.84
CA LEU D 459 7.69 13.41 12.74
C LEU D 459 7.69 12.27 11.74
N ARG D 460 7.75 12.62 10.46
CA ARG D 460 7.83 11.65 9.38
C ARG D 460 9.13 11.72 8.60
N SER D 461 9.45 12.89 8.05
CA SER D 461 10.64 13.06 7.24
C SER D 461 11.60 14.03 7.90
N LEU D 462 12.89 13.71 7.85
CA LEU D 462 13.93 14.52 8.46
C LEU D 462 15.18 14.45 7.61
N SER D 463 15.92 15.56 7.56
CA SER D 463 17.18 15.62 6.81
C SER D 463 18.17 16.43 7.65
N VAL D 464 19.05 15.73 8.36
CA VAL D 464 20.00 16.36 9.27
C VAL D 464 21.36 16.43 8.60
N PRO D 465 22.23 17.37 9.00
CA PRO D 465 23.55 17.44 8.35
C PRO D 465 24.40 16.20 8.53
N TYR D 466 24.33 15.55 9.69
CA TYR D 466 25.14 14.38 9.99
C TYR D 466 24.22 13.19 10.24
N ALA D 467 24.51 12.08 9.58
CA ALA D 467 23.62 10.92 9.67
C ALA D 467 23.51 10.40 11.09
N TYR D 468 24.52 10.65 11.91
CA TYR D 468 24.47 10.17 13.29
C TYR D 468 23.32 10.80 14.06
N GLN D 469 22.90 12.00 13.66
CA GLN D 469 21.74 12.62 14.30
C GLN D 469 20.47 11.83 14.04
N CYS D 470 20.43 11.02 13.00
CA CYS D 470 19.29 10.18 12.68
C CYS D 470 19.32 8.83 13.37
N CYS D 471 20.43 8.47 14.04
CA CYS D 471 20.48 7.19 14.70
C CYS D 471 19.51 7.10 15.87
N ALA D 472 19.10 8.24 16.43
CA ALA D 472 18.16 8.21 17.56
C ALA D 472 16.81 7.64 17.16
N PHE D 473 16.43 7.75 15.90
CA PHE D 473 15.14 7.25 15.45
C PHE D 473 15.32 6.02 14.56
N ILE D 520 10.58 8.83 10.94
CA ILE D 520 10.95 7.53 10.40
C ILE D 520 11.93 7.70 9.25
N HIS D 521 11.48 8.36 8.19
CA HIS D 521 12.36 8.63 7.06
C HIS D 521 13.49 9.56 7.48
N CYS D 522 14.69 9.29 6.97
CA CYS D 522 15.87 10.07 7.33
C CYS D 522 16.74 10.28 6.10
N THR D 523 17.57 11.32 6.17
CA THR D 523 18.51 11.66 5.12
C THR D 523 19.68 12.44 5.70
N PRO D 524 20.91 11.96 5.52
CA PRO D 524 21.32 10.71 4.84
C PRO D 524 21.18 9.52 5.78
N SER D 525 21.06 8.32 5.22
CA SER D 525 20.78 7.14 6.03
C SER D 525 22.02 6.74 6.84
N THR D 526 21.76 6.01 7.92
CA THR D 526 22.82 5.50 8.79
C THR D 526 23.23 4.11 8.29
N GLY D 527 24.05 4.10 7.26
CA GLY D 527 24.46 2.86 6.63
C GLY D 527 25.47 2.09 7.47
N ALA D 528 25.81 0.91 6.96
CA ALA D 528 26.77 0.06 7.67
C ALA D 528 28.13 0.71 7.81
N PHE D 529 28.47 1.67 6.93
CA PHE D 529 29.69 2.44 7.13
C PHE D 529 29.66 3.17 8.46
N LYS D 530 28.52 3.73 8.82
CA LYS D 530 28.35 4.50 10.05
C LYS D 530 27.25 3.85 10.87
N PRO D 531 27.59 2.91 11.73
CA PRO D 531 26.55 2.22 12.53
C PRO D 531 25.95 3.12 13.60
N CYS D 532 25.04 2.57 14.39
CA CYS D 532 24.33 3.33 15.42
C CYS D 532 24.82 3.06 16.82
N GLU D 533 24.84 1.80 17.26
CA GLU D 533 25.17 1.46 18.63
C GLU D 533 26.35 0.52 18.78
N TYR D 534 26.63 -0.32 17.79
CA TYR D 534 27.72 -1.27 17.85
C TYR D 534 28.63 -1.06 16.66
N LEU D 535 29.91 -0.78 16.93
CA LEU D 535 30.86 -0.53 15.86
C LEU D 535 31.23 -1.81 15.11
N LEU D 536 31.05 -2.97 15.74
CA LEU D 536 31.50 -4.24 15.18
C LEU D 536 30.32 -5.15 14.86
N GLY D 537 29.24 -4.58 14.34
CA GLY D 537 28.09 -5.36 13.95
C GLY D 537 27.36 -6.01 15.11
N SER D 538 27.48 -7.32 15.22
CA SER D 538 26.81 -8.10 16.25
C SER D 538 27.83 -8.66 17.23
N TRP D 539 27.35 -9.38 18.23
CA TRP D 539 28.22 -10.06 19.17
C TRP D 539 28.88 -11.27 18.51
N MET D 540 29.96 -11.74 19.15
CA MET D 540 30.78 -12.87 18.61
C MET D 540 31.70 -12.33 17.51
N ILE D 541 31.51 -11.08 17.10
CA ILE D 541 32.45 -10.46 16.12
C ILE D 541 33.39 -9.65 17.02
N ARG D 542 32.82 -8.85 17.93
CA ARG D 542 33.63 -8.23 18.96
C ARG D 542 34.52 -9.25 19.63
N LEU D 543 34.01 -10.45 19.87
CA LEU D 543 34.84 -11.52 20.40
C LEU D 543 35.94 -11.91 19.42
N THR D 544 35.63 -11.92 18.13
CA THR D 544 36.64 -12.25 17.13
C THR D 544 37.80 -11.28 17.18
N VAL D 545 37.49 -9.98 17.15
CA VAL D 545 38.57 -8.99 17.18
C VAL D 545 39.27 -8.98 18.54
N TRP D 546 38.53 -9.26 19.61
CA TRP D 546 39.15 -9.41 20.92
C TRP D 546 40.24 -10.48 20.89
N PHE D 547 39.86 -11.67 20.41
CA PHE D 547 40.79 -12.79 20.36
C PHE D 547 41.97 -12.46 19.46
N ILE D 548 41.70 -11.83 18.32
CA ILE D 548 42.78 -11.44 17.42
C ILE D 548 43.76 -10.53 18.13
N PHE D 549 43.24 -9.53 18.84
CA PHE D 549 44.10 -8.55 19.51
C PHE D 549 44.93 -9.19 20.61
N LEU D 550 44.30 -10.01 21.46
CA LEU D 550 45.05 -10.64 22.54
C LEU D 550 46.14 -11.55 22.00
N VAL D 551 45.83 -12.37 20.99
CA VAL D 551 46.85 -13.29 20.50
C VAL D 551 47.98 -12.53 19.81
N ALA D 552 47.64 -11.50 19.03
CA ALA D 552 48.67 -10.70 18.38
C ALA D 552 49.59 -10.07 19.41
N LEU D 553 49.01 -9.44 20.44
CA LEU D 553 49.81 -8.79 21.47
C LEU D 553 50.72 -9.78 22.18
N PHE D 554 50.15 -10.90 22.64
CA PHE D 554 50.93 -11.84 23.43
C PHE D 554 52.05 -12.46 22.60
N PHE D 555 51.73 -12.95 21.40
CA PHE D 555 52.74 -13.57 20.56
C PHE D 555 53.80 -12.56 20.15
N ASN D 556 53.40 -11.34 19.82
CA ASN D 556 54.38 -10.33 19.44
C ASN D 556 55.32 -10.00 20.59
N LEU D 557 54.78 -9.82 21.80
CA LEU D 557 55.64 -9.48 22.93
C LEU D 557 56.60 -10.62 23.24
N LEU D 558 56.12 -11.86 23.16
CA LEU D 558 57.01 -13.00 23.38
C LEU D 558 58.09 -13.04 22.30
N VAL D 559 57.72 -12.69 21.06
CA VAL D 559 58.71 -12.68 19.98
C VAL D 559 59.77 -11.62 20.23
N ILE D 560 59.36 -10.42 20.67
CA ILE D 560 60.34 -9.40 21.01
C ILE D 560 61.25 -9.88 22.13
N LEU D 561 60.67 -10.49 23.17
CA LEU D 561 61.49 -11.02 24.26
C LEU D 561 62.54 -11.98 23.73
N THR D 562 62.12 -12.97 22.94
CA THR D 562 63.05 -13.96 22.44
C THR D 562 64.11 -13.33 21.53
N THR D 563 63.70 -12.41 20.65
CA THR D 563 64.60 -11.89 19.64
C THR D 563 65.63 -10.95 20.24
N PHE D 564 65.20 -10.04 21.11
CA PHE D 564 66.06 -8.93 21.53
C PHE D 564 66.42 -8.93 23.00
N ALA D 565 65.74 -9.72 23.84
CA ALA D 565 66.15 -9.81 25.24
C ALA D 565 67.52 -10.47 25.38
N SER D 566 67.91 -11.28 24.41
CA SER D 566 69.22 -11.91 24.40
C SER D 566 70.22 -10.96 23.75
N CYS D 567 71.31 -10.66 24.47
CA CYS D 567 72.34 -9.77 23.98
C CYS D 567 73.29 -10.57 23.09
N THR D 568 72.86 -10.80 21.86
CA THR D 568 73.60 -11.57 20.88
C THR D 568 73.97 -10.67 19.70
N SER D 569 74.54 -11.29 18.66
CA SER D 569 74.91 -10.55 17.46
C SER D 569 73.70 -10.00 16.72
N LEU D 570 72.51 -10.60 16.94
CA LEU D 570 71.28 -10.21 16.28
C LEU D 570 71.48 -10.16 14.76
N PRO D 571 71.57 -11.32 14.11
CA PRO D 571 71.77 -11.33 12.65
C PRO D 571 70.64 -10.67 11.91
N SER D 572 70.82 -10.54 10.60
CA SER D 572 69.86 -9.80 9.79
C SER D 572 68.47 -10.44 9.82
N SER D 573 68.41 -11.77 9.81
CA SER D 573 67.13 -12.46 9.86
C SER D 573 66.39 -12.16 11.16
N LYS D 574 67.10 -12.22 12.29
CA LYS D 574 66.46 -11.95 13.58
C LYS D 574 65.99 -10.50 13.67
N LEU D 575 66.80 -9.57 13.16
CA LEU D 575 66.39 -8.17 13.15
C LEU D 575 65.15 -7.96 12.29
N PHE D 576 65.10 -8.61 11.13
CA PHE D 576 63.93 -8.49 10.25
C PHE D 576 62.69 -9.05 10.93
N ILE D 577 62.82 -10.21 11.58
CA ILE D 577 61.70 -10.77 12.32
C ILE D 577 61.25 -9.80 13.39
N GLY D 578 62.20 -9.21 14.12
CA GLY D 578 61.85 -8.26 15.16
C GLY D 578 61.09 -7.06 14.62
N LEU D 579 61.56 -6.47 13.53
CA LEU D 579 60.91 -5.26 13.02
C LEU D 579 59.54 -5.58 12.43
N ILE D 580 59.39 -6.74 11.79
CA ILE D 580 58.08 -7.16 11.35
C ILE D 580 57.16 -7.35 12.55
N SER D 581 57.71 -7.82 13.66
CA SER D 581 56.91 -7.94 14.87
C SER D 581 56.56 -6.58 15.46
N VAL D 582 57.40 -5.56 15.28
CA VAL D 582 57.03 -4.22 15.72
C VAL D 582 55.89 -3.67 14.85
N SER D 583 55.92 -3.98 13.56
CA SER D 583 54.79 -3.63 12.71
C SER D 583 53.52 -4.33 13.20
N ASN D 584 53.66 -5.61 13.55
CA ASN D 584 52.59 -6.34 14.24
C ASN D 584 52.15 -5.59 15.49
N LEU D 585 53.10 -5.00 16.20
CA LEU D 585 52.79 -4.27 17.43
C LEU D 585 51.87 -3.10 17.13
N PHE D 586 52.18 -2.32 16.08
CA PHE D 586 51.28 -1.21 15.76
C PHE D 586 49.92 -1.70 15.26
N MET D 587 49.89 -2.78 14.47
CA MET D 587 48.60 -3.36 14.09
C MET D 587 47.77 -3.71 15.31
N GLY D 588 48.37 -4.44 16.26
CA GLY D 588 47.65 -4.83 17.45
C GLY D 588 47.22 -3.65 18.29
N ILE D 589 48.07 -2.62 18.37
CA ILE D 589 47.71 -1.43 19.12
C ILE D 589 46.51 -0.74 18.49
N TYR D 590 46.51 -0.63 17.16
CA TYR D 590 45.39 -0.01 16.48
C TYR D 590 44.09 -0.78 16.73
N THR D 591 44.15 -2.10 16.58
CA THR D 591 42.95 -2.90 16.81
C THR D 591 42.49 -2.82 18.26
N GLY D 592 43.44 -2.79 19.20
CA GLY D 592 43.09 -2.71 20.61
C GLY D 592 42.45 -1.38 20.97
N ILE D 593 42.95 -0.29 20.41
CA ILE D 593 42.30 1.00 20.63
C ILE D 593 40.91 1.00 20.02
N LEU D 594 40.77 0.38 18.85
CA LEU D 594 39.46 0.27 18.22
C LEU D 594 38.46 -0.44 19.13
N THR D 595 38.84 -1.61 19.64
CA THR D 595 37.91 -2.36 20.48
C THR D 595 37.71 -1.69 21.84
N PHE D 596 38.72 -0.99 22.35
CA PHE D 596 38.56 -0.21 23.56
C PHE D 596 37.50 0.86 23.36
N LEU D 597 37.57 1.58 22.25
CA LEU D 597 36.55 2.58 21.95
C LEU D 597 35.19 1.93 21.82
N ASP D 598 35.12 0.79 21.13
CA ASP D 598 33.84 0.11 20.96
C ASP D 598 33.23 -0.29 22.29
N ALA D 599 34.05 -0.82 23.19
CA ALA D 599 33.57 -1.20 24.52
C ALA D 599 33.13 0.02 25.32
N VAL D 600 33.83 1.14 25.16
CA VAL D 600 33.42 2.37 25.82
C VAL D 600 32.02 2.76 25.36
N SER D 601 31.73 2.57 24.08
CA SER D 601 30.43 2.93 23.51
C SER D 601 29.52 1.72 23.37
N TRP D 602 29.56 0.80 24.34
CA TRP D 602 28.69 -0.36 24.32
C TRP D 602 27.23 0.06 24.29
N GLY D 603 26.57 -0.17 23.16
CA GLY D 603 25.19 0.24 22.99
C GLY D 603 24.97 1.73 22.86
N ARG D 604 26.03 2.53 22.88
CA ARG D 604 25.92 3.98 22.79
C ARG D 604 26.98 4.54 21.86
N PHE D 605 27.15 3.90 20.70
CA PHE D 605 28.14 4.38 19.74
C PHE D 605 27.75 5.74 19.18
N ALA D 606 26.45 5.98 18.98
CA ALA D 606 26.01 7.22 18.37
C ALA D 606 26.41 8.44 19.19
N GLU D 607 26.49 8.28 20.51
CA GLU D 607 26.90 9.40 21.35
C GLU D 607 28.33 9.85 21.03
N PHE D 608 29.24 8.89 20.85
CA PHE D 608 30.62 9.21 20.57
C PHE D 608 30.93 9.35 19.08
N GLY D 609 29.95 9.06 18.22
CA GLY D 609 30.19 9.01 16.79
C GLY D 609 30.81 10.25 16.19
N ILE D 610 30.06 11.35 16.19
CA ILE D 610 30.53 12.59 15.58
C ILE D 610 31.79 13.08 16.27
N TRP D 611 31.80 13.04 17.61
CA TRP D 611 32.96 13.53 18.35
C TRP D 611 34.23 12.80 17.95
N TRP D 612 34.15 11.47 17.81
CA TRP D 612 35.29 10.72 17.33
C TRP D 612 35.63 11.08 15.89
N GLU D 613 34.61 11.14 15.03
CA GLU D 613 34.86 11.26 13.60
C GLU D 613 35.53 12.58 13.26
N THR D 614 34.98 13.69 13.77
CA THR D 614 35.63 14.97 13.53
C THR D 614 36.83 15.19 14.43
N GLY D 615 36.94 14.44 15.51
CA GLY D 615 38.01 14.65 16.46
C GLY D 615 39.35 14.16 15.96
N SER D 616 40.39 14.52 16.70
CA SER D 616 41.74 14.11 16.36
C SER D 616 41.95 12.60 16.52
N GLY D 617 41.11 11.95 17.33
CA GLY D 617 41.29 10.52 17.55
C GLY D 617 41.14 9.71 16.28
N CYS D 618 40.15 10.05 15.44
CA CYS D 618 39.97 9.32 14.19
C CYS D 618 41.18 9.47 13.29
N LYS D 619 41.70 10.69 13.17
CA LYS D 619 42.89 10.89 12.36
C LYS D 619 44.08 10.12 12.91
N VAL D 620 44.26 10.14 14.24
CA VAL D 620 45.38 9.43 14.85
C VAL D 620 45.28 7.94 14.57
N ALA D 621 44.10 7.36 14.79
CA ALA D 621 43.93 5.93 14.58
C ALA D 621 44.10 5.56 13.11
N GLY D 622 43.53 6.35 12.20
CA GLY D 622 43.67 6.05 10.79
C GLY D 622 45.11 6.13 10.32
N PHE D 623 45.82 7.18 10.72
CA PHE D 623 47.23 7.30 10.38
C PHE D 623 48.03 6.15 10.95
N LEU D 624 47.76 5.77 12.21
CA LEU D 624 48.51 4.68 12.82
C LEU D 624 48.28 3.37 12.07
N ALA D 625 47.02 3.07 11.74
CA ALA D 625 46.72 1.83 11.02
C ALA D 625 47.35 1.83 9.64
N VAL D 626 47.22 2.95 8.91
CA VAL D 626 47.78 3.00 7.56
C VAL D 626 49.29 2.85 7.61
N PHE D 627 49.94 3.56 8.54
CA PHE D 627 51.38 3.46 8.67
C PHE D 627 51.80 2.05 9.03
N SER D 628 51.09 1.41 9.96
CA SER D 628 51.47 0.07 10.36
C SER D 628 51.34 -0.91 9.21
N SER D 629 50.24 -0.84 8.45
CA SER D 629 50.07 -1.75 7.32
C SER D 629 51.15 -1.52 6.26
N GLU D 630 51.36 -0.26 5.88
CA GLU D 630 52.34 0.04 4.84
C GLU D 630 53.75 -0.34 5.30
N SER D 631 54.06 -0.08 6.57
CA SER D 631 55.37 -0.43 7.10
C SER D 631 55.57 -1.94 7.14
N ALA D 632 54.53 -2.70 7.50
CA ALA D 632 54.63 -4.14 7.44
C ALA D 632 54.96 -4.59 6.03
N ILE D 633 54.24 -4.06 5.04
CA ILE D 633 54.51 -4.42 3.65
C ILE D 633 55.94 -4.07 3.27
N PHE D 634 56.37 -2.86 3.63
CA PHE D 634 57.70 -2.40 3.25
C PHE D 634 58.79 -3.25 3.87
N LEU D 635 58.65 -3.59 5.15
CA LEU D 635 59.58 -4.50 5.78
C LEU D 635 59.53 -5.86 5.08
N LEU D 636 58.38 -6.23 4.52
CA LEU D 636 58.31 -7.48 3.78
C LEU D 636 59.21 -7.45 2.55
N MET D 637 59.04 -6.41 1.71
CA MET D 637 59.91 -6.28 0.52
C MET D 637 61.37 -6.25 0.98
N LEU D 638 61.66 -5.52 2.06
CA LEU D 638 63.04 -5.36 2.53
C LEU D 638 63.64 -6.70 2.93
N ALA D 639 62.90 -7.50 3.70
CA ALA D 639 63.39 -8.81 4.11
C ALA D 639 63.59 -9.73 2.91
N THR D 640 62.64 -9.72 1.97
CA THR D 640 62.76 -10.58 0.80
C THR D 640 63.96 -10.18 -0.05
N VAL D 641 64.15 -8.87 -0.26
CA VAL D 641 65.29 -8.40 -1.05
C VAL D 641 66.60 -8.73 -0.36
N GLU D 642 66.65 -8.58 0.97
CA GLU D 642 67.87 -8.91 1.71
C GLU D 642 68.18 -10.40 1.59
N ARG D 643 67.16 -11.25 1.71
CA ARG D 643 67.39 -12.68 1.58
C ARG D 643 67.84 -13.04 0.16
N SER D 644 67.25 -12.39 -0.85
CA SER D 644 67.66 -12.65 -2.22
C SER D 644 69.09 -12.21 -2.46
N LEU D 645 69.48 -11.06 -1.90
CA LEU D 645 70.86 -10.60 -2.02
C LEU D 645 71.81 -11.55 -1.31
N SER D 646 71.40 -12.07 -0.15
CA SER D 646 72.24 -13.04 0.55
C SER D 646 72.42 -14.30 -0.28
N ALA D 647 71.35 -14.79 -0.90
CA ALA D 647 71.48 -15.97 -1.75
C ALA D 647 72.35 -15.69 -2.97
N LYS D 648 72.18 -14.52 -3.59
CA LYS D 648 72.96 -14.16 -4.76
C LYS D 648 74.45 -14.07 -4.42
N ASP D 649 74.77 -13.46 -3.28
CA ASP D 649 76.17 -13.37 -2.87
C ASP D 649 76.68 -14.70 -2.34
N ILE D 650 75.78 -15.60 -1.96
CA ILE D 650 76.19 -16.96 -1.60
C ILE D 650 76.66 -17.71 -2.84
N MET D 651 75.90 -17.59 -3.94
CA MET D 651 76.30 -18.29 -5.15
C MET D 651 77.30 -17.51 -6.00
N LYS D 652 77.55 -16.24 -5.68
CA LYS D 652 78.46 -15.41 -6.48
C LYS D 652 79.68 -14.97 -5.70
N ASN D 653 79.51 -14.30 -4.56
CA ASN D 653 80.58 -13.75 -3.75
C ASN D 653 80.83 -14.65 -2.54
N GLY D 654 81.62 -14.16 -1.58
CA GLY D 654 81.86 -14.92 -0.36
C GLY D 654 80.95 -14.55 0.79
N LYS D 655 80.51 -13.29 0.83
CA LYS D 655 79.68 -12.82 1.94
C LYS D 655 78.87 -11.62 1.46
N SER D 656 77.73 -11.41 2.12
CA SER D 656 76.85 -10.28 1.83
C SER D 656 76.59 -9.51 3.10
N ASN D 657 76.71 -8.18 3.02
CA ASN D 657 76.42 -7.32 4.17
C ASN D 657 76.11 -5.93 3.68
N HIS D 658 74.87 -5.50 3.84
CA HIS D 658 74.42 -4.14 3.56
C HIS D 658 73.67 -3.60 4.77
N LEU D 659 74.27 -3.73 5.95
CA LEU D 659 73.58 -3.40 7.19
C LEU D 659 73.14 -1.94 7.21
N LYS D 660 74.07 -1.02 6.95
CA LYS D 660 73.73 0.39 6.93
C LYS D 660 72.80 0.72 5.76
N GLN D 661 73.04 0.13 4.59
CA GLN D 661 72.18 0.38 3.44
C GLN D 661 70.76 -0.08 3.71
N PHE D 662 70.60 -1.26 4.32
CA PHE D 662 69.27 -1.77 4.60
C PHE D 662 68.60 -0.98 5.72
N ARG D 663 69.36 -0.50 6.70
CA ARG D 663 68.78 0.39 7.71
C ARG D 663 68.28 1.68 7.07
N VAL D 664 69.06 2.24 6.14
CA VAL D 664 68.65 3.45 5.44
C VAL D 664 67.40 3.18 4.61
N ALA D 665 67.35 2.03 3.95
CA ALA D 665 66.16 1.66 3.19
C ALA D 665 64.94 1.51 4.09
N ALA D 666 65.14 0.92 5.27
CA ALA D 666 64.04 0.78 6.23
C ALA D 666 63.52 2.14 6.67
N LEU D 667 64.44 3.07 6.94
CA LEU D 667 64.04 4.41 7.35
C LEU D 667 63.31 5.13 6.22
N LEU D 668 63.78 4.95 4.98
CA LEU D 668 63.09 5.55 3.83
C LEU D 668 61.71 4.95 3.65
N ALA D 669 61.57 3.64 3.88
CA ALA D 669 60.27 3.01 3.82
C ALA D 669 59.34 3.55 4.88
N PHE D 670 59.86 3.77 6.10
CA PHE D 670 59.07 4.39 7.14
C PHE D 670 58.65 5.80 6.74
N LEU D 671 59.56 6.53 6.09
CA LEU D 671 59.23 7.87 5.60
C LEU D 671 58.09 7.82 4.57
N GLY D 672 58.17 6.88 3.64
CA GLY D 672 57.11 6.73 2.66
C GLY D 672 55.78 6.36 3.29
N ALA D 673 55.81 5.45 4.26
CA ALA D 673 54.59 5.06 4.95
C ALA D 673 54.00 6.25 5.71
N THR D 674 54.84 7.01 6.39
CA THR D 674 54.34 8.17 7.14
C THR D 674 53.79 9.24 6.21
N VAL D 675 54.46 9.50 5.08
CA VAL D 675 53.98 10.55 4.19
C VAL D 675 52.67 10.13 3.53
N ALA D 676 52.53 8.85 3.18
CA ALA D 676 51.25 8.36 2.69
C ALA D 676 50.18 8.47 3.76
N GLY D 677 50.53 8.12 5.01
CA GLY D 677 49.56 8.18 6.09
C GLY D 677 49.22 9.60 6.51
N CYS D 678 50.03 10.57 6.11
CA CYS D 678 49.74 11.97 6.38
C CYS D 678 49.13 12.70 5.19
N PHE D 679 49.23 12.17 3.98
CA PHE D 679 48.72 12.86 2.80
C PHE D 679 47.25 13.25 2.91
N PRO D 680 46.33 12.36 3.29
CA PRO D 680 44.92 12.77 3.37
C PRO D 680 44.66 13.83 4.43
N LEU D 681 45.54 13.97 5.42
CA LEU D 681 45.34 14.97 6.47
C LEU D 681 45.29 16.37 5.89
N PHE D 682 46.17 16.68 4.94
CA PHE D 682 46.25 18.01 4.37
C PHE D 682 45.04 18.34 3.49
N HIS D 683 44.24 17.35 3.14
CA HIS D 683 43.10 17.55 2.27
C HIS D 683 41.79 17.75 3.02
N ARG D 684 41.81 17.65 4.35
CA ARG D 684 40.72 18.11 5.21
C ARG D 684 39.40 17.39 4.92
N GLY D 685 39.39 16.10 5.26
CA GLY D 685 38.14 15.36 5.27
C GLY D 685 38.20 13.93 4.78
N GLU D 686 39.36 13.45 4.37
CA GLU D 686 39.45 12.13 3.77
C GLU D 686 39.32 11.03 4.81
N TYR D 687 39.78 11.27 6.05
CA TYR D 687 39.76 10.21 7.05
C TYR D 687 38.38 9.97 7.62
N SER D 688 37.60 11.03 7.78
CA SER D 688 36.35 10.95 8.53
C SER D 688 35.20 10.38 7.70
N ALA D 689 35.52 9.71 6.60
CA ALA D 689 34.50 9.04 5.81
C ALA D 689 33.81 7.96 6.61
N SER D 690 34.57 7.20 7.40
CA SER D 690 34.03 6.13 8.21
C SER D 690 34.53 6.25 9.64
N PRO D 691 33.75 5.79 10.62
CA PRO D 691 34.26 5.75 12.00
C PRO D 691 35.49 4.87 12.15
N LEU D 692 35.64 3.87 11.29
CA LEU D 692 36.86 3.07 11.31
C LEU D 692 38.08 3.88 10.90
N CYS D 693 37.88 4.97 10.14
CA CYS D 693 38.95 5.82 9.63
C CYS D 693 39.91 5.02 8.75
N LEU D 694 39.38 4.53 7.63
CA LEU D 694 40.15 3.79 6.65
C LEU D 694 39.90 4.34 5.26
N PRO D 695 40.86 4.17 4.35
CA PRO D 695 40.66 4.61 2.96
C PRO D 695 39.58 3.78 2.27
N PHE D 696 38.55 4.45 1.78
CA PHE D 696 37.46 3.81 1.07
C PHE D 696 37.02 4.68 -0.09
N PRO D 697 36.52 4.08 -1.18
CA PRO D 697 36.00 4.85 -2.32
C PRO D 697 34.53 5.25 -2.15
N THR D 698 34.20 5.78 -0.98
CA THR D 698 32.83 6.17 -0.67
C THR D 698 32.64 7.67 -0.56
N GLY D 699 33.61 8.38 0.01
CA GLY D 699 33.52 9.83 0.13
C GLY D 699 34.35 10.55 -0.90
N GLU D 700 35.53 11.02 -0.51
CA GLU D 700 36.43 11.69 -1.44
C GLU D 700 36.90 10.68 -2.48
N THR D 701 36.40 10.80 -3.71
CA THR D 701 36.63 9.80 -4.74
C THR D 701 38.03 9.91 -5.38
N PRO D 702 38.44 11.09 -5.92
CA PRO D 702 39.67 11.11 -6.73
C PRO D 702 40.94 10.73 -5.97
N SER D 703 41.20 11.43 -4.87
CA SER D 703 42.44 11.19 -4.12
C SER D 703 42.49 9.78 -3.55
N LEU D 704 41.38 9.32 -2.96
CA LEU D 704 41.35 7.98 -2.39
C LEU D 704 41.52 6.92 -3.46
N GLY D 705 40.88 7.11 -4.61
CA GLY D 705 41.05 6.17 -5.71
C GLY D 705 42.48 6.14 -6.21
N PHE D 706 43.11 7.31 -6.33
CA PHE D 706 44.50 7.35 -6.77
C PHE D 706 45.42 6.66 -5.78
N THR D 707 45.21 6.89 -4.48
CA THR D 707 46.03 6.23 -3.47
C THR D 707 45.82 4.72 -3.48
N VAL D 708 44.57 4.28 -3.68
CA VAL D 708 44.28 2.86 -3.74
C VAL D 708 44.95 2.21 -4.95
N THR D 709 44.88 2.89 -6.10
CA THR D 709 45.56 2.37 -7.29
C THR D 709 47.06 2.27 -7.06
N LEU D 710 47.65 3.28 -6.41
CA LEU D 710 49.08 3.24 -6.12
C LEU D 710 49.44 2.11 -5.18
N VAL D 711 48.63 1.91 -4.13
CA VAL D 711 48.98 0.88 -3.16
C VAL D 711 48.85 -0.49 -3.79
N LEU D 712 47.87 -0.65 -4.66
CA LEU D 712 47.71 -1.93 -5.39
C LEU D 712 48.92 -2.10 -6.33
N LEU D 713 49.34 -1.02 -7.01
CA LEU D 713 50.44 -1.15 -7.96
C LEU D 713 51.69 -1.64 -7.24
N ASN D 714 52.01 -1.04 -6.08
CA ASN D 714 53.15 -1.56 -5.33
C ASN D 714 52.88 -2.94 -4.78
N SER D 715 51.61 -3.28 -4.47
CA SER D 715 51.30 -4.61 -3.97
C SER D 715 51.53 -5.68 -5.03
N LEU D 716 51.11 -5.42 -6.26
CA LEU D 716 51.32 -6.40 -7.32
C LEU D 716 52.80 -6.50 -7.67
N ALA D 717 53.51 -5.38 -7.72
CA ALA D 717 54.95 -5.43 -7.96
C ALA D 717 55.65 -6.22 -6.87
N PHE D 718 55.21 -6.01 -5.62
CA PHE D 718 55.81 -6.73 -4.47
C PHE D 718 55.50 -8.23 -4.62
N LEU D 719 54.24 -8.57 -4.87
CA LEU D 719 53.90 -9.97 -4.96
C LEU D 719 54.72 -10.65 -6.05
N LEU D 720 54.87 -9.98 -7.19
CA LEU D 720 55.68 -10.52 -8.27
C LEU D 720 57.12 -10.72 -7.84
N MET D 721 57.71 -9.73 -7.18
CA MET D 721 59.13 -9.85 -6.85
C MET D 721 59.36 -10.82 -5.70
N ALA D 722 58.39 -10.94 -4.79
CA ALA D 722 58.50 -11.95 -3.73
C ALA D 722 58.38 -13.36 -4.32
N VAL D 723 57.47 -13.56 -5.26
CA VAL D 723 57.35 -14.86 -5.92
C VAL D 723 58.63 -15.18 -6.69
N ILE D 724 59.18 -14.19 -7.38
CA ILE D 724 60.42 -14.40 -8.13
C ILE D 724 61.56 -14.78 -7.18
N TYR D 725 61.65 -14.09 -6.04
CA TYR D 725 62.71 -14.38 -5.08
C TYR D 725 62.55 -15.77 -4.47
N THR D 726 61.32 -16.17 -4.15
CA THR D 726 61.10 -17.51 -3.63
C THR D 726 61.42 -18.57 -4.68
N LYS D 727 61.09 -18.29 -5.95
CA LYS D 727 61.47 -19.19 -7.03
C LYS D 727 62.99 -19.31 -7.14
N LEU D 728 63.69 -18.19 -6.99
CA LEU D 728 65.16 -18.22 -7.00
C LEU D 728 65.70 -19.05 -5.84
N TYR D 729 65.09 -18.90 -4.65
CA TYR D 729 65.51 -19.71 -3.51
C TYR D 729 65.30 -21.19 -3.78
N CYS D 730 64.16 -21.54 -4.38
CA CYS D 730 63.90 -22.94 -4.73
C CYS D 730 64.89 -23.45 -5.75
N ASN D 731 65.26 -22.62 -6.72
CA ASN D 731 66.23 -23.01 -7.74
C ASN D 731 67.61 -23.27 -7.14
N LEU D 732 67.90 -22.71 -5.97
CA LEU D 732 69.18 -22.95 -5.30
C LEU D 732 69.19 -24.35 -4.73
N GLU D 733 69.84 -25.27 -5.45
CA GLU D 733 69.89 -26.67 -5.01
C GLU D 733 70.67 -26.81 -3.71
N LYS D 734 71.76 -26.06 -3.56
CA LYS D 734 72.63 -26.22 -2.40
C LYS D 734 71.87 -25.99 -1.10
N GLU D 735 71.16 -24.86 -1.00
CA GLU D 735 70.39 -24.58 0.20
C GLU D 735 69.14 -25.43 0.30
N ASP D 736 68.60 -25.87 -0.82
CA ASP D 736 67.36 -26.65 -0.80
C ASP D 736 67.60 -28.04 -0.23
N LEU D 737 68.50 -28.81 -0.85
CA LEU D 737 68.73 -30.18 -0.40
C LEU D 737 69.34 -30.24 0.99
N SER D 738 70.14 -29.23 1.37
CA SER D 738 70.74 -29.22 2.69
C SER D 738 69.70 -28.94 3.77
N GLU D 739 70.04 -29.29 5.00
CA GLU D 739 69.18 -29.05 6.16
C GLU D 739 69.70 -27.89 7.01
N ASN D 740 70.21 -26.84 6.37
CA ASN D 740 70.75 -25.70 7.09
C ASN D 740 69.65 -25.00 7.89
N SER D 741 70.04 -24.45 9.04
CA SER D 741 69.08 -23.76 9.90
C SER D 741 68.55 -22.49 9.27
N GLN D 742 69.35 -21.83 8.44
CA GLN D 742 68.89 -20.61 7.77
C GLN D 742 67.65 -20.87 6.93
N SER D 743 67.56 -22.06 6.32
CA SER D 743 66.40 -22.39 5.51
C SER D 743 65.12 -22.41 6.34
N SER D 744 65.26 -22.64 7.65
CA SER D 744 64.06 -22.64 8.53
C SER D 744 63.38 -21.28 8.44
N MET D 745 64.11 -20.20 8.76
CA MET D 745 63.52 -18.88 8.66
C MET D 745 63.33 -18.45 7.21
N ILE D 746 64.06 -19.04 6.27
CA ILE D 746 63.79 -18.75 4.86
C ILE D 746 62.38 -19.17 4.49
N LYS D 747 62.05 -20.43 4.83
CA LYS D 747 60.69 -20.94 4.57
C LYS D 747 59.69 -20.14 5.41
N HIS D 748 60.09 -19.81 6.64
CA HIS D 748 59.19 -19.07 7.52
C HIS D 748 58.74 -17.76 6.87
N VAL D 749 59.71 -16.95 6.43
CA VAL D 749 59.36 -15.71 5.76
C VAL D 749 58.67 -16.01 4.43
N ALA D 750 58.95 -17.17 3.83
CA ALA D 750 58.23 -17.54 2.61
C ALA D 750 56.74 -17.70 2.88
N TRP D 751 56.38 -18.49 3.90
CA TRP D 751 54.96 -18.66 4.18
C TRP D 751 54.35 -17.34 4.61
N LEU D 752 55.07 -16.56 5.41
CA LEU D 752 54.55 -15.26 5.83
C LEU D 752 54.26 -14.38 4.62
N ILE D 753 55.21 -14.29 3.69
CA ILE D 753 55.07 -13.40 2.55
C ILE D 753 53.94 -13.87 1.65
N PHE D 754 53.72 -15.19 1.57
CA PHE D 754 52.61 -15.69 0.78
C PHE D 754 51.27 -15.36 1.43
N THR D 755 51.13 -15.68 2.72
CA THR D 755 49.85 -15.42 3.39
C THR D 755 49.54 -13.93 3.48
N ASN D 756 50.53 -13.06 3.37
CA ASN D 756 50.24 -11.63 3.41
C ASN D 756 49.21 -11.26 2.34
N CYS D 757 49.46 -11.61 1.08
CA CYS D 757 48.40 -11.35 0.12
C CYS D 757 47.35 -12.45 0.07
N ILE D 758 47.64 -13.66 0.55
CA ILE D 758 46.55 -14.62 0.67
C ILE D 758 45.41 -14.04 1.49
N PHE D 759 45.74 -13.16 2.45
CA PHE D 759 44.71 -12.50 3.25
C PHE D 759 44.43 -11.06 2.83
N PHE D 760 45.32 -10.42 2.06
CA PHE D 760 45.10 -9.02 1.69
C PHE D 760 44.54 -8.84 0.28
N CYS D 761 44.89 -9.73 -0.67
CA CYS D 761 44.34 -9.68 -2.02
C CYS D 761 42.82 -9.59 -2.03
N PRO D 762 42.06 -10.36 -1.25
CA PRO D 762 40.61 -10.16 -1.23
C PRO D 762 40.18 -8.79 -0.74
N VAL D 763 40.93 -8.20 0.20
CA VAL D 763 40.63 -6.85 0.63
C VAL D 763 40.76 -5.89 -0.53
N ALA D 764 41.80 -6.08 -1.34
CA ALA D 764 41.97 -5.28 -2.55
C ALA D 764 40.82 -5.49 -3.52
N PHE D 765 40.37 -6.75 -3.67
CA PHE D 765 39.23 -7.03 -4.53
C PHE D 765 38.00 -6.27 -4.06
N PHE D 766 37.76 -6.28 -2.76
CA PHE D 766 36.59 -5.59 -2.23
C PHE D 766 36.74 -4.07 -2.25
N SER D 767 37.97 -3.56 -2.27
CA SER D 767 38.17 -2.12 -2.36
C SER D 767 37.95 -1.62 -3.78
N PHE D 768 38.28 -2.49 -4.76
CA PHE D 768 38.07 -2.12 -6.18
C PHE D 768 36.63 -2.46 -6.58
N ALA D 769 35.94 -3.27 -5.76
CA ALA D 769 34.54 -3.56 -6.07
C ALA D 769 33.71 -2.31 -6.28
N PRO D 770 33.78 -1.27 -5.42
CA PRO D 770 33.09 -0.02 -5.76
C PRO D 770 33.59 0.63 -7.03
N LEU D 771 34.89 0.52 -7.33
CA LEU D 771 35.42 1.13 -8.55
C LEU D 771 34.85 0.46 -9.79
N ILE D 772 34.71 -0.87 -9.76
CA ILE D 772 34.10 -1.57 -10.89
C ILE D 772 32.65 -1.16 -11.05
N THR D 773 31.98 -0.84 -9.95
CA THR D 773 30.57 -0.43 -9.88
C THR D 773 29.71 -1.24 -10.87
N ALA D 774 29.87 -2.56 -10.80
CA ALA D 774 29.08 -3.48 -11.61
C ALA D 774 28.24 -4.44 -10.78
N ILE D 775 28.52 -4.58 -9.49
CA ILE D 775 27.78 -5.45 -8.60
C ILE D 775 27.28 -4.62 -7.43
N SER D 776 25.99 -4.78 -7.10
CA SER D 776 25.41 -4.05 -5.98
C SER D 776 25.94 -4.58 -4.66
N ILE D 777 26.96 -3.93 -4.12
CA ILE D 777 27.62 -4.38 -2.91
C ILE D 777 27.06 -3.61 -1.72
N SER D 778 26.47 -4.34 -0.77
CA SER D 778 26.01 -3.72 0.46
C SER D 778 27.19 -3.22 1.27
N PRO D 779 27.03 -2.13 2.01
CA PRO D 779 28.17 -1.64 2.82
C PRO D 779 28.68 -2.65 3.81
N GLU D 780 27.81 -3.51 4.33
CA GLU D 780 28.22 -4.43 5.38
C GLU D 780 29.29 -5.40 4.91
N ILE D 781 29.27 -5.77 3.62
CA ILE D 781 30.20 -6.81 3.17
C ILE D 781 31.63 -6.28 3.18
N MET D 782 31.86 -5.10 2.58
CA MET D 782 33.20 -4.54 2.65
C MET D 782 33.55 -4.16 4.09
N LYS D 783 32.57 -3.69 4.87
CA LYS D 783 32.88 -3.39 6.27
C LYS D 783 33.45 -4.61 6.98
N SER D 784 32.74 -5.74 6.89
CA SER D 784 33.19 -6.95 7.58
C SER D 784 34.53 -7.43 7.04
N VAL D 785 34.68 -7.47 5.72
CA VAL D 785 35.91 -8.04 5.18
C VAL D 785 37.10 -7.16 5.53
N THR D 786 36.93 -5.84 5.56
CA THR D 786 38.04 -4.99 5.94
C THR D 786 38.35 -5.12 7.42
N LEU D 787 37.33 -5.17 8.27
CA LEU D 787 37.60 -5.26 9.69
C LEU D 787 38.22 -6.60 10.08
N ILE D 788 37.99 -7.65 9.30
CA ILE D 788 38.49 -8.97 9.66
C ILE D 788 39.78 -9.32 8.94
N PHE D 789 39.95 -8.87 7.70
CA PHE D 789 41.07 -9.33 6.89
C PHE D 789 42.20 -8.31 6.78
N PHE D 790 42.00 -7.09 7.26
CA PHE D 790 43.12 -6.16 7.29
C PHE D 790 44.07 -6.47 8.45
N PRO D 791 43.57 -6.67 9.68
CA PRO D 791 44.48 -7.07 10.76
C PRO D 791 44.86 -8.53 10.73
N LEU D 792 44.19 -9.33 9.90
CA LEU D 792 44.46 -10.78 9.87
C LEU D 792 45.89 -11.13 9.48
N PRO D 793 46.48 -10.57 8.40
CA PRO D 793 47.82 -11.02 8.01
C PRO D 793 48.88 -10.77 9.05
N ALA D 794 48.64 -9.86 9.99
CA ALA D 794 49.63 -9.54 11.01
C ALA D 794 49.49 -10.44 12.24
N CYS D 795 48.28 -10.59 12.76
CA CYS D 795 48.11 -11.23 14.07
C CYS D 795 48.55 -12.68 14.10
N LEU D 796 48.73 -13.32 12.94
CA LEU D 796 49.10 -14.73 12.90
C LEU D 796 50.57 -14.98 12.62
N ASN D 797 51.28 -14.00 12.07
CA ASN D 797 52.71 -14.18 11.80
C ASN D 797 53.51 -14.58 13.03
N PRO D 798 53.39 -13.92 14.18
CA PRO D 798 54.17 -14.36 15.34
C PRO D 798 53.84 -15.78 15.78
N VAL D 799 52.58 -16.19 15.65
CA VAL D 799 52.21 -17.56 15.98
C VAL D 799 52.93 -18.53 15.05
N LEU D 800 52.94 -18.22 13.75
CA LEU D 800 53.60 -19.10 12.78
C LEU D 800 55.09 -19.21 13.04
N TYR D 801 55.75 -18.09 13.35
CA TYR D 801 57.16 -18.18 13.68
C TYR D 801 57.41 -18.92 14.99
N VAL D 802 56.54 -18.73 15.98
CA VAL D 802 56.71 -19.38 17.27
C VAL D 802 56.61 -20.90 17.12
N PHE D 803 55.61 -21.36 16.38
CA PHE D 803 55.30 -22.78 16.37
C PHE D 803 55.71 -23.49 15.09
N PHE D 804 56.44 -22.82 14.19
CA PHE D 804 56.91 -23.49 12.98
C PHE D 804 58.35 -23.11 12.65
N ASN D 805 59.19 -22.92 13.67
CA ASN D 805 60.59 -22.60 13.41
C ASN D 805 61.48 -23.01 14.59
N PRO D 806 62.42 -23.93 14.36
CA PRO D 806 63.35 -24.31 15.43
C PRO D 806 64.27 -23.18 15.86
N LYS D 807 64.53 -22.21 14.98
CA LYS D 807 65.33 -21.05 15.39
C LYS D 807 64.64 -20.30 16.53
N PHE D 808 63.32 -20.15 16.44
CA PHE D 808 62.59 -19.57 17.56
C PHE D 808 62.72 -20.43 18.81
N LYS D 809 62.78 -21.75 18.65
CA LYS D 809 62.94 -22.61 19.82
C LYS D 809 64.28 -22.36 20.49
N GLU D 810 65.34 -22.20 19.70
CA GLU D 810 66.64 -21.83 20.26
C GLU D 810 66.58 -20.48 20.95
N ASP D 811 65.89 -19.52 20.33
CA ASP D 811 65.75 -18.20 20.93
C ASP D 811 64.98 -18.29 22.25
N TRP D 812 63.97 -19.16 22.30
CA TRP D 812 63.19 -19.34 23.52
C TRP D 812 64.01 -20.02 24.61
N LYS D 813 64.90 -20.95 24.22
CA LYS D 813 65.83 -21.51 25.19
C LYS D 813 66.75 -20.43 25.75
N LEU D 814 67.24 -19.54 24.88
CA LEU D 814 68.06 -18.43 25.34
C LEU D 814 67.27 -17.54 26.30
N LEU D 815 65.99 -17.27 25.98
CA LEU D 815 65.15 -16.46 26.85
C LEU D 815 64.94 -17.13 28.20
N LYS D 816 64.73 -18.45 28.20
CA LYS D 816 64.59 -19.17 29.46
C LYS D 816 65.87 -19.08 30.29
N ARG D 817 67.02 -19.21 29.63
CA ARG D 817 68.29 -19.07 30.34
C ARG D 817 68.44 -17.67 30.93
N ARG D 818 68.08 -16.64 30.17
CA ARG D 818 68.20 -15.27 30.67
C ARG D 818 67.23 -15.03 31.81
N VAL D 819 66.02 -15.60 31.75
CA VAL D 819 65.05 -15.44 32.83
C VAL D 819 65.54 -16.14 34.09
N THR D 820 66.06 -17.36 33.95
CA THR D 820 66.55 -18.09 35.12
C THR D 820 67.75 -17.38 35.75
N LYS D 821 68.66 -16.86 34.92
CA LYS D 821 69.79 -16.10 35.46
C LYS D 821 69.40 -14.69 35.91
N LYS D 822 68.19 -14.25 35.60
CA LYS D 822 67.74 -12.92 36.00
C LYS D 822 67.46 -12.86 37.50
N GLU E 21 12.75 -2.34 -7.30
CA GLU E 21 12.29 -1.04 -7.74
C GLU E 21 11.06 -1.15 -8.62
N THR E 22 10.77 -2.36 -9.10
CA THR E 22 9.64 -2.55 -9.99
C THR E 22 8.33 -2.39 -9.23
N ALA E 23 7.32 -1.88 -9.94
CA ALA E 23 6.01 -1.61 -9.38
C ALA E 23 5.02 -2.66 -9.85
N PHE E 24 4.27 -3.23 -8.93
CA PHE E 24 3.25 -4.22 -9.25
C PHE E 24 1.88 -3.58 -9.10
N VAL E 25 1.14 -3.48 -10.20
CA VAL E 25 -0.12 -2.77 -10.24
C VAL E 25 -1.22 -3.78 -10.51
N GLU E 26 -2.28 -3.73 -9.69
CA GLU E 26 -3.48 -4.52 -9.93
C GLU E 26 -4.65 -3.57 -10.07
N VAL E 27 -5.45 -3.76 -11.11
CA VAL E 27 -6.62 -2.95 -11.36
C VAL E 27 -7.84 -3.78 -10.97
N VAL E 28 -8.63 -3.26 -10.04
CA VAL E 28 -9.75 -4.01 -9.48
C VAL E 28 -11.04 -3.43 -10.04
N LEU E 29 -11.88 -4.30 -10.57
CA LEU E 29 -13.17 -3.91 -11.13
C LEU E 29 -14.25 -4.47 -10.21
N PHE E 30 -14.77 -3.62 -9.32
CA PHE E 30 -15.82 -4.01 -8.41
C PHE E 30 -17.18 -3.73 -9.03
N GLU E 31 -18.11 -4.67 -8.84
CA GLU E 31 -19.47 -4.53 -9.32
C GLU E 31 -20.43 -4.69 -8.15
N SER E 32 -21.37 -3.76 -8.03
CA SER E 32 -22.25 -3.70 -6.88
C SER E 32 -23.38 -4.71 -7.05
N SER E 33 -23.38 -5.76 -6.23
CA SER E 33 -24.54 -6.61 -6.15
C SER E 33 -25.69 -5.86 -5.50
N PRO E 34 -26.92 -6.12 -5.89
CA PRO E 34 -28.06 -5.41 -5.27
C PRO E 34 -28.18 -5.67 -3.79
N SER E 35 -27.77 -6.86 -3.33
CA SER E 35 -27.82 -7.18 -1.91
C SER E 35 -26.89 -6.29 -1.08
N GLY E 36 -25.84 -5.75 -1.69
CA GLY E 36 -24.89 -4.91 -1.01
C GLY E 36 -23.45 -5.40 -1.09
N ASP E 37 -23.24 -6.67 -1.44
CA ASP E 37 -21.90 -7.20 -1.52
C ASP E 37 -21.21 -6.75 -2.80
N TYR E 38 -19.89 -6.87 -2.81
CA TYR E 38 -19.07 -6.41 -3.91
C TYR E 38 -18.32 -7.57 -4.54
N THR E 39 -18.38 -7.68 -5.86
CA THR E 39 -17.66 -8.69 -6.62
C THR E 39 -16.54 -8.01 -7.40
N THR E 40 -15.35 -8.56 -7.32
CA THR E 40 -14.16 -7.93 -7.87
C THR E 40 -13.45 -8.86 -8.84
N TYR E 41 -13.00 -8.29 -9.96
CA TYR E 41 -12.17 -9.00 -10.93
C TYR E 41 -10.94 -8.15 -11.20
N THR E 42 -9.76 -8.73 -11.00
CA THR E 42 -8.52 -7.96 -11.02
C THR E 42 -7.64 -8.39 -12.19
N THR E 43 -6.81 -7.45 -12.64
CA THR E 43 -5.87 -7.68 -13.74
C THR E 43 -4.49 -7.17 -13.32
N GLY E 44 -3.46 -7.90 -13.71
CA GLY E 44 -2.11 -7.57 -13.31
C GLY E 44 -1.41 -6.62 -14.26
N LEU E 45 -0.43 -5.90 -13.70
CA LEU E 45 0.38 -4.95 -14.44
C LEU E 45 1.72 -4.82 -13.73
N THR E 46 2.72 -4.35 -14.47
CA THR E 46 4.06 -4.15 -13.92
C THR E 46 4.68 -2.88 -14.50
N GLY E 47 5.11 -1.99 -13.61
CA GLY E 47 5.81 -0.78 -14.01
C GLY E 47 7.12 -0.66 -13.26
N ARG E 48 7.66 0.55 -13.29
CA ARG E 48 8.94 0.84 -12.65
C ARG E 48 8.79 2.10 -11.81
N PHE E 49 9.03 1.97 -10.51
CA PHE E 49 9.02 3.13 -9.63
C PHE E 49 10.07 4.14 -10.10
N SER E 50 9.62 5.29 -10.59
CA SER E 50 10.56 6.30 -11.05
C SER E 50 11.20 7.00 -9.87
N ARG E 51 12.42 7.51 -10.10
CA ARG E 51 13.17 8.16 -9.03
C ARG E 51 12.47 9.39 -8.49
N ALA E 52 11.62 10.03 -9.30
CA ALA E 52 10.98 11.26 -8.86
C ALA E 52 10.04 11.05 -7.69
N GLY E 53 9.58 9.81 -7.47
CA GLY E 53 8.66 9.54 -6.40
C GLY E 53 9.19 8.46 -5.49
N ALA E 54 8.86 8.59 -4.20
CA ALA E 54 9.27 7.60 -3.21
C ALA E 54 8.62 6.26 -3.50
N THR E 55 9.41 5.18 -3.38
CA THR E 55 8.94 3.84 -3.68
C THR E 55 8.10 3.33 -2.51
N LEU E 56 6.81 3.62 -2.58
CA LEU E 56 5.85 3.23 -1.55
C LEU E 56 4.70 2.45 -2.18
N SER E 57 3.70 2.15 -1.37
CA SER E 57 2.50 1.46 -1.81
C SER E 57 1.30 2.37 -1.61
N ALA E 58 0.51 2.52 -2.67
CA ALA E 58 -0.66 3.40 -2.64
C ALA E 58 -1.87 2.64 -3.13
N GLU E 59 -3.03 3.29 -3.04
CA GLU E 59 -4.28 2.69 -3.50
C GLU E 59 -5.32 3.78 -3.69
N GLY E 60 -6.05 3.70 -4.80
CA GLY E 60 -7.09 4.66 -5.08
C GLY E 60 -7.68 4.41 -6.44
N GLU E 61 -8.81 5.07 -6.69
CA GLU E 61 -9.53 4.88 -7.93
C GLU E 61 -8.83 5.61 -9.06
N ILE E 62 -8.92 5.04 -10.26
CA ILE E 62 -8.23 5.58 -11.42
C ILE E 62 -9.00 6.79 -11.93
N VAL E 63 -8.28 7.90 -12.15
CA VAL E 63 -8.85 9.10 -12.75
C VAL E 63 -7.89 9.51 -13.87
N GLN E 64 -8.18 9.08 -15.09
CA GLN E 64 -7.35 9.44 -16.22
C GLN E 64 -7.40 10.94 -16.46
N MET E 65 -6.26 11.54 -16.79
CA MET E 65 -6.16 12.96 -17.03
C MET E 65 -5.42 13.22 -18.34
N HIS E 66 -5.91 14.20 -19.08
CA HIS E 66 -5.21 14.62 -20.29
C HIS E 66 -3.88 15.26 -19.92
N PRO E 67 -2.87 15.15 -20.79
CA PRO E 67 -1.61 15.84 -20.51
C PRO E 67 -1.77 17.34 -20.35
N LEU E 68 -2.63 17.96 -21.14
CA LEU E 68 -2.81 19.40 -21.08
C LEU E 68 -3.76 19.83 -19.98
N GLY E 69 -4.32 18.89 -19.23
CA GLY E 69 -5.23 19.20 -18.16
C GLY E 69 -4.57 19.45 -16.82
N LEU E 70 -3.26 19.63 -16.80
CA LEU E 70 -2.53 19.86 -15.56
C LEU E 70 -1.85 21.22 -15.46
N CYS E 71 -1.42 21.79 -16.59
CA CYS E 71 -0.75 23.07 -16.55
C CYS E 71 -1.66 24.17 -16.01
N ASN E 72 -2.95 24.08 -16.30
CA ASN E 72 -3.88 25.15 -15.95
C ASN E 72 -3.84 25.43 -14.45
N ASN E 73 -3.88 26.72 -14.11
CA ASN E 73 -3.78 27.15 -12.72
C ASN E 73 -5.12 27.54 -12.13
N ASN E 74 -6.22 26.99 -12.63
CA ASN E 74 -7.55 27.20 -12.06
C ASN E 74 -8.14 25.82 -11.77
N ASP E 75 -7.82 25.30 -10.59
CA ASP E 75 -8.27 23.96 -10.18
C ASP E 75 -9.71 23.95 -9.69
N GLU E 76 -10.31 25.11 -9.44
CA GLU E 76 -11.63 25.16 -8.82
C GLU E 76 -12.69 24.50 -9.70
N GLU E 77 -12.45 24.40 -11.00
CA GLU E 77 -13.39 23.74 -11.90
C GLU E 77 -13.40 22.24 -11.74
N ASP E 78 -12.34 21.66 -11.17
CA ASP E 78 -12.16 20.22 -11.10
C ASP E 78 -11.68 19.79 -9.72
N LEU E 79 -12.34 20.27 -8.68
CA LEU E 79 -11.97 19.88 -7.32
C LEU E 79 -12.32 18.41 -7.14
N TYR E 80 -11.32 17.55 -7.15
CA TYR E 80 -11.51 16.13 -6.93
C TYR E 80 -11.32 15.77 -5.47
N GLU E 81 -11.93 14.65 -5.07
CA GLU E 81 -11.71 14.10 -3.76
C GLU E 81 -10.31 13.51 -3.67
N TYR E 82 -9.85 13.29 -2.45
CA TYR E 82 -8.48 12.83 -2.24
C TYR E 82 -8.33 11.37 -2.68
N GLY E 83 -7.09 10.94 -2.77
CA GLY E 83 -6.78 9.55 -3.01
C GLY E 83 -7.17 9.01 -4.37
N TRP E 84 -6.90 9.76 -5.42
CA TRP E 84 -7.18 9.32 -6.78
C TRP E 84 -5.87 9.04 -7.49
N VAL E 85 -5.71 7.82 -8.00
CA VAL E 85 -4.48 7.41 -8.67
C VAL E 85 -4.57 7.89 -10.11
N GLY E 86 -4.04 9.08 -10.38
CA GLY E 86 -4.16 9.64 -11.70
C GLY E 86 -3.38 8.84 -12.73
N VAL E 87 -3.83 8.92 -13.97
CA VAL E 87 -3.19 8.26 -15.09
C VAL E 87 -3.05 9.26 -16.22
N VAL E 88 -1.86 9.35 -16.81
CA VAL E 88 -1.59 10.27 -17.90
C VAL E 88 -1.02 9.48 -19.05
N LYS E 89 -1.33 9.88 -20.27
CA LYS E 89 -0.74 9.28 -21.47
C LYS E 89 0.06 10.36 -22.18
N LEU E 90 1.38 10.30 -22.05
CA LEU E 90 2.23 11.23 -22.75
C LEU E 90 2.21 10.94 -24.25
N GLU E 91 2.38 11.98 -25.04
CA GLU E 91 2.23 11.90 -26.49
C GLU E 91 3.54 12.25 -27.18
N GLN E 92 3.47 12.40 -28.49
CA GLN E 92 4.64 12.72 -29.30
C GLN E 92 5.31 13.99 -28.78
N PRO E 93 6.59 13.95 -28.43
CA PRO E 93 7.24 15.17 -27.91
C PRO E 93 7.24 16.33 -28.88
N GLU E 94 7.30 16.07 -30.19
CA GLU E 94 7.24 17.18 -31.14
C GLU E 94 5.82 17.73 -31.27
N LEU E 95 4.81 16.97 -30.86
CA LEU E 95 3.44 17.43 -30.95
C LEU E 95 3.16 18.58 -30.00
N ASP E 96 4.00 18.77 -28.98
CA ASP E 96 3.90 19.89 -28.05
C ASP E 96 5.25 20.59 -27.99
N PRO E 97 5.61 21.31 -29.05
CA PRO E 97 6.93 21.97 -29.07
C PRO E 97 7.11 23.01 -27.99
N LYS E 98 6.01 23.52 -27.43
CA LYS E 98 6.05 24.51 -26.35
C LYS E 98 5.47 23.79 -25.15
N PRO E 99 6.29 23.08 -24.39
CA PRO E 99 5.77 22.29 -23.26
C PRO E 99 5.33 23.21 -22.13
N CYS E 100 4.07 23.07 -21.73
CA CYS E 100 3.53 23.91 -20.67
C CYS E 100 4.25 23.65 -19.35
N LEU E 101 4.53 22.40 -19.04
CA LEU E 101 5.22 22.04 -17.81
C LEU E 101 6.11 20.84 -18.07
N THR E 102 7.12 20.70 -17.23
CA THR E 102 7.91 19.48 -17.26
C THR E 102 7.11 18.33 -16.66
N VAL E 103 7.57 17.11 -16.92
CA VAL E 103 6.87 15.94 -16.42
C VAL E 103 6.80 15.97 -14.91
N LEU E 104 7.92 16.32 -14.27
CA LEU E 104 7.91 16.45 -12.82
C LEU E 104 6.93 17.53 -12.38
N GLY E 105 6.83 18.61 -13.16
CA GLY E 105 5.82 19.61 -12.86
C GLY E 105 4.41 19.05 -12.91
N LYS E 106 4.14 18.20 -13.90
CA LYS E 106 2.83 17.56 -13.98
C LYS E 106 2.58 16.68 -12.76
N ALA E 107 3.59 15.92 -12.35
CA ALA E 107 3.42 15.07 -11.17
C ALA E 107 3.15 15.90 -9.92
N LYS E 108 3.89 17.00 -9.75
CA LYS E 108 3.68 17.86 -8.61
C LYS E 108 2.28 18.45 -8.63
N ARG E 109 1.84 18.91 -9.79
CA ARG E 109 0.50 19.47 -9.88
C ARG E 109 -0.56 18.44 -9.55
N ALA E 110 -0.38 17.21 -10.03
CA ALA E 110 -1.34 16.15 -9.72
C ALA E 110 -1.39 15.87 -8.23
N VAL E 111 -0.22 15.81 -7.59
CA VAL E 111 -0.20 15.53 -6.16
C VAL E 111 -0.85 16.68 -5.39
N GLN E 112 -0.67 17.92 -5.86
CA GLN E 112 -1.34 19.05 -5.22
C GLN E 112 -2.85 18.88 -5.28
N ARG E 113 -3.36 18.36 -6.38
CA ARG E 113 -4.78 18.18 -6.60
C ARG E 113 -5.37 17.08 -5.78
N GLY E 114 -4.62 16.46 -4.89
CA GLY E 114 -5.14 15.39 -4.07
C GLY E 114 -4.84 13.99 -4.54
N ALA E 115 -4.02 13.83 -5.58
CA ALA E 115 -3.67 12.50 -6.04
C ALA E 115 -2.83 11.78 -5.00
N THR E 116 -3.08 10.48 -4.86
CA THR E 116 -2.28 9.67 -3.96
C THR E 116 -1.13 8.97 -4.67
N ALA E 117 -1.22 8.80 -5.99
CA ALA E 117 -0.14 8.27 -6.79
C ALA E 117 -0.40 8.70 -8.24
N VAL E 118 0.65 8.66 -9.05
CA VAL E 118 0.56 9.07 -10.44
C VAL E 118 1.20 8.01 -11.32
N ILE E 119 0.56 7.70 -12.43
CA ILE E 119 1.04 6.70 -13.38
C ILE E 119 1.12 7.34 -14.75
N PHE E 120 2.26 7.21 -15.40
CA PHE E 120 2.49 7.78 -16.72
C PHE E 120 2.59 6.67 -17.76
N ASP E 121 1.96 6.87 -18.89
CA ASP E 121 2.09 5.99 -20.03
C ASP E 121 3.10 6.64 -20.97
N VAL E 122 4.35 6.19 -20.91
CA VAL E 122 5.42 6.77 -21.69
C VAL E 122 5.67 5.99 -22.96
N SER E 123 4.68 5.20 -23.41
CA SER E 123 4.89 4.33 -24.56
C SER E 123 5.23 5.12 -25.81
N GLU E 124 4.83 6.38 -25.87
CA GLU E 124 5.09 7.18 -27.06
C GLU E 124 6.21 8.18 -26.87
N ASN E 125 6.51 8.56 -25.63
CA ASN E 125 7.55 9.54 -25.32
C ASN E 125 8.59 8.88 -24.42
N PRO E 126 9.42 8.00 -24.97
CA PRO E 126 10.33 7.22 -24.13
C PRO E 126 11.33 8.06 -23.36
N GLU E 127 11.68 9.23 -23.87
CA GLU E 127 12.63 10.10 -23.19
C GLU E 127 12.12 10.54 -21.83
N ALA E 128 10.81 10.45 -21.61
CA ALA E 128 10.25 10.80 -20.31
C ALA E 128 10.82 9.93 -19.21
N ILE E 129 11.26 8.72 -19.54
CA ILE E 129 11.82 7.84 -18.52
C ILE E 129 13.07 8.47 -17.92
N ASP E 130 14.00 8.89 -18.77
CA ASP E 130 15.21 9.52 -18.26
C ASP E 130 14.92 10.91 -17.73
N GLN E 131 13.88 11.58 -18.26
CA GLN E 131 13.50 12.88 -17.71
C GLN E 131 13.03 12.75 -16.28
N LEU E 132 12.29 11.69 -15.98
CA LEU E 132 11.84 11.46 -14.61
C LEU E 132 12.98 10.99 -13.74
N ASN E 133 13.79 10.06 -14.22
CA ASN E 133 14.81 9.44 -13.39
C ASN E 133 16.08 10.28 -13.30
N GLN E 134 16.16 11.39 -14.05
CA GLN E 134 17.34 12.23 -13.98
C GLN E 134 17.43 12.92 -12.62
N GLY E 135 18.56 13.59 -12.40
CA GLY E 135 18.82 14.25 -11.14
C GLY E 135 17.80 15.31 -10.80
N SER E 136 16.94 15.01 -9.84
CA SER E 136 15.93 15.94 -9.34
C SER E 136 15.95 15.87 -7.82
N GLU E 137 16.45 16.92 -7.18
CA GLU E 137 16.63 16.93 -5.74
C GLU E 137 15.35 17.24 -4.98
N ASP E 138 14.20 17.05 -5.63
CA ASP E 138 12.89 17.31 -5.02
C ASP E 138 12.01 16.08 -5.23
N PRO E 139 12.30 14.98 -4.54
CA PRO E 139 11.45 13.80 -4.67
C PRO E 139 10.09 14.05 -4.03
N LEU E 140 9.09 13.35 -4.57
CA LEU E 140 7.71 13.51 -4.12
C LEU E 140 7.37 12.42 -3.12
N LYS E 141 6.57 12.78 -2.12
CA LYS E 141 6.19 11.84 -1.08
C LYS E 141 5.29 10.72 -1.60
N ARG E 142 4.75 10.85 -2.81
CA ARG E 142 3.89 9.81 -3.34
C ARG E 142 4.55 9.13 -4.53
N PRO E 143 4.35 7.83 -4.69
CA PRO E 143 5.05 7.11 -5.75
C PRO E 143 4.64 7.58 -7.14
N VAL E 144 5.59 7.52 -8.06
CA VAL E 144 5.37 7.81 -9.47
C VAL E 144 5.84 6.61 -10.26
N VAL E 145 4.96 6.10 -11.13
CA VAL E 145 5.23 4.87 -11.87
C VAL E 145 5.03 5.14 -13.35
N TYR E 146 5.97 4.70 -14.16
CA TYR E 146 5.82 4.80 -15.61
C TYR E 146 5.79 3.40 -16.20
N VAL E 147 4.82 3.17 -17.09
CA VAL E 147 4.67 1.89 -17.78
C VAL E 147 4.87 2.14 -19.26
N LYS E 148 5.06 1.05 -20.00
CA LYS E 148 5.33 1.16 -21.43
C LYS E 148 5.08 -0.18 -22.09
N GLY E 149 4.53 -0.14 -23.30
CA GLY E 149 4.40 -1.34 -24.10
C GLY E 149 3.10 -2.07 -23.83
N ALA E 150 3.19 -3.39 -23.67
CA ALA E 150 1.98 -4.20 -23.54
C ALA E 150 1.17 -3.81 -22.31
N ASP E 151 1.85 -3.58 -21.19
CA ASP E 151 1.14 -3.15 -19.99
C ASP E 151 0.45 -1.82 -20.22
N ALA E 152 1.12 -0.89 -20.90
CA ALA E 152 0.55 0.41 -21.15
C ALA E 152 -0.70 0.31 -22.01
N ILE E 153 -0.64 -0.47 -23.10
CA ILE E 153 -1.80 -0.57 -23.97
C ILE E 153 -2.94 -1.31 -23.26
N LYS E 154 -2.60 -2.28 -22.41
CA LYS E 154 -3.64 -2.94 -21.62
C LYS E 154 -4.32 -1.94 -20.70
N LEU E 155 -3.54 -1.10 -20.02
CA LEU E 155 -4.12 -0.13 -19.11
C LEU E 155 -5.00 0.86 -19.86
N MET E 156 -4.54 1.32 -21.01
CA MET E 156 -5.35 2.25 -21.80
C MET E 156 -6.63 1.58 -22.26
N ASN E 157 -6.55 0.31 -22.65
CA ASN E 157 -7.74 -0.40 -23.10
C ASN E 157 -8.76 -0.55 -21.99
N ILE E 158 -8.31 -0.85 -20.77
CA ILE E 158 -9.29 -0.98 -19.69
C ILE E 158 -9.85 0.38 -19.31
N VAL E 159 -9.00 1.41 -19.25
CA VAL E 159 -9.44 2.72 -18.75
C VAL E 159 -10.53 3.28 -19.64
N ASN E 160 -10.34 3.22 -20.96
CA ASN E 160 -11.29 3.81 -21.89
C ASN E 160 -12.47 2.88 -22.20
N LYS E 161 -12.65 1.81 -21.44
CA LYS E 161 -13.76 0.89 -21.65
C LYS E 161 -14.64 0.72 -20.43
N GLN E 162 -14.06 0.69 -19.23
CA GLN E 162 -14.83 0.45 -18.03
C GLN E 162 -15.45 1.75 -17.51
N LYS E 163 -16.11 1.66 -16.37
CA LYS E 163 -16.74 2.81 -15.75
C LYS E 163 -16.05 3.22 -14.44
N VAL E 164 -15.84 2.28 -13.54
CA VAL E 164 -15.14 2.56 -12.29
C VAL E 164 -14.17 1.42 -12.00
N ALA E 165 -12.96 1.79 -11.60
CA ALA E 165 -11.94 0.81 -11.27
C ALA E 165 -11.04 1.40 -10.20
N ARG E 166 -10.55 0.53 -9.31
CA ARG E 166 -9.65 0.94 -8.25
C ARG E 166 -8.31 0.27 -8.46
N ALA E 167 -7.26 1.08 -8.57
CA ALA E 167 -5.91 0.57 -8.80
C ALA E 167 -5.15 0.49 -7.49
N ARG E 168 -4.27 -0.49 -7.39
CA ARG E 168 -3.46 -0.71 -6.21
C ARG E 168 -2.00 -0.78 -6.64
N ILE E 169 -1.15 -0.01 -5.99
CA ILE E 169 0.28 0.01 -6.28
C ILE E 169 0.98 -0.78 -5.19
N GLN E 170 1.67 -1.84 -5.58
CA GLN E 170 2.34 -2.74 -4.65
C GLN E 170 3.84 -2.73 -4.91
N HIS E 171 4.61 -2.54 -3.85
CA HIS E 171 6.07 -2.57 -3.90
C HIS E 171 6.53 -3.88 -3.28
N ARG E 172 6.94 -4.82 -4.13
CA ARG E 172 7.44 -6.09 -3.63
C ARG E 172 8.69 -5.86 -2.79
N PRO E 173 8.80 -6.50 -1.63
CA PRO E 173 10.02 -6.39 -0.83
C PRO E 173 11.19 -7.03 -1.56
N PRO E 174 12.43 -6.76 -1.13
CA PRO E 174 13.59 -7.35 -1.81
C PRO E 174 13.63 -8.87 -1.74
N ARG E 175 14.61 -9.46 -2.41
CA ARG E 175 14.70 -10.90 -2.57
C ARG E 175 15.67 -11.48 -1.52
N GLN E 176 15.99 -12.76 -1.69
CA GLN E 176 16.78 -13.47 -0.70
C GLN E 176 18.20 -12.92 -0.64
N PRO E 177 18.82 -12.89 0.55
CA PRO E 177 20.22 -12.47 0.64
C PRO E 177 21.20 -13.59 0.34
N THR E 178 21.53 -13.78 -0.92
CA THR E 178 22.51 -14.78 -1.36
C THR E 178 23.92 -14.52 -0.84
N GLU E 179 24.12 -13.42 -0.10
CA GLU E 179 25.43 -13.11 0.47
C GLU E 179 25.90 -14.17 1.45
N TYR E 180 24.98 -15.01 1.94
CA TYR E 180 25.38 -15.99 2.97
C TYR E 180 26.54 -16.84 2.50
N PHE E 181 26.31 -17.63 1.46
CA PHE E 181 27.32 -18.57 1.01
C PHE E 181 28.55 -17.83 0.47
N ASP E 182 28.37 -16.58 0.05
CA ASP E 182 29.38 -15.88 -0.73
C ASP E 182 30.76 -15.90 -0.07
N MET E 183 30.84 -15.52 1.20
CA MET E 183 32.15 -15.29 1.80
C MET E 183 32.72 -16.55 2.45
N GLY E 184 31.86 -17.47 2.88
CA GLY E 184 32.37 -18.69 3.47
C GLY E 184 33.00 -19.58 2.43
N ILE E 185 32.34 -19.68 1.28
CA ILE E 185 32.95 -20.33 0.13
C ILE E 185 34.13 -19.51 -0.38
N PHE E 186 34.05 -18.18 -0.34
CA PHE E 186 35.20 -17.36 -0.68
C PHE E 186 36.38 -17.70 0.23
N LEU E 187 36.13 -17.73 1.54
CA LEU E 187 37.14 -18.16 2.49
C LEU E 187 37.53 -19.61 2.27
N ALA E 188 36.64 -20.40 1.67
CA ALA E 188 36.96 -21.79 1.40
C ALA E 188 38.08 -21.90 0.36
N PHE E 189 37.99 -21.13 -0.73
CA PHE E 189 39.10 -21.14 -1.68
C PHE E 189 40.33 -20.47 -1.07
N PHE E 190 40.13 -19.45 -0.24
CA PHE E 190 41.26 -18.78 0.39
C PHE E 190 42.02 -19.73 1.32
N VAL E 191 41.28 -20.48 2.13
CA VAL E 191 41.92 -21.46 3.02
C VAL E 191 42.53 -22.60 2.21
N VAL E 192 41.81 -23.08 1.20
CA VAL E 192 42.33 -24.17 0.38
C VAL E 192 43.59 -23.75 -0.34
N VAL E 193 43.59 -22.55 -0.94
CA VAL E 193 44.77 -22.09 -1.67
C VAL E 193 45.93 -21.85 -0.72
N SER E 194 45.67 -21.25 0.44
CA SER E 194 46.73 -21.03 1.42
C SER E 194 47.35 -22.35 1.86
N LEU E 195 46.51 -23.35 2.13
CA LEU E 195 47.03 -24.66 2.46
C LEU E 195 47.73 -25.29 1.26
N VAL E 196 47.23 -25.04 0.05
CA VAL E 196 47.87 -25.56 -1.15
C VAL E 196 49.28 -25.00 -1.28
N CYS E 197 49.44 -23.70 -1.03
CA CYS E 197 50.77 -23.11 -1.02
C CYS E 197 51.65 -23.74 0.05
N LEU E 198 51.08 -24.01 1.21
CA LEU E 198 51.85 -24.62 2.30
C LEU E 198 52.31 -26.02 1.93
N ILE E 199 51.43 -26.83 1.35
CA ILE E 199 51.79 -28.22 1.07
C ILE E 199 52.74 -28.28 -0.13
N LEU E 200 52.62 -27.34 -1.06
CA LEU E 200 53.56 -27.28 -2.17
C LEU E 200 54.98 -27.07 -1.66
N LEU E 201 55.15 -26.19 -0.67
CA LEU E 201 56.45 -26.02 -0.04
C LEU E 201 56.86 -27.28 0.72
N VAL E 202 55.89 -27.94 1.36
CA VAL E 202 56.17 -29.20 2.06
C VAL E 202 56.60 -30.27 1.06
N LYS E 203 56.00 -30.27 -0.13
CA LYS E 203 56.40 -31.20 -1.17
C LYS E 203 57.84 -30.96 -1.58
N ILE E 204 58.24 -29.69 -1.69
CA ILE E 204 59.65 -29.38 -1.92
C ILE E 204 60.49 -29.88 -0.76
N LYS E 205 60.02 -29.69 0.48
CA LYS E 205 60.74 -30.19 1.64
C LYS E 205 60.91 -31.70 1.59
N LEU E 206 59.86 -32.42 1.19
CA LEU E 206 59.96 -33.87 1.04
C LEU E 206 60.95 -34.23 -0.06
N LYS E 207 61.01 -33.42 -1.12
CA LYS E 207 61.98 -33.66 -2.18
C LYS E 207 63.40 -33.54 -1.65
N GLN E 208 63.64 -32.56 -0.79
CA GLN E 208 64.95 -32.45 -0.14
C GLN E 208 65.23 -33.66 0.73
N ARG E 209 64.21 -34.19 1.40
CA ARG E 209 64.39 -35.36 2.24
C ARG E 209 64.80 -36.58 1.41
N ARG E 210 64.21 -36.75 0.24
CA ARG E 210 64.56 -37.87 -0.64
C ARG E 210 65.96 -37.70 -1.21
N CYS F 40 -13.04 12.59 -33.41
CA CYS F 40 -11.85 13.17 -34.04
C CYS F 40 -12.23 14.06 -35.21
N LYS F 41 -12.90 15.18 -34.91
CA LYS F 41 -13.35 16.12 -35.91
C LYS F 41 -12.70 17.47 -35.67
N GLY F 42 -12.22 18.09 -36.74
CA GLY F 42 -11.52 19.36 -36.59
C GLY F 42 -10.34 19.27 -35.66
N CYS F 43 -9.54 18.21 -35.80
CA CYS F 43 -8.44 17.94 -34.90
C CYS F 43 -7.15 17.88 -35.69
N LEU F 44 -6.16 18.68 -35.29
CA LEU F 44 -4.85 18.61 -35.92
C LEU F 44 -4.20 17.26 -35.68
N SER F 45 -4.31 16.75 -34.45
CA SER F 45 -3.65 15.50 -34.08
C SER F 45 -4.56 14.77 -33.10
N CYS F 46 -5.25 13.75 -33.58
CA CYS F 46 -6.18 12.99 -32.76
C CYS F 46 -5.59 11.62 -32.45
N SER F 47 -5.59 11.27 -31.17
CA SER F 47 -5.16 9.96 -30.72
C SER F 47 -6.37 9.24 -30.13
N LYS F 48 -6.38 7.91 -30.29
CA LYS F 48 -7.54 7.15 -29.85
C LYS F 48 -7.73 7.24 -28.33
N ASP F 49 -6.64 7.12 -27.57
CA ASP F 49 -6.78 7.08 -26.12
C ASP F 49 -7.07 8.45 -25.54
N ASN F 50 -6.42 9.49 -26.04
CA ASN F 50 -6.56 10.84 -25.48
C ASN F 50 -7.48 11.73 -26.29
N GLY F 51 -8.17 11.19 -27.28
CA GLY F 51 -9.00 12.05 -28.08
C GLY F 51 -8.17 13.08 -28.82
N CYS F 52 -8.77 14.24 -29.04
CA CYS F 52 -8.04 15.33 -29.69
C CYS F 52 -7.00 15.90 -28.74
N SER F 53 -5.92 16.41 -29.32
CA SER F 53 -4.84 17.00 -28.54
C SER F 53 -4.38 18.34 -29.06
N ARG F 54 -4.85 18.78 -30.22
CA ARG F 54 -4.51 20.12 -30.73
C ARG F 54 -5.63 20.50 -31.70
N CYS F 55 -6.51 21.39 -31.26
CA CYS F 55 -7.60 21.81 -32.12
C CYS F 55 -7.07 22.61 -33.29
N GLN F 56 -7.95 22.92 -34.23
CA GLN F 56 -7.58 23.74 -35.37
C GLN F 56 -7.21 25.15 -34.91
N GLN F 57 -6.88 26.01 -35.87
CA GLN F 57 -6.46 27.36 -35.54
C GLN F 57 -7.58 28.14 -34.87
N LYS F 58 -8.75 28.19 -35.49
CA LYS F 58 -9.90 28.91 -34.94
C LYS F 58 -10.90 27.94 -34.32
N LEU F 59 -10.51 27.26 -33.25
CA LEU F 59 -11.40 26.33 -32.58
C LEU F 59 -11.05 26.24 -31.11
N PHE F 60 -12.01 25.80 -30.31
CA PHE F 60 -11.88 25.76 -28.87
C PHE F 60 -11.55 24.35 -28.40
N PHE F 61 -10.47 24.22 -27.66
CA PHE F 61 -10.02 22.95 -27.12
C PHE F 61 -10.67 22.75 -25.76
N PHE F 62 -11.53 21.74 -25.65
CA PHE F 62 -12.31 21.54 -24.43
C PHE F 62 -12.12 20.12 -23.93
N LEU F 63 -11.99 20.00 -22.61
CA LEU F 63 -11.74 18.71 -21.96
C LEU F 63 -13.04 18.18 -21.39
N ARG F 64 -13.40 16.97 -21.78
CA ARG F 64 -14.66 16.35 -21.38
C ARG F 64 -14.38 15.24 -20.38
N ARG F 65 -15.12 15.26 -19.26
CA ARG F 65 -14.96 14.26 -18.22
C ARG F 65 -16.13 13.28 -18.26
N GLU F 66 -15.81 11.99 -18.27
CA GLU F 66 -16.85 10.96 -18.25
C GLU F 66 -16.28 9.73 -17.56
N GLY F 67 -16.78 9.43 -16.36
CA GLY F 67 -16.19 8.36 -15.57
C GLY F 67 -14.73 8.68 -15.31
N MET F 68 -13.87 7.68 -15.55
CA MET F 68 -12.44 7.94 -15.51
C MET F 68 -11.91 8.54 -16.81
N ARG F 69 -12.60 8.31 -17.92
CA ARG F 69 -12.09 8.75 -19.20
C ARG F 69 -12.17 10.26 -19.34
N GLN F 70 -11.09 10.87 -19.81
CA GLN F 70 -11.03 12.29 -20.09
C GLN F 70 -10.31 12.47 -21.41
N TYR F 71 -10.85 13.31 -22.29
CA TYR F 71 -10.29 13.46 -23.62
C TYR F 71 -10.65 14.81 -24.18
N GLY F 72 -9.87 15.25 -25.16
CA GLY F 72 -10.06 16.55 -25.76
C GLY F 72 -11.16 16.55 -26.81
N GLU F 73 -11.56 17.76 -27.20
CA GLU F 73 -12.60 17.96 -28.19
C GLU F 73 -12.36 19.29 -28.86
N CYS F 74 -12.98 19.48 -30.02
CA CYS F 74 -12.93 20.74 -30.73
C CYS F 74 -14.36 21.20 -31.02
N LEU F 75 -14.70 22.40 -30.57
CA LEU F 75 -16.02 22.96 -30.78
C LEU F 75 -15.89 24.39 -31.29
N HIS F 76 -16.89 24.81 -32.05
CA HIS F 76 -16.93 26.19 -32.53
C HIS F 76 -17.38 27.16 -31.45
N SER F 77 -17.94 26.68 -30.35
CA SER F 77 -18.34 27.53 -29.25
C SER F 77 -18.45 26.70 -28.00
N CYS F 78 -17.89 27.19 -26.90
CA CYS F 78 -17.86 26.41 -25.67
C CYS F 78 -19.28 26.21 -25.13
N PRO F 79 -19.54 25.08 -24.49
CA PRO F 79 -20.91 24.76 -24.07
C PRO F 79 -21.37 25.60 -22.89
N SER F 80 -22.57 25.28 -22.39
CA SER F 80 -23.12 25.99 -21.25
C SER F 80 -22.21 25.84 -20.03
N GLY F 81 -22.10 26.90 -19.24
CA GLY F 81 -21.23 26.89 -18.10
C GLY F 81 -19.77 27.14 -18.41
N TYR F 82 -19.47 27.60 -19.62
CA TYR F 82 -18.10 27.90 -20.00
C TYR F 82 -18.08 29.15 -20.86
N TYR F 83 -16.95 29.83 -20.87
CA TYR F 83 -16.75 31.03 -21.67
C TYR F 83 -15.49 30.85 -22.50
N GLY F 84 -15.63 31.04 -23.82
CA GLY F 84 -14.50 30.87 -24.71
C GLY F 84 -13.44 31.91 -24.43
N HIS F 85 -12.23 31.46 -24.11
CA HIS F 85 -11.09 32.36 -23.92
C HIS F 85 -10.13 32.15 -25.07
N ARG F 86 -9.87 33.21 -25.82
CA ARG F 86 -9.02 33.11 -26.98
C ARG F 86 -7.56 33.27 -26.58
N ALA F 87 -6.68 32.84 -27.49
CA ALA F 87 -5.24 32.89 -27.27
C ALA F 87 -4.55 32.72 -28.61
N PRO F 88 -3.30 33.17 -28.74
CA PRO F 88 -2.62 33.01 -30.02
C PRO F 88 -2.10 31.60 -30.26
N ASP F 89 -1.94 30.80 -29.21
CA ASP F 89 -1.46 29.42 -29.38
C ASP F 89 -2.61 28.43 -29.50
N MET F 90 -3.45 28.35 -28.47
CA MET F 90 -4.63 27.50 -28.51
C MET F 90 -5.72 28.14 -27.67
N ASN F 91 -6.95 28.05 -28.14
CA ASN F 91 -8.08 28.70 -27.53
C ASN F 91 -8.86 27.71 -26.68
N ARG F 92 -9.00 28.00 -25.40
CA ARG F 92 -9.54 27.03 -24.46
C ARG F 92 -10.74 27.58 -23.72
N CYS F 93 -11.64 26.68 -23.34
CA CYS F 93 -12.80 27.02 -22.55
C CYS F 93 -12.49 26.92 -21.08
N ALA F 94 -13.15 27.76 -20.28
CA ALA F 94 -12.97 27.77 -18.85
C ALA F 94 -14.32 27.87 -18.16
N ARG F 95 -14.38 27.35 -16.94
CA ARG F 95 -15.64 27.31 -16.20
C ARG F 95 -16.10 28.72 -15.84
N CYS F 96 -17.41 28.95 -15.95
CA CYS F 96 -18.01 30.22 -15.54
C CYS F 96 -17.91 30.32 -14.03
N ARG F 97 -16.97 31.13 -13.55
CA ARG F 97 -16.75 31.22 -12.11
C ARG F 97 -17.88 31.93 -11.39
N ILE F 98 -18.59 32.83 -12.06
CA ILE F 98 -19.71 33.52 -11.42
C ILE F 98 -20.79 32.51 -11.08
N GLU F 99 -21.26 32.56 -9.84
CA GLU F 99 -22.28 31.63 -9.38
C GLU F 99 -23.62 31.93 -10.03
N ASN F 100 -24.54 30.97 -9.93
CA ASN F 100 -25.91 31.11 -10.42
C ASN F 100 -25.96 31.36 -11.93
N CYS F 101 -24.94 30.89 -12.65
CA CYS F 101 -24.85 31.16 -14.08
C CYS F 101 -24.90 29.87 -14.86
N ASP F 102 -25.52 29.93 -16.03
CA ASP F 102 -25.53 28.82 -16.98
C ASP F 102 -24.92 29.17 -18.32
N SER F 103 -24.79 30.45 -18.64
CA SER F 103 -24.13 30.90 -19.86
C SER F 103 -23.48 32.24 -19.57
N CYS F 104 -22.16 32.29 -19.64
CA CYS F 104 -21.41 33.48 -19.28
C CYS F 104 -20.55 33.94 -20.46
N PHE F 105 -20.49 35.26 -20.63
CA PHE F 105 -19.72 35.88 -21.69
C PHE F 105 -18.23 35.90 -21.37
N SER F 106 -17.87 36.00 -20.10
CA SER F 106 -16.47 36.03 -19.69
C SER F 106 -16.38 35.39 -18.30
N LYS F 107 -15.24 35.58 -17.64
CA LYS F 107 -15.02 34.92 -16.36
C LYS F 107 -16.01 35.38 -15.29
N ASP F 108 -16.61 36.55 -15.44
CA ASP F 108 -17.50 37.05 -14.40
C ASP F 108 -18.80 37.67 -14.91
N PHE F 109 -18.99 37.78 -16.21
CA PHE F 109 -20.17 38.42 -16.77
C PHE F 109 -21.10 37.33 -17.31
N CYS F 110 -22.22 37.13 -16.65
CA CYS F 110 -23.14 36.06 -17.01
C CYS F 110 -24.22 36.60 -17.94
N THR F 111 -24.28 36.05 -19.16
CA THR F 111 -25.33 36.45 -20.09
C THR F 111 -26.70 36.04 -19.58
N LYS F 112 -26.82 34.84 -19.02
CA LYS F 112 -28.12 34.36 -18.57
C LYS F 112 -27.94 33.52 -17.31
N CYS F 113 -28.49 33.99 -16.20
CA CYS F 113 -28.47 33.24 -14.96
C CYS F 113 -29.55 32.15 -14.99
N LYS F 114 -29.50 31.28 -13.99
CA LYS F 114 -30.48 30.21 -13.88
C LYS F 114 -31.82 30.78 -13.43
N VAL F 115 -32.80 29.89 -13.24
CA VAL F 115 -34.11 30.32 -12.80
C VAL F 115 -34.05 30.88 -11.40
N GLY F 116 -34.99 31.75 -11.07
CA GLY F 116 -35.04 32.35 -9.75
C GLY F 116 -34.03 33.43 -9.50
N PHE F 117 -33.34 33.91 -10.54
CA PHE F 117 -32.36 34.98 -10.39
C PHE F 117 -32.39 35.85 -11.64
N TYR F 118 -32.89 37.06 -11.49
CA TYR F 118 -32.95 38.00 -12.60
C TYR F 118 -31.55 38.46 -12.99
N LEU F 119 -31.43 38.93 -14.23
CA LEU F 119 -30.10 39.36 -14.72
C LEU F 119 -30.01 40.88 -14.61
N HIS F 120 -28.97 41.38 -13.93
CA HIS F 120 -28.73 42.81 -13.79
C HIS F 120 -27.26 43.08 -14.04
N ARG F 121 -26.97 43.71 -15.18
CA ARG F 121 -25.59 44.02 -15.58
C ARG F 121 -24.75 42.75 -15.61
N GLY F 122 -25.35 41.65 -16.04
CA GLY F 122 -24.66 40.39 -16.14
C GLY F 122 -24.49 39.64 -14.85
N ARG F 123 -25.02 40.13 -13.74
CA ARG F 123 -24.89 39.49 -12.45
C ARG F 123 -26.22 38.91 -12.02
N CYS F 124 -26.16 37.86 -11.21
CA CYS F 124 -27.35 37.15 -10.76
C CYS F 124 -27.83 37.70 -9.44
N PHE F 125 -29.10 38.13 -9.40
CA PHE F 125 -29.75 38.54 -8.17
C PHE F 125 -31.15 37.94 -8.13
N ASP F 126 -31.53 37.38 -6.99
CA ASP F 126 -32.87 36.82 -6.85
C ASP F 126 -33.92 37.91 -6.97
N GLU F 127 -33.62 39.11 -6.50
CA GLU F 127 -34.54 40.23 -6.54
C GLU F 127 -33.91 41.38 -7.32
N CYS F 128 -34.76 42.14 -8.01
CA CYS F 128 -34.29 43.35 -8.67
C CYS F 128 -34.07 44.43 -7.63
N PRO F 129 -32.87 44.98 -7.53
CA PRO F 129 -32.58 45.93 -6.44
C PRO F 129 -33.25 47.28 -6.66
N ASP F 130 -32.93 48.24 -5.80
CA ASP F 130 -33.54 49.56 -5.87
C ASP F 130 -33.28 50.21 -7.22
N GLY F 131 -34.28 50.95 -7.70
CA GLY F 131 -34.21 51.49 -9.04
C GLY F 131 -34.47 50.47 -10.13
N PHE F 132 -34.90 49.27 -9.78
CA PHE F 132 -35.10 48.20 -10.73
C PHE F 132 -36.25 47.32 -10.26
N ALA F 133 -37.02 46.81 -11.22
CA ALA F 133 -38.16 45.97 -10.93
C ALA F 133 -38.06 44.64 -11.68
N PRO F 134 -38.50 43.55 -11.08
CA PRO F 134 -38.48 42.26 -11.77
C PRO F 134 -39.36 42.29 -13.01
N LEU F 135 -38.95 41.52 -14.00
CA LEU F 135 -39.70 41.41 -15.25
C LEU F 135 -39.58 39.98 -15.73
N GLU F 136 -40.69 39.26 -15.73
CA GLU F 136 -40.64 37.81 -15.94
C GLU F 136 -40.65 37.42 -17.41
N GLU F 137 -41.12 38.31 -18.29
CA GLU F 137 -41.27 37.94 -19.70
C GLU F 137 -39.93 37.56 -20.31
N THR F 138 -38.88 38.33 -20.01
CA THR F 138 -37.53 37.96 -20.38
C THR F 138 -36.71 37.45 -19.20
N MET F 139 -37.31 37.44 -18.00
CA MET F 139 -36.65 36.96 -16.78
C MET F 139 -35.36 37.76 -16.54
N GLU F 140 -35.53 39.06 -16.34
CA GLU F 140 -34.39 39.96 -16.16
C GLU F 140 -34.83 41.20 -15.42
N CYS F 141 -33.85 41.92 -14.88
CA CYS F 141 -34.11 43.18 -14.21
C CYS F 141 -34.28 44.30 -15.23
N VAL F 142 -35.25 45.18 -14.98
CA VAL F 142 -35.49 46.35 -15.79
C VAL F 142 -35.70 47.55 -14.88
N GLU F 143 -35.52 48.75 -15.44
CA GLU F 143 -35.68 49.97 -14.67
C GLU F 143 -37.12 50.13 -14.19
C1 NAG G . -43.31 10.83 38.72
C2 NAG G . -42.02 10.86 39.55
C3 NAG G . -42.23 10.11 40.86
C4 NAG G . -43.44 10.65 41.59
C5 NAG G . -44.65 10.60 40.65
C6 NAG G . -45.93 11.13 41.26
C7 NAG G . -39.97 11.03 38.21
C8 NAG G . -38.91 10.22 37.49
N2 NAG G . -40.92 10.30 38.81
O3 NAG G . -41.06 10.25 41.62
O4 NAG G . -43.65 9.86 42.73
O5 NAG G . -44.37 11.35 39.48
O6 NAG G . -45.78 12.49 41.58
O7 NAG G . -39.93 12.25 38.22
C1 NAG H . -68.62 -9.90 11.43
C2 NAG H . -69.08 -11.03 10.50
C3 NAG H . -70.54 -11.35 10.77
C4 NAG H . -70.74 -11.66 12.26
C5 NAG H . -70.17 -10.52 13.10
C6 NAG H . -70.26 -10.79 14.58
C7 NAG H . -68.26 -11.43 8.22
C8 NAG H . -67.73 -12.75 8.74
N2 NAG H . -68.89 -10.67 9.13
O3 NAG H . -70.89 -12.44 9.96
O4 NAG H . -72.13 -11.80 12.47
O5 NAG H . -68.81 -10.32 12.77
O6 NAG H . -69.74 -12.07 14.86
O7 NAG H . -68.10 -11.10 7.06
C1 NAG I . -19.47 22.66 -50.72
C2 NAG I . -18.00 22.65 -50.24
C3 NAG I . -17.07 22.27 -51.39
C4 NAG I . -17.56 20.99 -52.07
C5 NAG I . -19.03 21.14 -52.43
C6 NAG I . -19.63 19.94 -53.14
C7 NAG I . -17.60 25.11 -50.34
C8 NAG I . -17.13 26.27 -49.49
N2 NAG I . -17.60 23.93 -49.70
O3 NAG I . -15.78 22.13 -50.87
O4 NAG I . -16.76 20.80 -53.22
O5 NAG I . -19.78 21.39 -51.26
O6 NAG I . -20.91 20.27 -53.62
O7 NAG I . -17.93 25.26 -51.50
C1 NAG J . -21.64 60.45 -27.60
C2 NAG J . -20.75 60.89 -28.76
C3 NAG J . -21.12 62.31 -29.18
C4 NAG J . -22.61 62.40 -29.45
C5 NAG J . -23.37 61.92 -28.23
C6 NAG J . -24.88 61.94 -28.39
C7 NAG J . -18.38 60.29 -29.18
C8 NAG J . -18.80 59.81 -30.54
N2 NAG J . -19.36 60.79 -28.40
O3 NAG J . -20.36 62.65 -30.31
O4 NAG J . -22.90 63.76 -29.74
O5 NAG J . -23.00 60.59 -27.95
O6 NAG J . -25.48 61.17 -27.38
O7 NAG J . -17.21 60.23 -28.82
#